data_1UGO
#
_entry.id   1UGO
#
_cell.length_a   1.000
_cell.length_b   1.000
_cell.length_c   1.000
_cell.angle_alpha   90.00
_cell.angle_beta   90.00
_cell.angle_gamma   90.00
#
_symmetry.space_group_name_H-M   'P 1'
#
_entity_poly.entity_id   1
_entity_poly.type   'polypeptide(L)'
_entity_poly.pdbx_seq_one_letter_code
;GSSGSSGMDMGNQHPSISRLQEIQREVKAIEPQVVGFSGLSDDKNYKRLERILTKQLFEIDSVDTEGKGDIQQARKRAAQ
ETERLLKELEQNASGPSSG
;
_entity_poly.pdbx_strand_id   A
#
# COMPACT_ATOMS: atom_id res chain seq x y z
N GLY A 1 3.69 4.13 17.79
CA GLY A 1 2.38 4.15 18.42
C GLY A 1 1.43 5.08 17.67
N SER A 2 1.79 6.36 17.65
CA SER A 2 0.98 7.35 16.98
C SER A 2 1.84 8.56 16.59
N SER A 3 2.24 8.58 15.33
CA SER A 3 3.07 9.66 14.83
C SER A 3 2.19 10.83 14.38
N GLY A 4 2.07 11.81 15.25
CA GLY A 4 1.27 12.98 14.96
C GLY A 4 1.85 14.23 15.64
N SER A 5 2.96 14.70 15.09
CA SER A 5 3.62 15.87 15.63
C SER A 5 4.80 16.28 14.73
N SER A 6 4.46 17.01 13.69
CA SER A 6 5.49 17.47 12.75
C SER A 6 4.93 18.61 11.90
N GLY A 7 5.82 19.56 11.59
CA GLY A 7 5.43 20.70 10.79
C GLY A 7 5.74 20.46 9.31
N MET A 8 5.36 21.44 8.49
CA MET A 8 5.59 21.35 7.07
C MET A 8 5.36 22.70 6.38
N ASP A 9 6.47 23.33 6.01
CA ASP A 9 6.40 24.62 5.36
C ASP A 9 7.57 24.75 4.37
N MET A 10 7.23 24.72 3.09
CA MET A 10 8.23 24.82 2.04
C MET A 10 7.58 24.72 0.66
N GLY A 11 8.12 25.51 -0.27
CA GLY A 11 7.61 25.52 -1.62
C GLY A 11 8.33 24.48 -2.49
N ASN A 12 7.89 23.24 -2.35
CA ASN A 12 8.47 22.15 -3.11
C ASN A 12 7.93 20.82 -2.60
N GLN A 13 7.28 20.10 -3.50
CA GLN A 13 6.70 18.81 -3.15
C GLN A 13 7.68 17.68 -3.48
N HIS A 14 8.30 17.15 -2.44
CA HIS A 14 9.26 16.07 -2.61
C HIS A 14 8.70 15.05 -3.60
N PRO A 15 9.62 14.52 -4.44
CA PRO A 15 9.23 13.52 -5.44
C PRO A 15 9.00 12.16 -4.79
N SER A 16 9.29 12.09 -3.50
CA SER A 16 9.12 10.86 -2.74
C SER A 16 7.81 10.91 -1.96
N ILE A 17 7.47 12.10 -1.51
CA ILE A 17 6.24 12.30 -0.75
C ILE A 17 5.03 12.09 -1.68
N SER A 18 5.03 12.84 -2.77
CA SER A 18 3.94 12.75 -3.73
C SER A 18 3.74 11.29 -4.16
N ARG A 19 4.86 10.63 -4.40
CA ARG A 19 4.83 9.23 -4.81
C ARG A 19 4.06 8.39 -3.79
N LEU A 20 4.60 8.36 -2.58
CA LEU A 20 3.98 7.60 -1.51
C LEU A 20 2.50 7.97 -1.42
N GLN A 21 2.22 9.25 -1.66
CA GLN A 21 0.86 9.75 -1.61
C GLN A 21 0.06 9.22 -2.80
N GLU A 22 0.79 8.90 -3.86
CA GLU A 22 0.16 8.39 -5.07
C GLU A 22 0.12 6.86 -5.04
N ILE A 23 0.91 6.30 -4.14
CA ILE A 23 0.97 4.85 -4.00
C ILE A 23 0.14 4.42 -2.80
N GLN A 24 0.08 5.31 -1.82
CA GLN A 24 -0.68 5.04 -0.62
C GLN A 24 -2.18 5.02 -0.91
N ARG A 25 -2.64 6.08 -1.54
CA ARG A 25 -4.04 6.19 -1.90
C ARG A 25 -4.48 4.97 -2.73
N GLU A 26 -3.50 4.33 -3.33
CA GLU A 26 -3.77 3.15 -4.15
C GLU A 26 -4.05 1.94 -3.26
N VAL A 27 -3.08 1.64 -2.41
CA VAL A 27 -3.20 0.51 -1.50
C VAL A 27 -4.41 0.72 -0.60
N LYS A 28 -4.67 1.99 -0.30
CA LYS A 28 -5.80 2.34 0.55
C LYS A 28 -7.10 2.26 -0.26
N ALA A 29 -7.02 2.75 -1.49
CA ALA A 29 -8.18 2.72 -2.36
C ALA A 29 -8.48 1.28 -2.77
N ILE A 30 -7.52 0.41 -2.50
CA ILE A 30 -7.69 -1.00 -2.84
C ILE A 30 -7.71 -1.81 -1.55
N GLU A 31 -7.48 -1.14 -0.44
CA GLU A 31 -7.48 -1.78 0.86
C GLU A 31 -8.77 -2.59 1.05
N PRO A 32 -9.90 -1.93 0.70
CA PRO A 32 -11.21 -2.57 0.83
C PRO A 32 -11.42 -3.60 -0.27
N GLN A 33 -10.84 -3.33 -1.42
CA GLN A 33 -10.95 -4.22 -2.57
C GLN A 33 -10.45 -5.62 -2.19
N VAL A 34 -9.57 -5.65 -1.19
CA VAL A 34 -9.01 -6.90 -0.74
C VAL A 34 -9.83 -7.44 0.44
N VAL A 35 -10.07 -6.55 1.40
CA VAL A 35 -10.84 -6.93 2.57
C VAL A 35 -12.24 -7.38 2.14
N GLY A 36 -12.72 -6.75 1.08
CA GLY A 36 -14.04 -7.07 0.55
C GLY A 36 -13.93 -8.02 -0.65
N PHE A 37 -12.78 -8.67 -0.75
CA PHE A 37 -12.54 -9.59 -1.84
C PHE A 37 -13.33 -10.89 -1.64
N SER A 38 -13.35 -11.69 -2.69
CA SER A 38 -14.06 -12.97 -2.65
C SER A 38 -13.64 -13.85 -3.83
N GLY A 39 -12.53 -14.54 -3.63
CA GLY A 39 -12.00 -15.42 -4.67
C GLY A 39 -10.90 -16.33 -4.11
N LEU A 40 -10.88 -17.55 -4.60
CA LEU A 40 -9.89 -18.52 -4.17
C LEU A 40 -8.49 -17.97 -4.45
N SER A 41 -7.51 -18.58 -3.82
CA SER A 41 -6.13 -18.18 -4.00
C SER A 41 -5.71 -18.33 -5.46
N ASP A 42 -5.81 -17.24 -6.20
CA ASP A 42 -5.46 -17.25 -7.61
C ASP A 42 -6.61 -17.85 -8.42
N ASP A 43 -7.63 -17.03 -8.60
CA ASP A 43 -8.80 -17.47 -9.36
C ASP A 43 -8.80 -16.79 -10.73
N LYS A 44 -8.81 -15.46 -10.70
CA LYS A 44 -8.81 -14.69 -11.93
C LYS A 44 -8.72 -13.20 -11.59
N ASN A 45 -9.44 -12.82 -10.54
CA ASN A 45 -9.45 -11.44 -10.11
C ASN A 45 -8.43 -11.26 -8.98
N TYR A 46 -8.03 -12.38 -8.40
CA TYR A 46 -7.07 -12.37 -7.30
C TYR A 46 -5.72 -11.82 -7.78
N LYS A 47 -5.44 -12.04 -9.06
CA LYS A 47 -4.20 -11.58 -9.63
C LYS A 47 -4.16 -10.05 -9.60
N ARG A 48 -5.14 -9.45 -10.26
CA ARG A 48 -5.23 -8.00 -10.31
C ARG A 48 -4.93 -7.41 -8.93
N LEU A 49 -5.78 -7.75 -7.97
CA LEU A 49 -5.61 -7.26 -6.61
C LEU A 49 -4.15 -7.34 -6.22
N GLU A 50 -3.66 -8.56 -6.12
CA GLU A 50 -2.27 -8.79 -5.75
C GLU A 50 -1.34 -7.92 -6.60
N ARG A 51 -1.52 -8.03 -7.91
CA ARG A 51 -0.70 -7.27 -8.84
C ARG A 51 -0.60 -5.81 -8.38
N ILE A 52 -1.76 -5.24 -8.07
CA ILE A 52 -1.81 -3.86 -7.61
C ILE A 52 -0.82 -3.66 -6.47
N LEU A 53 -1.08 -4.35 -5.36
CA LEU A 53 -0.22 -4.26 -4.20
C LEU A 53 1.22 -4.50 -4.63
N THR A 54 1.42 -5.62 -5.32
CA THR A 54 2.75 -5.99 -5.78
C THR A 54 3.37 -4.84 -6.58
N LYS A 55 2.53 -4.18 -7.37
CA LYS A 55 2.99 -3.07 -8.18
C LYS A 55 3.26 -1.86 -7.29
N GLN A 56 2.27 -1.53 -6.48
CA GLN A 56 2.39 -0.40 -5.57
C GLN A 56 3.61 -0.57 -4.67
N LEU A 57 3.73 -1.77 -4.11
CA LEU A 57 4.85 -2.08 -3.23
C LEU A 57 6.16 -1.80 -3.97
N PHE A 58 6.32 -2.45 -5.11
CA PHE A 58 7.52 -2.28 -5.90
C PHE A 58 7.85 -0.79 -6.07
N GLU A 59 6.82 0.02 -6.03
CA GLU A 59 6.97 1.46 -6.17
C GLU A 59 7.49 2.07 -4.87
N ILE A 60 7.07 1.46 -3.76
CA ILE A 60 7.46 1.95 -2.45
C ILE A 60 8.98 1.83 -2.31
N ASP A 61 9.50 0.66 -2.66
CA ASP A 61 10.92 0.40 -2.58
C ASP A 61 11.65 1.32 -3.57
N SER A 62 10.92 1.72 -4.60
CA SER A 62 11.49 2.59 -5.61
C SER A 62 11.58 4.03 -5.09
N VAL A 63 10.73 4.32 -4.12
CA VAL A 63 10.70 5.64 -3.51
C VAL A 63 11.96 5.84 -2.65
N ASP A 64 12.78 6.78 -3.09
CA ASP A 64 14.03 7.07 -2.38
C ASP A 64 13.71 7.93 -1.15
N THR A 65 14.55 7.78 -0.14
CA THR A 65 14.37 8.53 1.10
C THR A 65 15.47 9.58 1.24
N GLU A 66 16.71 9.12 1.09
CA GLU A 66 17.85 10.00 1.20
C GLU A 66 18.08 10.41 2.67
N GLY A 67 17.52 9.60 3.56
CA GLY A 67 17.64 9.86 4.99
C GLY A 67 16.69 10.97 5.43
N LYS A 68 15.41 10.77 5.10
CA LYS A 68 14.40 11.75 5.46
C LYS A 68 13.27 11.04 6.22
N GLY A 69 13.40 11.05 7.53
CA GLY A 69 12.40 10.41 8.38
C GLY A 69 10.99 10.62 7.82
N ASP A 70 10.64 11.89 7.68
CA ASP A 70 9.32 12.24 7.15
C ASP A 70 8.95 11.27 6.03
N ILE A 71 9.92 11.01 5.17
CA ILE A 71 9.71 10.10 4.05
C ILE A 71 9.93 8.66 4.52
N GLN A 72 11.14 8.43 5.03
CA GLN A 72 11.50 7.10 5.50
C GLN A 72 10.32 6.47 6.25
N GLN A 73 9.76 7.25 7.17
CA GLN A 73 8.63 6.78 7.96
C GLN A 73 7.49 6.33 7.04
N ALA A 74 7.01 7.28 6.26
CA ALA A 74 5.91 7.00 5.34
C ALA A 74 6.25 5.74 4.53
N ARG A 75 7.33 5.83 3.78
CA ARG A 75 7.77 4.71 2.96
C ARG A 75 7.64 3.40 3.75
N LYS A 76 8.49 3.25 4.75
CA LYS A 76 8.49 2.07 5.58
C LYS A 76 7.05 1.79 6.06
N ARG A 77 6.34 2.88 6.32
CA ARG A 77 4.96 2.77 6.78
C ARG A 77 4.06 2.25 5.66
N ALA A 78 4.52 2.48 4.43
CA ALA A 78 3.77 2.04 3.26
C ALA A 78 4.25 0.65 2.84
N ALA A 79 5.51 0.39 3.14
CA ALA A 79 6.10 -0.90 2.80
C ALA A 79 5.40 -2.01 3.58
N GLN A 80 5.03 -1.68 4.82
CA GLN A 80 4.36 -2.64 5.67
C GLN A 80 2.85 -2.64 5.37
N GLU A 81 2.32 -1.45 5.15
CA GLU A 81 0.90 -1.31 4.85
C GLU A 81 0.53 -2.14 3.62
N THR A 82 1.25 -1.90 2.54
CA THR A 82 1.01 -2.60 1.30
C THR A 82 0.99 -4.11 1.55
N GLU A 83 2.12 -4.62 2.03
CA GLU A 83 2.24 -6.03 2.31
C GLU A 83 1.06 -6.52 3.15
N ARG A 84 0.72 -5.73 4.17
CA ARG A 84 -0.38 -6.05 5.05
C ARG A 84 -1.58 -6.54 4.23
N LEU A 85 -2.09 -5.64 3.39
CA LEU A 85 -3.23 -5.96 2.56
C LEU A 85 -2.96 -7.26 1.80
N LEU A 86 -1.82 -7.30 1.14
CA LEU A 86 -1.42 -8.47 0.38
C LEU A 86 -1.75 -9.73 1.19
N LYS A 87 -1.29 -9.73 2.43
CA LYS A 87 -1.52 -10.85 3.31
C LYS A 87 -3.02 -11.12 3.41
N GLU A 88 -3.75 -10.06 3.73
CA GLU A 88 -5.19 -10.17 3.86
C GLU A 88 -5.78 -10.96 2.68
N LEU A 89 -5.47 -10.48 1.49
CA LEU A 89 -5.95 -11.12 0.27
C LEU A 89 -5.90 -12.64 0.45
N GLU A 90 -4.68 -13.15 0.59
CA GLU A 90 -4.49 -14.58 0.78
C GLU A 90 -5.58 -15.16 1.67
N GLN A 91 -5.91 -14.42 2.72
CA GLN A 91 -6.94 -14.84 3.65
C GLN A 91 -8.33 -14.56 3.07
N ASN A 92 -8.58 -13.29 2.82
CA ASN A 92 -9.86 -12.87 2.27
C ASN A 92 -10.25 -13.82 1.14
N ALA A 93 -9.24 -14.27 0.41
CA ALA A 93 -9.47 -15.18 -0.70
C ALA A 93 -10.46 -16.25 -0.29
N SER A 94 -9.98 -17.20 0.51
CA SER A 94 -10.81 -18.28 0.99
C SER A 94 -10.00 -19.21 1.90
N GLY A 95 -8.75 -19.42 1.52
CA GLY A 95 -7.86 -20.27 2.27
C GLY A 95 -7.26 -19.52 3.47
N PRO A 96 -6.78 -20.31 4.47
CA PRO A 96 -6.19 -19.72 5.66
C PRO A 96 -4.79 -19.19 5.36
N SER A 97 -4.34 -18.28 6.22
CA SER A 97 -3.03 -17.68 6.07
C SER A 97 -1.95 -18.77 6.08
N SER A 98 -1.92 -19.52 7.17
CA SER A 98 -0.95 -20.59 7.31
C SER A 98 -1.56 -21.74 8.12
N GLY A 99 -2.07 -21.40 9.29
CA GLY A 99 -2.67 -22.38 10.16
C GLY A 99 -1.90 -22.49 11.49
N GLY A 1 10.77 14.65 20.41
CA GLY A 1 12.20 14.86 20.26
C GLY A 1 12.60 16.29 20.66
N SER A 2 12.59 17.17 19.66
CA SER A 2 12.93 18.56 19.90
C SER A 2 12.38 19.43 18.77
N SER A 3 12.06 20.67 19.12
CA SER A 3 11.53 21.61 18.16
C SER A 3 10.20 21.08 17.59
N GLY A 4 9.13 21.38 18.32
CA GLY A 4 7.81 20.94 17.90
C GLY A 4 6.79 22.07 18.05
N SER A 5 6.62 22.80 16.96
CA SER A 5 5.68 23.91 16.95
C SER A 5 4.96 23.98 15.60
N SER A 6 3.66 24.21 15.67
CA SER A 6 2.85 24.29 14.47
C SER A 6 3.12 25.62 13.75
N GLY A 7 3.89 25.52 12.67
CA GLY A 7 4.23 26.69 11.89
C GLY A 7 4.73 26.30 10.49
N MET A 8 3.84 26.42 9.52
CA MET A 8 4.18 26.08 8.15
C MET A 8 4.42 27.35 7.32
N ASP A 9 5.52 27.32 6.57
CA ASP A 9 5.88 28.45 5.74
C ASP A 9 6.71 27.96 4.55
N MET A 10 6.04 27.83 3.41
CA MET A 10 6.69 27.36 2.20
C MET A 10 7.31 25.98 2.40
N GLY A 11 6.82 25.03 1.63
CA GLY A 11 7.30 23.67 1.71
C GLY A 11 7.29 23.00 0.33
N ASN A 12 8.46 22.54 -0.08
CA ASN A 12 8.59 21.88 -1.37
C ASN A 12 7.85 20.54 -1.32
N GLN A 13 7.44 20.08 -2.50
CA GLN A 13 6.72 18.82 -2.61
C GLN A 13 7.67 17.71 -3.08
N HIS A 14 8.33 17.09 -2.12
CA HIS A 14 9.26 16.02 -2.42
C HIS A 14 8.69 15.14 -3.54
N PRO A 15 9.61 14.66 -4.41
CA PRO A 15 9.21 13.81 -5.53
C PRO A 15 8.87 12.39 -5.05
N SER A 16 9.28 12.11 -3.83
CA SER A 16 9.04 10.80 -3.24
C SER A 16 7.67 10.80 -2.54
N ILE A 17 7.40 11.89 -1.83
CA ILE A 17 6.16 12.02 -1.11
C ILE A 17 4.99 12.10 -2.11
N SER A 18 5.17 12.97 -3.10
CA SER A 18 4.14 13.14 -4.12
C SER A 18 3.81 11.79 -4.76
N ARG A 19 4.75 10.87 -4.64
CA ARG A 19 4.56 9.54 -5.20
C ARG A 19 3.79 8.65 -4.22
N LEU A 20 4.35 8.50 -3.04
CA LEU A 20 3.73 7.68 -2.01
C LEU A 20 2.26 8.09 -1.86
N GLN A 21 2.05 9.39 -1.74
CA GLN A 21 0.71 9.92 -1.59
C GLN A 21 -0.23 9.27 -2.62
N GLU A 22 0.33 8.99 -3.78
CA GLU A 22 -0.44 8.38 -4.85
C GLU A 22 -0.53 6.86 -4.64
N ILE A 23 0.53 6.32 -4.06
CA ILE A 23 0.59 4.88 -3.80
C ILE A 23 -0.33 4.54 -2.63
N GLN A 24 -0.31 5.42 -1.63
CA GLN A 24 -1.14 5.22 -0.45
C GLN A 24 -2.62 5.18 -0.84
N ARG A 25 -3.07 6.28 -1.42
CA ARG A 25 -4.46 6.39 -1.84
C ARG A 25 -4.87 5.13 -2.63
N GLU A 26 -3.88 4.56 -3.32
CA GLU A 26 -4.13 3.37 -4.12
C GLU A 26 -4.35 2.17 -3.21
N VAL A 27 -3.26 1.71 -2.60
CA VAL A 27 -3.32 0.57 -1.71
C VAL A 27 -4.51 0.73 -0.76
N LYS A 28 -4.85 1.98 -0.48
CA LYS A 28 -5.97 2.28 0.39
C LYS A 28 -7.27 2.14 -0.37
N ALA A 29 -7.25 2.62 -1.61
CA ALA A 29 -8.43 2.55 -2.46
C ALA A 29 -8.69 1.09 -2.85
N ILE A 30 -7.69 0.26 -2.60
CA ILE A 30 -7.79 -1.16 -2.91
C ILE A 30 -7.80 -1.96 -1.62
N GLU A 31 -7.64 -1.25 -0.51
CA GLU A 31 -7.62 -1.89 0.79
C GLU A 31 -8.90 -2.70 1.01
N PRO A 32 -10.04 -2.08 0.62
CA PRO A 32 -11.33 -2.74 0.77
C PRO A 32 -11.53 -3.81 -0.30
N GLN A 33 -10.86 -3.61 -1.43
CA GLN A 33 -10.95 -4.54 -2.53
C GLN A 33 -10.39 -5.91 -2.12
N VAL A 34 -9.57 -5.88 -1.07
CA VAL A 34 -8.96 -7.09 -0.57
C VAL A 34 -9.78 -7.61 0.63
N VAL A 35 -10.08 -6.70 1.52
CA VAL A 35 -10.85 -7.04 2.71
C VAL A 35 -12.23 -7.55 2.29
N GLY A 36 -12.77 -6.91 1.25
CA GLY A 36 -14.07 -7.29 0.75
C GLY A 36 -13.94 -8.16 -0.50
N PHE A 37 -12.82 -8.86 -0.58
CA PHE A 37 -12.56 -9.73 -1.72
C PHE A 37 -13.34 -11.04 -1.60
N SER A 38 -13.27 -11.84 -2.64
CA SER A 38 -13.96 -13.12 -2.66
C SER A 38 -13.60 -13.88 -3.94
N GLY A 39 -12.42 -14.50 -3.90
CA GLY A 39 -11.95 -15.28 -5.04
C GLY A 39 -11.06 -16.43 -4.58
N LEU A 40 -9.95 -16.59 -5.29
CA LEU A 40 -9.00 -17.65 -4.96
C LEU A 40 -7.63 -17.04 -4.69
N SER A 41 -6.82 -17.78 -3.96
CA SER A 41 -5.49 -17.33 -3.62
C SER A 41 -4.82 -16.69 -4.84
N ASP A 42 -4.86 -17.43 -5.94
CA ASP A 42 -4.27 -16.96 -7.19
C ASP A 42 -5.22 -17.26 -8.35
N ASP A 43 -6.25 -16.43 -8.45
CA ASP A 43 -7.24 -16.60 -9.50
C ASP A 43 -8.36 -15.57 -9.31
N LYS A 44 -9.35 -15.65 -10.20
CA LYS A 44 -10.47 -14.73 -10.14
C LYS A 44 -9.99 -13.32 -10.44
N ASN A 45 -10.01 -12.49 -9.40
CA ASN A 45 -9.58 -11.10 -9.54
C ASN A 45 -8.32 -10.88 -8.70
N TYR A 46 -8.02 -11.86 -7.87
CA TYR A 46 -6.85 -11.79 -7.01
C TYR A 46 -5.65 -11.25 -7.78
N LYS A 47 -5.34 -11.92 -8.88
CA LYS A 47 -4.21 -11.52 -9.71
C LYS A 47 -4.15 -9.99 -9.77
N ARG A 48 -5.19 -9.41 -10.35
CA ARG A 48 -5.26 -7.96 -10.48
C ARG A 48 -4.94 -7.29 -9.14
N LEU A 49 -5.72 -7.66 -8.13
CA LEU A 49 -5.52 -7.10 -6.80
C LEU A 49 -4.06 -7.25 -6.39
N GLU A 50 -3.62 -8.49 -6.28
CA GLU A 50 -2.25 -8.78 -5.90
C GLU A 50 -1.29 -7.90 -6.71
N ARG A 51 -1.46 -7.93 -8.02
CA ARG A 51 -0.62 -7.15 -8.90
C ARG A 51 -0.57 -5.69 -8.43
N ILE A 52 -1.75 -5.14 -8.19
CA ILE A 52 -1.84 -3.76 -7.73
C ILE A 52 -0.88 -3.55 -6.56
N LEU A 53 -1.06 -4.35 -5.52
CA LEU A 53 -0.22 -4.25 -4.35
C LEU A 53 1.23 -4.50 -4.74
N THR A 54 1.44 -5.62 -5.42
CA THR A 54 2.78 -5.99 -5.86
C THR A 54 3.45 -4.82 -6.58
N LYS A 55 2.72 -4.28 -7.55
CA LYS A 55 3.23 -3.15 -8.33
C LYS A 55 3.51 -1.98 -7.38
N GLN A 56 2.45 -1.51 -6.75
CA GLN A 56 2.57 -0.39 -5.82
C GLN A 56 3.74 -0.63 -4.85
N LEU A 57 3.76 -1.83 -4.30
CA LEU A 57 4.81 -2.20 -3.36
C LEU A 57 6.18 -1.96 -4.00
N PHE A 58 6.37 -2.60 -5.15
CA PHE A 58 7.62 -2.47 -5.87
C PHE A 58 8.03 -1.00 -6.00
N GLU A 59 7.03 -0.14 -5.98
CA GLU A 59 7.27 1.29 -6.10
C GLU A 59 7.72 1.87 -4.75
N ILE A 60 7.22 1.25 -3.68
CA ILE A 60 7.56 1.68 -2.34
C ILE A 60 9.06 1.50 -2.12
N ASP A 61 9.57 0.37 -2.58
CA ASP A 61 10.99 0.07 -2.45
C ASP A 61 11.79 0.93 -3.43
N SER A 62 11.11 1.34 -4.49
CA SER A 62 11.74 2.17 -5.51
C SER A 62 11.88 3.60 -4.99
N VAL A 63 10.98 3.98 -4.12
CA VAL A 63 10.99 5.31 -3.54
C VAL A 63 12.15 5.42 -2.55
N ASP A 64 13.08 6.32 -2.88
CA ASP A 64 14.24 6.53 -2.04
C ASP A 64 13.91 7.59 -0.99
N THR A 65 14.36 7.31 0.23
CA THR A 65 14.12 8.23 1.33
C THR A 65 15.29 9.19 1.49
N GLU A 66 16.49 8.63 1.45
CA GLU A 66 17.70 9.44 1.58
C GLU A 66 17.84 9.92 3.02
N GLY A 67 17.56 9.02 3.95
CA GLY A 67 17.65 9.35 5.37
C GLY A 67 17.07 10.74 5.65
N LYS A 68 15.80 10.89 5.33
CA LYS A 68 15.11 12.16 5.55
C LYS A 68 14.11 12.01 6.69
N GLY A 69 13.63 10.78 6.85
CA GLY A 69 12.67 10.49 7.89
C GLY A 69 11.24 10.60 7.36
N ASP A 70 10.89 11.80 6.92
CA ASP A 70 9.56 12.05 6.39
C ASP A 70 9.14 10.87 5.51
N ILE A 71 9.94 10.60 4.50
CA ILE A 71 9.68 9.50 3.58
C ILE A 71 9.93 8.17 4.30
N GLN A 72 11.13 8.05 4.83
CA GLN A 72 11.52 6.84 5.54
C GLN A 72 10.35 6.32 6.38
N GLN A 73 9.71 7.25 7.08
CA GLN A 73 8.58 6.91 7.92
C GLN A 73 7.39 6.45 7.07
N ALA A 74 6.99 7.31 6.16
CA ALA A 74 5.87 7.01 5.28
C ALA A 74 6.16 5.69 4.54
N ARG A 75 7.15 5.76 3.65
CA ARG A 75 7.53 4.59 2.88
C ARG A 75 7.46 3.33 3.75
N LYS A 76 8.31 3.31 4.76
CA LYS A 76 8.35 2.18 5.68
C LYS A 76 6.93 1.70 5.96
N ARG A 77 6.14 2.61 6.51
CA ARG A 77 4.75 2.30 6.84
C ARG A 77 4.02 1.75 5.60
N ALA A 78 4.17 2.47 4.50
CA ALA A 78 3.53 2.07 3.26
C ALA A 78 3.92 0.63 2.94
N ALA A 79 5.22 0.37 2.96
CA ALA A 79 5.72 -0.96 2.68
C ALA A 79 4.98 -1.99 3.54
N GLN A 80 4.74 -1.59 4.79
CA GLN A 80 4.04 -2.45 5.71
C GLN A 80 2.54 -2.49 5.39
N GLU A 81 1.99 -1.32 5.12
CA GLU A 81 0.58 -1.21 4.79
C GLU A 81 0.26 -2.05 3.55
N THR A 82 1.04 -1.81 2.50
CA THR A 82 0.85 -2.54 1.26
C THR A 82 0.87 -4.04 1.51
N GLU A 83 1.95 -4.50 2.11
CA GLU A 83 2.11 -5.91 2.41
C GLU A 83 0.91 -6.42 3.22
N ARG A 84 0.67 -5.74 4.33
CA ARG A 84 -0.44 -6.11 5.20
C ARG A 84 -1.65 -6.53 4.37
N LEU A 85 -2.04 -5.63 3.47
CA LEU A 85 -3.18 -5.88 2.60
C LEU A 85 -2.94 -7.18 1.81
N LEU A 86 -1.80 -7.21 1.13
CA LEU A 86 -1.43 -8.37 0.34
C LEU A 86 -1.74 -9.64 1.13
N LYS A 87 -1.32 -9.64 2.38
CA LYS A 87 -1.55 -10.78 3.25
C LYS A 87 -3.04 -11.11 3.27
N GLU A 88 -3.82 -10.16 3.76
CA GLU A 88 -5.26 -10.34 3.83
C GLU A 88 -5.78 -11.04 2.57
N LEU A 89 -5.29 -10.57 1.43
CA LEU A 89 -5.70 -11.13 0.16
C LEU A 89 -5.61 -12.66 0.23
N GLU A 90 -4.41 -13.13 0.57
CA GLU A 90 -4.17 -14.56 0.68
C GLU A 90 -5.37 -15.25 1.37
N GLN A 91 -5.64 -14.80 2.59
CA GLN A 91 -6.73 -15.35 3.36
C GLN A 91 -8.07 -15.03 2.70
N ASN A 92 -8.34 -13.74 2.58
CA ASN A 92 -9.57 -13.28 1.97
C ASN A 92 -9.89 -14.15 0.75
N ALA A 93 -8.84 -14.45 -0.01
CA ALA A 93 -9.00 -15.27 -1.20
C ALA A 93 -9.97 -16.42 -0.90
N SER A 94 -9.46 -17.42 -0.22
CA SER A 94 -10.26 -18.58 0.13
C SER A 94 -9.43 -19.58 0.94
N GLY A 95 -8.19 -19.73 0.51
CA GLY A 95 -7.28 -20.65 1.17
C GLY A 95 -7.99 -21.97 1.51
N PRO A 96 -7.31 -22.77 2.38
CA PRO A 96 -7.86 -24.05 2.80
C PRO A 96 -9.00 -23.86 3.81
N SER A 97 -9.96 -24.76 3.73
CA SER A 97 -11.11 -24.70 4.62
C SER A 97 -11.91 -23.43 4.35
N SER A 98 -13.23 -23.61 4.30
CA SER A 98 -14.13 -22.49 4.05
C SER A 98 -15.56 -22.88 4.40
N GLY A 99 -15.90 -22.66 5.67
CA GLY A 99 -17.23 -22.99 6.15
C GLY A 99 -17.64 -22.07 7.30
N GLY A 1 -11.98 13.84 8.63
CA GLY A 1 -12.94 14.93 8.64
C GLY A 1 -13.45 15.22 7.24
N SER A 2 -12.61 15.87 6.45
CA SER A 2 -12.97 16.20 5.08
C SER A 2 -14.37 16.81 5.04
N SER A 3 -14.41 18.14 5.12
CA SER A 3 -15.67 18.85 5.10
C SER A 3 -15.43 20.36 4.97
N GLY A 4 -16.01 20.94 3.93
CA GLY A 4 -15.86 22.37 3.68
C GLY A 4 -14.43 22.69 3.22
N SER A 5 -14.14 22.26 1.99
CA SER A 5 -12.82 22.50 1.43
C SER A 5 -12.89 22.41 -0.10
N SER A 6 -12.25 23.37 -0.75
CA SER A 6 -12.23 23.42 -2.20
C SER A 6 -11.42 24.62 -2.68
N GLY A 7 -10.70 24.40 -3.77
CA GLY A 7 -9.88 25.46 -4.34
C GLY A 7 -8.51 25.52 -3.67
N MET A 8 -7.62 24.66 -4.15
CA MET A 8 -6.27 24.60 -3.61
C MET A 8 -5.23 24.54 -4.73
N ASP A 9 -4.00 24.86 -4.37
CA ASP A 9 -2.91 24.85 -5.33
C ASP A 9 -1.59 25.13 -4.60
N MET A 10 -0.52 24.57 -5.15
CA MET A 10 0.80 24.75 -4.57
C MET A 10 1.89 24.21 -5.50
N GLY A 11 1.79 22.91 -5.79
CA GLY A 11 2.75 22.26 -6.65
C GLY A 11 4.14 22.23 -6.01
N ASN A 12 4.21 21.57 -4.85
CA ASN A 12 5.46 21.46 -4.13
C ASN A 12 5.24 20.65 -2.85
N GLN A 13 5.81 19.47 -2.83
CA GLN A 13 5.68 18.59 -1.67
C GLN A 13 6.58 17.35 -1.85
N HIS A 14 7.80 17.60 -2.27
CA HIS A 14 8.75 16.52 -2.48
C HIS A 14 8.22 15.56 -3.55
N PRO A 15 9.16 15.10 -4.41
CA PRO A 15 8.80 14.19 -5.49
C PRO A 15 8.56 12.78 -4.94
N SER A 16 9.21 12.49 -3.83
CA SER A 16 9.08 11.19 -3.20
C SER A 16 7.76 11.11 -2.42
N ILE A 17 7.47 12.19 -1.71
CA ILE A 17 6.25 12.27 -0.93
C ILE A 17 5.04 12.24 -1.87
N SER A 18 5.07 13.13 -2.85
CA SER A 18 4.00 13.21 -3.83
C SER A 18 3.82 11.87 -4.53
N ARG A 19 4.88 11.06 -4.48
CA ARG A 19 4.85 9.75 -5.10
C ARG A 19 4.17 8.73 -4.19
N LEU A 20 4.66 8.67 -2.96
CA LEU A 20 4.11 7.75 -1.99
C LEU A 20 2.62 8.04 -1.81
N GLN A 21 2.29 9.31 -1.78
CA GLN A 21 0.92 9.74 -1.61
C GLN A 21 0.03 9.12 -2.70
N GLU A 22 0.62 8.96 -3.87
CA GLU A 22 -0.09 8.38 -4.99
C GLU A 22 -0.17 6.86 -4.86
N ILE A 23 0.92 6.29 -4.37
CA ILE A 23 1.00 4.85 -4.18
C ILE A 23 0.05 4.44 -3.06
N GLN A 24 0.03 5.25 -2.02
CA GLN A 24 -0.83 4.98 -0.87
C GLN A 24 -2.30 5.00 -1.30
N ARG A 25 -2.76 6.18 -1.70
CA ARG A 25 -4.13 6.34 -2.14
C ARG A 25 -4.50 5.24 -3.13
N GLU A 26 -3.49 4.73 -3.81
CA GLU A 26 -3.69 3.68 -4.79
C GLU A 26 -4.00 2.35 -4.09
N VAL A 27 -3.02 1.89 -3.32
CA VAL A 27 -3.16 0.64 -2.60
C VAL A 27 -4.36 0.74 -1.65
N LYS A 28 -4.51 1.91 -1.06
CA LYS A 28 -5.61 2.15 -0.13
C LYS A 28 -6.93 1.81 -0.82
N ALA A 29 -6.97 2.08 -2.12
CA ALA A 29 -8.17 1.81 -2.90
C ALA A 29 -8.30 0.30 -3.13
N ILE A 30 -7.30 -0.42 -2.63
CA ILE A 30 -7.30 -1.87 -2.76
C ILE A 30 -7.52 -2.51 -1.39
N GLU A 31 -7.37 -1.69 -0.36
CA GLU A 31 -7.56 -2.16 1.00
C GLU A 31 -8.92 -2.84 1.16
N PRO A 32 -9.96 -2.18 0.57
CA PRO A 32 -11.32 -2.70 0.64
C PRO A 32 -11.49 -3.89 -0.32
N GLN A 33 -10.70 -3.86 -1.38
CA GLN A 33 -10.75 -4.92 -2.38
C GLN A 33 -10.24 -6.24 -1.79
N VAL A 34 -9.49 -6.11 -0.71
CA VAL A 34 -8.93 -7.27 -0.04
C VAL A 34 -9.88 -7.70 1.09
N VAL A 35 -10.34 -6.70 1.83
CA VAL A 35 -11.24 -6.96 2.95
C VAL A 35 -12.56 -7.52 2.41
N GLY A 36 -13.00 -6.94 1.30
CA GLY A 36 -14.24 -7.36 0.67
C GLY A 36 -13.98 -8.31 -0.49
N PHE A 37 -12.82 -8.95 -0.43
CA PHE A 37 -12.43 -9.89 -1.47
C PHE A 37 -13.22 -11.20 -1.34
N SER A 38 -13.38 -11.87 -2.48
CA SER A 38 -14.11 -13.13 -2.51
C SER A 38 -13.63 -13.98 -3.68
N GLY A 39 -12.57 -14.73 -3.44
CA GLY A 39 -12.00 -15.59 -4.47
C GLY A 39 -10.73 -16.28 -3.96
N LEU A 40 -10.48 -17.46 -4.51
CA LEU A 40 -9.31 -18.23 -4.12
C LEU A 40 -8.06 -17.35 -4.25
N SER A 41 -6.94 -17.91 -3.84
CA SER A 41 -5.67 -17.19 -3.90
C SER A 41 -5.30 -16.93 -5.37
N ASP A 42 -5.94 -17.68 -6.26
CA ASP A 42 -5.69 -17.54 -7.68
C ASP A 42 -7.01 -17.58 -8.44
N ASP A 43 -7.72 -16.46 -8.39
CA ASP A 43 -9.00 -16.36 -9.07
C ASP A 43 -8.95 -15.21 -10.09
N LYS A 44 -10.05 -15.03 -10.78
CA LYS A 44 -10.14 -13.98 -11.78
C LYS A 44 -10.40 -12.64 -11.09
N ASN A 45 -9.40 -12.18 -10.36
CA ASN A 45 -9.51 -10.93 -9.65
C ASN A 45 -8.29 -10.75 -8.73
N TYR A 46 -8.04 -11.79 -7.94
CA TYR A 46 -6.91 -11.77 -7.02
C TYR A 46 -5.68 -11.17 -7.69
N LYS A 47 -5.44 -11.61 -8.92
CA LYS A 47 -4.29 -11.13 -9.68
C LYS A 47 -4.19 -9.61 -9.55
N ARG A 48 -5.23 -8.94 -10.05
CA ARG A 48 -5.28 -7.49 -10.00
C ARG A 48 -4.72 -6.99 -8.67
N LEU A 49 -5.52 -7.14 -7.62
CA LEU A 49 -5.11 -6.70 -6.30
C LEU A 49 -3.63 -7.03 -6.09
N GLU A 50 -3.33 -8.31 -6.09
CA GLU A 50 -1.96 -8.76 -5.91
C GLU A 50 -1.01 -7.94 -6.78
N ARG A 51 -1.13 -8.14 -8.08
CA ARG A 51 -0.30 -7.42 -9.03
C ARG A 51 -0.20 -5.94 -8.65
N ILE A 52 -1.36 -5.37 -8.36
CA ILE A 52 -1.42 -3.97 -7.98
C ILE A 52 -0.50 -3.72 -6.78
N LEU A 53 -0.62 -4.60 -5.80
CA LEU A 53 0.21 -4.49 -4.60
C LEU A 53 1.67 -4.73 -4.97
N THR A 54 1.89 -5.76 -5.78
CA THR A 54 3.23 -6.10 -6.21
C THR A 54 3.83 -4.96 -7.03
N LYS A 55 2.96 -4.29 -7.79
CA LYS A 55 3.40 -3.19 -8.62
C LYS A 55 3.67 -1.96 -7.74
N GLN A 56 2.66 -1.60 -6.97
CA GLN A 56 2.78 -0.46 -6.07
C GLN A 56 3.92 -0.67 -5.08
N LEU A 57 3.96 -1.88 -4.53
CA LEU A 57 5.00 -2.23 -3.57
C LEU A 57 6.37 -1.94 -4.17
N PHE A 58 6.62 -2.56 -5.32
CA PHE A 58 7.89 -2.38 -6.01
C PHE A 58 8.25 -0.90 -6.11
N GLU A 59 7.23 -0.06 -6.11
CA GLU A 59 7.42 1.37 -6.21
C GLU A 59 7.81 1.94 -4.84
N ILE A 60 7.31 1.30 -3.80
CA ILE A 60 7.60 1.72 -2.44
C ILE A 60 9.10 1.59 -2.18
N ASP A 61 9.66 0.47 -2.62
CA ASP A 61 11.07 0.21 -2.44
C ASP A 61 11.87 1.12 -3.37
N SER A 62 11.21 1.56 -4.43
CA SER A 62 11.85 2.44 -5.39
C SER A 62 11.91 3.87 -4.84
N VAL A 63 10.92 4.21 -4.03
CA VAL A 63 10.86 5.53 -3.43
C VAL A 63 12.06 5.72 -2.50
N ASP A 64 12.95 6.60 -2.91
CA ASP A 64 14.14 6.88 -2.12
C ASP A 64 13.76 7.75 -0.92
N THR A 65 14.52 7.58 0.15
CA THR A 65 14.27 8.33 1.37
C THR A 65 15.45 9.25 1.67
N GLU A 66 16.64 8.75 1.41
CA GLU A 66 17.85 9.52 1.64
C GLU A 66 17.97 9.87 3.13
N GLY A 67 17.66 8.88 3.96
CA GLY A 67 17.74 9.07 5.41
C GLY A 67 17.22 10.45 5.80
N LYS A 68 15.93 10.65 5.58
CA LYS A 68 15.31 11.93 5.91
C LYS A 68 14.31 11.71 7.06
N GLY A 69 13.65 10.56 7.02
CA GLY A 69 12.67 10.23 8.04
C GLY A 69 11.25 10.51 7.55
N ASP A 70 10.99 11.77 7.25
CA ASP A 70 9.68 12.19 6.78
C ASP A 70 9.15 11.13 5.79
N ILE A 71 9.99 10.78 4.84
CA ILE A 71 9.63 9.79 3.84
C ILE A 71 9.81 8.39 4.43
N GLN A 72 11.01 8.14 4.92
CA GLN A 72 11.33 6.85 5.51
C GLN A 72 10.15 6.35 6.35
N GLN A 73 9.54 7.28 7.07
CA GLN A 73 8.41 6.95 7.92
C GLN A 73 7.21 6.51 7.07
N ALA A 74 6.91 7.34 6.08
CA ALA A 74 5.80 7.05 5.19
C ALA A 74 6.11 5.80 4.37
N ARG A 75 7.14 5.90 3.56
CA ARG A 75 7.55 4.78 2.73
C ARG A 75 7.40 3.46 3.49
N LYS A 76 8.19 3.34 4.55
CA LYS A 76 8.14 2.14 5.37
C LYS A 76 6.70 1.88 5.82
N ARG A 77 6.02 2.96 6.16
CA ARG A 77 4.64 2.86 6.60
C ARG A 77 3.75 2.39 5.44
N ALA A 78 4.27 2.53 4.24
CA ALA A 78 3.54 2.12 3.04
C ALA A 78 4.01 0.74 2.61
N ALA A 79 5.18 0.36 3.11
CA ALA A 79 5.76 -0.93 2.78
C ALA A 79 5.03 -2.03 3.54
N GLN A 80 4.57 -1.67 4.74
CA GLN A 80 3.85 -2.60 5.57
C GLN A 80 2.36 -2.58 5.24
N GLU A 81 1.89 -1.40 4.87
CA GLU A 81 0.49 -1.22 4.52
C GLU A 81 0.11 -2.14 3.35
N THR A 82 0.90 -2.04 2.29
CA THR A 82 0.67 -2.85 1.10
C THR A 82 0.74 -4.34 1.45
N GLU A 83 1.81 -4.71 2.12
CA GLU A 83 2.01 -6.09 2.52
C GLU A 83 0.90 -6.54 3.45
N ARG A 84 0.61 -5.71 4.44
CA ARG A 84 -0.44 -6.00 5.40
C ARG A 84 -1.70 -6.47 4.68
N LEU A 85 -2.10 -5.69 3.68
CA LEU A 85 -3.29 -6.01 2.91
C LEU A 85 -3.05 -7.31 2.13
N LEU A 86 -1.87 -7.41 1.55
CA LEU A 86 -1.50 -8.58 0.78
C LEU A 86 -1.77 -9.84 1.62
N LYS A 87 -1.37 -9.76 2.88
CA LYS A 87 -1.57 -10.88 3.80
C LYS A 87 -3.05 -11.22 3.87
N GLU A 88 -3.83 -10.24 4.29
CA GLU A 88 -5.27 -10.42 4.41
C GLU A 88 -5.83 -11.07 3.14
N LEU A 89 -5.46 -10.50 2.00
CA LEU A 89 -5.92 -11.02 0.73
C LEU A 89 -5.89 -12.55 0.76
N GLU A 90 -4.69 -13.09 0.74
CA GLU A 90 -4.51 -14.53 0.77
C GLU A 90 -5.51 -15.18 1.73
N GLN A 91 -5.71 -14.50 2.86
CA GLN A 91 -6.64 -14.99 3.86
C GLN A 91 -8.08 -14.87 3.36
N ASN A 92 -8.50 -13.63 3.16
CA ASN A 92 -9.84 -13.36 2.69
C ASN A 92 -10.11 -14.20 1.44
N ALA A 93 -9.03 -14.56 0.76
CA ALA A 93 -9.15 -15.37 -0.44
C ALA A 93 -10.20 -16.45 -0.24
N SER A 94 -9.85 -17.43 0.57
CA SER A 94 -10.76 -18.53 0.87
C SER A 94 -10.10 -19.51 1.85
N GLY A 95 -8.80 -19.69 1.66
CA GLY A 95 -8.04 -20.59 2.52
C GLY A 95 -7.48 -19.85 3.73
N PRO A 96 -7.18 -20.64 4.80
CA PRO A 96 -6.64 -20.06 6.02
C PRO A 96 -5.17 -19.69 5.84
N SER A 97 -4.41 -20.63 5.28
CA SER A 97 -3.00 -20.41 5.04
C SER A 97 -2.30 -20.02 6.36
N SER A 98 -2.03 -21.04 7.16
CA SER A 98 -1.37 -20.83 8.44
C SER A 98 0.10 -21.24 8.35
N GLY A 99 0.97 -20.25 8.44
CA GLY A 99 2.40 -20.50 8.37
C GLY A 99 3.00 -20.67 9.76
N GLY A 1 -16.50 31.13 18.24
CA GLY A 1 -15.22 30.59 17.83
C GLY A 1 -15.36 29.13 17.40
N SER A 2 -14.83 28.83 16.22
CA SER A 2 -14.89 27.48 15.68
C SER A 2 -14.11 27.40 14.37
N SER A 3 -13.42 26.28 14.19
CA SER A 3 -12.64 26.07 12.99
C SER A 3 -11.29 26.77 13.12
N GLY A 4 -10.33 26.29 12.34
CA GLY A 4 -8.99 26.86 12.36
C GLY A 4 -8.00 25.92 13.06
N SER A 5 -6.90 25.66 12.38
CA SER A 5 -5.87 24.79 12.93
C SER A 5 -4.49 25.22 12.41
N SER A 6 -4.36 25.20 11.10
CA SER A 6 -3.11 25.57 10.47
C SER A 6 -1.98 24.67 10.96
N GLY A 7 -1.68 23.67 10.14
CA GLY A 7 -0.63 22.72 10.47
C GLY A 7 0.30 22.49 9.28
N MET A 8 -0.01 21.46 8.50
CA MET A 8 0.79 21.13 7.33
C MET A 8 1.24 22.41 6.61
N ASP A 9 2.46 22.34 6.09
CA ASP A 9 3.02 23.48 5.36
C ASP A 9 2.86 23.24 3.86
N MET A 10 2.91 24.33 3.12
CA MET A 10 2.77 24.26 1.67
C MET A 10 3.96 24.93 0.97
N GLY A 11 4.84 24.08 0.45
CA GLY A 11 6.02 24.58 -0.24
C GLY A 11 6.59 23.50 -1.18
N ASN A 12 7.90 23.31 -1.08
CA ASN A 12 8.57 22.32 -1.90
C ASN A 12 8.05 20.92 -1.55
N GLN A 13 7.22 20.40 -2.43
CA GLN A 13 6.65 19.08 -2.22
C GLN A 13 7.61 18.01 -2.71
N HIS A 14 8.30 17.39 -1.76
CA HIS A 14 9.26 16.34 -2.09
C HIS A 14 8.66 15.41 -3.13
N PRO A 15 9.53 14.97 -4.08
CA PRO A 15 9.10 14.08 -5.14
C PRO A 15 8.90 12.66 -4.62
N SER A 16 9.22 12.49 -3.34
CA SER A 16 9.09 11.19 -2.71
C SER A 16 7.83 11.15 -1.84
N ILE A 17 7.47 12.32 -1.32
CA ILE A 17 6.30 12.43 -0.48
C ILE A 17 5.04 12.36 -1.35
N SER A 18 5.08 13.11 -2.44
CA SER A 18 3.95 13.14 -3.36
C SER A 18 3.72 11.75 -3.96
N ARG A 19 4.83 11.09 -4.27
CA ARG A 19 4.76 9.75 -4.84
C ARG A 19 4.02 8.80 -3.91
N LEU A 20 4.55 8.68 -2.69
CA LEU A 20 3.96 7.81 -1.70
C LEU A 20 2.49 8.17 -1.53
N GLN A 21 2.22 9.47 -1.61
CA GLN A 21 0.85 9.96 -1.47
C GLN A 21 -0.02 9.45 -2.63
N GLU A 22 0.65 9.06 -3.70
CA GLU A 22 -0.04 8.55 -4.87
C GLU A 22 -0.01 7.02 -4.88
N ILE A 23 0.80 6.47 -3.99
CA ILE A 23 0.93 5.03 -3.88
C ILE A 23 0.06 4.51 -2.73
N GLN A 24 -0.01 5.33 -1.68
CA GLN A 24 -0.79 4.98 -0.52
C GLN A 24 -2.29 4.98 -0.86
N ARG A 25 -2.72 6.07 -1.48
CA ARG A 25 -4.11 6.22 -1.86
C ARG A 25 -4.53 5.06 -2.77
N GLU A 26 -3.54 4.44 -3.40
CA GLU A 26 -3.80 3.32 -4.28
C GLU A 26 -4.13 2.07 -3.47
N VAL A 27 -3.21 1.70 -2.59
CA VAL A 27 -3.38 0.54 -1.76
C VAL A 27 -4.60 0.74 -0.85
N LYS A 28 -4.83 2.00 -0.52
CA LYS A 28 -5.96 2.35 0.34
C LYS A 28 -7.25 2.29 -0.47
N ALA A 29 -7.17 2.78 -1.70
CA ALA A 29 -8.32 2.78 -2.58
C ALA A 29 -8.63 1.35 -3.02
N ILE A 30 -7.67 0.47 -2.77
CA ILE A 30 -7.81 -0.92 -3.13
C ILE A 30 -7.82 -1.78 -1.87
N GLU A 31 -7.65 -1.11 -0.74
CA GLU A 31 -7.63 -1.80 0.54
C GLU A 31 -8.93 -2.59 0.74
N PRO A 32 -10.07 -1.89 0.45
CA PRO A 32 -11.38 -2.52 0.61
C PRO A 32 -11.64 -3.50 -0.54
N GLN A 33 -10.82 -3.40 -1.56
CA GLN A 33 -10.95 -4.27 -2.72
C GLN A 33 -10.53 -5.71 -2.36
N VAL A 34 -9.62 -5.79 -1.39
CA VAL A 34 -9.13 -7.09 -0.96
C VAL A 34 -9.93 -7.54 0.27
N VAL A 35 -10.18 -6.58 1.16
CA VAL A 35 -10.92 -6.87 2.38
C VAL A 35 -12.33 -7.32 2.01
N GLY A 36 -12.84 -6.75 0.93
CA GLY A 36 -14.18 -7.10 0.46
C GLY A 36 -14.12 -8.07 -0.72
N PHE A 37 -12.99 -8.76 -0.80
CA PHE A 37 -12.79 -9.73 -1.88
C PHE A 37 -13.53 -11.04 -1.58
N SER A 38 -13.55 -11.91 -2.59
CA SER A 38 -14.20 -13.19 -2.46
C SER A 38 -13.83 -14.11 -3.62
N GLY A 39 -12.79 -14.90 -3.40
CA GLY A 39 -12.32 -15.81 -4.42
C GLY A 39 -11.38 -16.86 -3.83
N LEU A 40 -10.28 -17.10 -4.52
CA LEU A 40 -9.31 -18.07 -4.08
C LEU A 40 -7.90 -17.53 -4.32
N SER A 41 -6.98 -17.94 -3.46
CA SER A 41 -5.60 -17.50 -3.57
C SER A 41 -5.04 -17.87 -4.94
N ASP A 42 -4.89 -16.85 -5.78
CA ASP A 42 -4.37 -17.05 -7.13
C ASP A 42 -5.50 -17.56 -8.03
N ASP A 43 -6.21 -16.60 -8.62
CA ASP A 43 -7.31 -16.92 -9.51
C ASP A 43 -7.51 -15.79 -10.51
N LYS A 44 -8.56 -15.92 -11.30
CA LYS A 44 -8.87 -14.91 -12.31
C LYS A 44 -9.58 -13.73 -11.63
N ASN A 45 -8.88 -13.14 -10.67
CA ASN A 45 -9.42 -11.99 -9.94
C ASN A 45 -8.45 -11.59 -8.83
N TYR A 46 -8.04 -12.59 -8.05
CA TYR A 46 -7.12 -12.34 -6.96
C TYR A 46 -5.78 -11.82 -7.48
N LYS A 47 -5.35 -12.40 -8.59
CA LYS A 47 -4.09 -12.00 -9.21
C LYS A 47 -4.07 -10.48 -9.39
N ARG A 48 -5.14 -9.98 -9.99
CA ARG A 48 -5.26 -8.56 -10.24
C ARG A 48 -4.99 -7.78 -8.95
N LEU A 49 -5.81 -8.04 -7.94
CA LEU A 49 -5.68 -7.38 -6.66
C LEU A 49 -4.22 -7.42 -6.23
N GLU A 50 -3.73 -8.63 -6.00
CA GLU A 50 -2.35 -8.81 -5.58
C GLU A 50 -1.41 -7.99 -6.47
N ARG A 51 -1.67 -8.05 -7.76
CA ARG A 51 -0.86 -7.32 -8.72
C ARG A 51 -0.73 -5.85 -8.30
N ILE A 52 -1.88 -5.20 -8.17
CA ILE A 52 -1.90 -3.80 -7.78
C ILE A 52 -1.01 -3.61 -6.56
N LEU A 53 -1.10 -4.55 -5.64
CA LEU A 53 -0.30 -4.49 -4.42
C LEU A 53 1.18 -4.71 -4.77
N THR A 54 1.43 -5.84 -5.41
CA THR A 54 2.79 -6.19 -5.80
C THR A 54 3.42 -5.05 -6.60
N LYS A 55 2.62 -4.47 -7.49
CA LYS A 55 3.08 -3.38 -8.32
C LYS A 55 3.37 -2.16 -7.43
N GLN A 56 2.31 -1.67 -6.79
CA GLN A 56 2.44 -0.52 -5.92
C GLN A 56 3.64 -0.68 -4.99
N LEU A 57 3.76 -1.88 -4.43
CA LEU A 57 4.86 -2.18 -3.53
C LEU A 57 6.18 -1.86 -4.22
N PHE A 58 6.38 -2.51 -5.37
CA PHE A 58 7.59 -2.30 -6.15
C PHE A 58 7.91 -0.82 -6.30
N GLU A 59 6.86 -0.02 -6.26
CA GLU A 59 7.01 1.42 -6.39
C GLU A 59 7.47 2.03 -5.06
N ILE A 60 7.05 1.40 -3.97
CA ILE A 60 7.42 1.87 -2.65
C ILE A 60 8.93 1.80 -2.49
N ASP A 61 9.51 0.70 -2.99
CA ASP A 61 10.95 0.51 -2.91
C ASP A 61 11.64 1.46 -3.88
N SER A 62 10.90 1.85 -4.91
CA SER A 62 11.44 2.76 -5.91
C SER A 62 11.52 4.18 -5.34
N VAL A 63 10.81 4.38 -4.24
CA VAL A 63 10.79 5.67 -3.59
C VAL A 63 12.07 5.86 -2.78
N ASP A 64 12.86 6.84 -3.18
CA ASP A 64 14.11 7.12 -2.49
C ASP A 64 13.81 7.90 -1.20
N THR A 65 14.79 7.88 -0.30
CA THR A 65 14.65 8.57 0.97
C THR A 65 15.78 9.58 1.15
N GLU A 66 17.01 9.10 0.99
CA GLU A 66 18.17 9.95 1.12
C GLU A 66 18.36 10.36 2.58
N GLY A 67 17.86 9.52 3.48
CA GLY A 67 17.96 9.78 4.90
C GLY A 67 16.96 10.86 5.34
N LYS A 68 15.69 10.60 5.04
CA LYS A 68 14.64 11.54 5.39
C LYS A 68 13.52 10.79 6.11
N GLY A 69 13.62 10.75 7.43
CA GLY A 69 12.63 10.07 8.24
C GLY A 69 11.22 10.33 7.71
N ASP A 70 10.86 11.61 7.65
CA ASP A 70 9.56 12.01 7.17
C ASP A 70 9.15 11.11 5.99
N ILE A 71 10.16 10.73 5.21
CA ILE A 71 9.93 9.89 4.05
C ILE A 71 10.17 8.42 4.45
N GLN A 72 11.37 8.17 4.95
CA GLN A 72 11.73 6.82 5.37
C GLN A 72 10.59 6.19 6.16
N GLN A 73 10.00 6.98 7.04
CA GLN A 73 8.90 6.51 7.86
C GLN A 73 7.72 6.12 6.97
N ALA A 74 7.22 7.10 6.24
CA ALA A 74 6.09 6.88 5.35
C ALA A 74 6.36 5.65 4.48
N ARG A 75 7.45 5.71 3.75
CA ARG A 75 7.85 4.62 2.88
C ARG A 75 7.78 3.29 3.64
N LYS A 76 8.63 3.18 4.66
CA LYS A 76 8.69 1.98 5.46
C LYS A 76 7.31 1.71 6.06
N ARG A 77 6.51 2.76 6.13
CA ARG A 77 5.16 2.65 6.66
C ARG A 77 4.20 2.15 5.59
N ALA A 78 4.57 2.42 4.34
CA ALA A 78 3.75 2.01 3.21
C ALA A 78 4.17 0.60 2.77
N ALA A 79 5.43 0.29 3.01
CA ALA A 79 5.97 -1.00 2.63
C ALA A 79 5.33 -2.08 3.50
N GLN A 80 4.68 -1.64 4.56
CA GLN A 80 4.02 -2.55 5.48
C GLN A 80 2.52 -2.61 5.17
N GLU A 81 1.93 -1.44 4.98
CA GLU A 81 0.52 -1.35 4.68
C GLU A 81 0.17 -2.23 3.49
N THR A 82 0.87 -1.99 2.39
CA THR A 82 0.64 -2.75 1.17
C THR A 82 0.76 -4.26 1.46
N GLU A 83 1.90 -4.62 2.02
CA GLU A 83 2.17 -6.01 2.35
C GLU A 83 1.09 -6.54 3.31
N ARG A 84 0.50 -5.62 4.05
CA ARG A 84 -0.54 -5.97 5.01
C ARG A 84 -1.77 -6.52 4.27
N LEU A 85 -2.20 -5.79 3.26
CA LEU A 85 -3.35 -6.19 2.48
C LEU A 85 -3.08 -7.55 1.85
N LEU A 86 -1.90 -7.66 1.25
CA LEU A 86 -1.51 -8.90 0.60
C LEU A 86 -1.84 -10.09 1.52
N LYS A 87 -1.84 -9.80 2.81
CA LYS A 87 -2.14 -10.83 3.79
C LYS A 87 -3.66 -10.96 3.95
N GLU A 88 -4.32 -9.82 4.00
CA GLU A 88 -5.77 -9.80 4.14
C GLU A 88 -6.42 -10.50 2.94
N LEU A 89 -5.87 -10.24 1.77
CA LEU A 89 -6.39 -10.84 0.56
C LEU A 89 -6.33 -12.36 0.67
N GLU A 90 -5.14 -12.85 1.03
CA GLU A 90 -4.93 -14.27 1.17
C GLU A 90 -5.97 -14.87 2.13
N GLN A 91 -6.32 -14.08 3.13
CA GLN A 91 -7.30 -14.52 4.11
C GLN A 91 -8.72 -14.42 3.53
N ASN A 92 -9.08 -13.22 3.14
CA ASN A 92 -10.40 -12.98 2.56
C ASN A 92 -10.63 -13.95 1.41
N ALA A 93 -9.54 -14.28 0.72
CA ALA A 93 -9.61 -15.19 -0.40
C ALA A 93 -10.47 -16.40 -0.02
N SER A 94 -9.86 -17.30 0.73
CA SER A 94 -10.56 -18.51 1.17
C SER A 94 -9.61 -19.38 2.00
N GLY A 95 -8.48 -19.70 1.41
CA GLY A 95 -7.48 -20.53 2.08
C GLY A 95 -6.10 -19.88 2.01
N PRO A 96 -5.23 -20.27 2.98
CA PRO A 96 -3.88 -19.75 3.04
C PRO A 96 -3.00 -20.39 1.96
N SER A 97 -1.74 -19.98 1.96
CA SER A 97 -0.80 -20.49 0.99
C SER A 97 0.62 -20.02 1.34
N SER A 98 1.59 -20.83 0.96
CA SER A 98 2.99 -20.50 1.22
C SER A 98 3.90 -21.49 0.50
N GLY A 99 4.28 -21.12 -0.72
CA GLY A 99 5.14 -21.96 -1.52
C GLY A 99 4.44 -22.40 -2.81
N GLY A 1 -5.45 11.71 6.74
CA GLY A 1 -5.76 13.04 6.22
C GLY A 1 -4.48 13.81 5.91
N SER A 2 -4.04 14.58 6.89
CA SER A 2 -2.84 15.39 6.74
C SER A 2 -1.81 15.02 7.81
N SER A 3 -1.00 14.02 7.49
CA SER A 3 0.01 13.57 8.42
C SER A 3 1.34 13.32 7.68
N GLY A 4 2.31 14.17 7.99
CA GLY A 4 3.62 14.05 7.36
C GLY A 4 3.57 14.53 5.91
N SER A 5 3.87 15.81 5.73
CA SER A 5 3.86 16.39 4.40
C SER A 5 4.64 17.71 4.41
N SER A 6 5.47 17.88 3.39
CA SER A 6 6.28 19.08 3.28
C SER A 6 7.21 19.21 4.48
N GLY A 7 8.31 19.93 4.27
CA GLY A 7 9.28 20.14 5.32
C GLY A 7 10.64 20.56 4.75
N MET A 8 10.76 21.87 4.53
CA MET A 8 11.99 22.42 3.99
C MET A 8 12.58 21.49 2.92
N ASP A 9 12.17 21.75 1.68
CA ASP A 9 12.65 20.96 0.56
C ASP A 9 12.71 21.83 -0.69
N MET A 10 13.55 21.41 -1.62
CA MET A 10 13.71 22.14 -2.88
C MET A 10 12.36 22.32 -3.58
N GLY A 11 11.80 23.50 -3.42
CA GLY A 11 10.52 23.81 -4.03
C GLY A 11 9.37 23.62 -3.04
N ASN A 12 8.44 22.76 -3.42
CA ASN A 12 7.29 22.48 -2.58
C ASN A 12 6.77 21.07 -2.88
N GLN A 13 6.43 20.36 -1.82
CA GLN A 13 5.92 19.00 -1.96
C GLN A 13 7.02 18.06 -2.47
N HIS A 14 7.71 17.44 -1.51
CA HIS A 14 8.79 16.53 -1.85
C HIS A 14 8.33 15.59 -2.97
N PRO A 15 9.29 15.28 -3.88
CA PRO A 15 9.01 14.39 -5.00
C PRO A 15 8.92 12.93 -4.54
N SER A 16 9.43 12.69 -3.35
CA SER A 16 9.41 11.36 -2.78
C SER A 16 8.14 11.15 -1.96
N ILE A 17 7.52 12.27 -1.61
CA ILE A 17 6.30 12.23 -0.81
C ILE A 17 5.08 12.22 -1.76
N SER A 18 5.04 13.22 -2.62
CA SER A 18 3.95 13.34 -3.57
C SER A 18 3.79 12.02 -4.35
N ARG A 19 4.86 11.25 -4.37
CA ARG A 19 4.86 9.98 -5.07
C ARG A 19 4.17 8.91 -4.22
N LEU A 20 4.54 8.88 -2.95
CA LEU A 20 3.96 7.92 -2.03
C LEU A 20 2.46 8.17 -1.90
N GLN A 21 2.11 9.44 -1.78
CA GLN A 21 0.72 9.83 -1.65
C GLN A 21 -0.11 9.20 -2.77
N GLU A 22 0.52 9.09 -3.94
CA GLU A 22 -0.15 8.51 -5.10
C GLU A 22 -0.19 6.99 -4.98
N ILE A 23 0.83 6.45 -4.32
CA ILE A 23 0.92 5.01 -4.12
C ILE A 23 -0.01 4.59 -2.99
N GLN A 24 -0.07 5.45 -1.97
CA GLN A 24 -0.91 5.17 -0.82
C GLN A 24 -2.39 5.17 -1.22
N ARG A 25 -2.81 6.29 -1.80
CA ARG A 25 -4.19 6.42 -2.24
C ARG A 25 -4.60 5.21 -3.09
N GLU A 26 -3.62 4.62 -3.73
CA GLU A 26 -3.86 3.46 -4.56
C GLU A 26 -4.15 2.23 -3.70
N VAL A 27 -3.12 1.76 -3.03
CA VAL A 27 -3.25 0.60 -2.16
C VAL A 27 -4.44 0.79 -1.22
N LYS A 28 -4.69 2.05 -0.89
CA LYS A 28 -5.78 2.39 0.00
C LYS A 28 -7.10 2.30 -0.78
N ALA A 29 -7.04 2.68 -2.04
CA ALA A 29 -8.22 2.64 -2.90
C ALA A 29 -8.54 1.19 -3.24
N ILE A 30 -7.67 0.29 -2.80
CA ILE A 30 -7.86 -1.12 -3.05
C ILE A 30 -7.85 -1.87 -1.71
N GLU A 31 -7.80 -1.11 -0.63
CA GLU A 31 -7.79 -1.68 0.70
C GLU A 31 -9.15 -2.32 1.01
N PRO A 32 -10.23 -1.58 0.63
CA PRO A 32 -11.58 -2.07 0.87
C PRO A 32 -11.95 -3.17 -0.12
N GLN A 33 -11.00 -3.48 -0.99
CA GLN A 33 -11.20 -4.52 -1.98
C GLN A 33 -10.79 -5.89 -1.42
N VAL A 34 -9.56 -5.94 -0.93
CA VAL A 34 -9.03 -7.17 -0.36
C VAL A 34 -9.87 -7.56 0.85
N VAL A 35 -10.24 -6.55 1.62
CA VAL A 35 -11.04 -6.78 2.82
C VAL A 35 -12.35 -7.49 2.43
N GLY A 36 -12.98 -6.97 1.38
CA GLY A 36 -14.22 -7.53 0.90
C GLY A 36 -14.01 -8.29 -0.42
N PHE A 37 -12.84 -8.90 -0.53
CA PHE A 37 -12.50 -9.64 -1.73
C PHE A 37 -13.00 -11.09 -1.63
N SER A 38 -13.15 -11.71 -2.79
CA SER A 38 -13.62 -13.09 -2.85
C SER A 38 -13.40 -13.65 -4.25
N GLY A 39 -12.37 -14.47 -4.39
CA GLY A 39 -12.04 -15.07 -5.66
C GLY A 39 -10.94 -16.12 -5.51
N LEU A 40 -11.04 -16.90 -4.44
CA LEU A 40 -10.07 -17.93 -4.16
C LEU A 40 -8.66 -17.33 -4.24
N SER A 41 -7.67 -18.19 -4.04
CA SER A 41 -6.29 -17.76 -4.09
C SER A 41 -5.64 -18.23 -5.40
N ASP A 42 -5.21 -17.26 -6.19
CA ASP A 42 -4.57 -17.55 -7.46
C ASP A 42 -5.65 -17.83 -8.50
N ASP A 43 -6.75 -17.12 -8.39
CA ASP A 43 -7.86 -17.28 -9.32
C ASP A 43 -7.96 -16.04 -10.21
N LYS A 44 -8.90 -16.09 -11.14
CA LYS A 44 -9.11 -14.99 -12.07
C LYS A 44 -9.73 -13.81 -11.32
N ASN A 45 -8.91 -13.19 -10.48
CA ASN A 45 -9.37 -12.05 -9.70
C ASN A 45 -8.31 -11.69 -8.65
N TYR A 46 -7.84 -12.71 -7.95
CA TYR A 46 -6.83 -12.53 -6.92
C TYR A 46 -5.57 -11.90 -7.52
N LYS A 47 -5.19 -12.42 -8.68
CA LYS A 47 -3.99 -11.93 -9.36
C LYS A 47 -4.02 -10.40 -9.39
N ARG A 48 -5.00 -9.88 -10.11
CA ARG A 48 -5.15 -8.44 -10.22
C ARG A 48 -4.89 -7.76 -8.87
N LEU A 49 -5.80 -8.01 -7.94
CA LEU A 49 -5.68 -7.44 -6.61
C LEU A 49 -4.24 -7.56 -6.13
N GLU A 50 -3.81 -8.79 -5.95
CA GLU A 50 -2.45 -9.06 -5.49
C GLU A 50 -1.46 -8.19 -6.28
N ARG A 51 -1.57 -8.27 -7.60
CA ARG A 51 -0.69 -7.50 -8.46
C ARG A 51 -0.70 -6.02 -8.06
N ILE A 52 -1.90 -5.46 -8.06
CA ILE A 52 -2.07 -4.05 -7.71
C ILE A 52 -1.17 -3.73 -6.51
N LEU A 53 -1.17 -4.63 -5.54
CA LEU A 53 -0.36 -4.46 -4.35
C LEU A 53 1.11 -4.65 -4.71
N THR A 54 1.41 -5.79 -5.30
CA THR A 54 2.77 -6.10 -5.70
C THR A 54 3.37 -4.94 -6.51
N LYS A 55 2.54 -4.37 -7.37
CA LYS A 55 2.97 -3.26 -8.21
C LYS A 55 3.31 -2.06 -7.31
N GLN A 56 2.29 -1.52 -6.68
CA GLN A 56 2.47 -0.37 -5.80
C GLN A 56 3.68 -0.59 -4.89
N LEU A 57 3.74 -1.80 -4.33
CA LEU A 57 4.84 -2.14 -3.44
C LEU A 57 6.16 -1.88 -4.14
N PHE A 58 6.33 -2.52 -5.28
CA PHE A 58 7.55 -2.37 -6.07
C PHE A 58 7.92 -0.89 -6.22
N GLU A 59 6.90 -0.05 -6.17
CA GLU A 59 7.11 1.38 -6.29
C GLU A 59 7.59 1.97 -4.96
N ILE A 60 7.13 1.36 -3.88
CA ILE A 60 7.51 1.80 -2.55
C ILE A 60 9.02 1.65 -2.37
N ASP A 61 9.49 0.45 -2.69
CA ASP A 61 10.91 0.16 -2.57
C ASP A 61 11.70 1.09 -3.49
N SER A 62 11.03 1.58 -4.52
CA SER A 62 11.66 2.48 -5.47
C SER A 62 11.79 3.88 -4.84
N VAL A 63 10.70 4.33 -4.25
CA VAL A 63 10.68 5.64 -3.62
C VAL A 63 11.94 5.81 -2.78
N ASP A 64 12.75 6.77 -3.19
CA ASP A 64 13.99 7.06 -2.49
C ASP A 64 13.68 7.71 -1.14
N THR A 65 14.68 7.72 -0.27
CA THR A 65 14.52 8.31 1.05
C THR A 65 15.66 9.28 1.34
N GLU A 66 16.87 8.77 1.21
CA GLU A 66 18.06 9.59 1.46
C GLU A 66 18.19 9.88 2.95
N GLY A 67 17.79 8.91 3.76
CA GLY A 67 17.86 9.06 5.20
C GLY A 67 17.35 10.43 5.64
N LYS A 68 16.07 10.66 5.39
CA LYS A 68 15.44 11.92 5.75
C LYS A 68 14.46 11.69 6.89
N GLY A 69 13.90 10.49 6.92
CA GLY A 69 12.94 10.13 7.94
C GLY A 69 11.51 10.42 7.49
N ASP A 70 11.23 11.70 7.28
CA ASP A 70 9.92 12.12 6.85
C ASP A 70 9.38 11.13 5.82
N ILE A 71 10.27 10.73 4.92
CA ILE A 71 9.90 9.78 3.88
C ILE A 71 10.14 8.36 4.38
N GLN A 72 11.34 8.13 4.88
CA GLN A 72 11.70 6.82 5.41
C GLN A 72 10.58 6.27 6.29
N GLN A 73 9.86 7.19 6.92
CA GLN A 73 8.76 6.81 7.79
C GLN A 73 7.54 6.40 6.96
N ALA A 74 7.14 7.29 6.07
CA ALA A 74 6.00 7.04 5.22
C ALA A 74 6.26 5.79 4.38
N ARG A 75 7.35 5.83 3.64
CA ARG A 75 7.74 4.72 2.78
C ARG A 75 7.67 3.41 3.58
N LYS A 76 8.51 3.33 4.60
CA LYS A 76 8.56 2.15 5.44
C LYS A 76 7.16 1.86 6.01
N ARG A 77 6.37 2.93 6.11
CA ARG A 77 5.02 2.81 6.63
C ARG A 77 4.08 2.29 5.54
N ALA A 78 4.48 2.53 4.30
CA ALA A 78 3.68 2.10 3.16
C ALA A 78 4.15 0.71 2.72
N ALA A 79 5.41 0.42 2.99
CA ALA A 79 5.99 -0.86 2.64
C ALA A 79 5.39 -1.95 3.53
N GLN A 80 4.81 -1.51 4.64
CA GLN A 80 4.20 -2.43 5.58
C GLN A 80 2.70 -2.52 5.34
N GLU A 81 2.10 -1.35 5.12
CA GLU A 81 0.66 -1.28 4.88
C GLU A 81 0.28 -2.20 3.71
N THR A 82 0.86 -1.91 2.56
CA THR A 82 0.59 -2.71 1.37
C THR A 82 0.70 -4.20 1.69
N GLU A 83 1.87 -4.59 2.15
CA GLU A 83 2.12 -5.98 2.50
C GLU A 83 1.10 -6.46 3.53
N ARG A 84 0.64 -5.52 4.33
CA ARG A 84 -0.34 -5.84 5.36
C ARG A 84 -1.63 -6.35 4.73
N LEU A 85 -2.03 -5.70 3.65
CA LEU A 85 -3.24 -6.08 2.95
C LEU A 85 -2.98 -7.36 2.14
N LEU A 86 -1.91 -7.30 1.36
CA LEU A 86 -1.53 -8.44 0.53
C LEU A 86 -1.75 -9.73 1.33
N LYS A 87 -1.54 -9.63 2.62
CA LYS A 87 -1.70 -10.77 3.50
C LYS A 87 -3.19 -11.14 3.59
N GLU A 88 -3.99 -10.15 3.98
CA GLU A 88 -5.43 -10.36 4.09
C GLU A 88 -6.00 -10.89 2.77
N LEU A 89 -5.34 -10.49 1.69
CA LEU A 89 -5.77 -10.92 0.37
C LEU A 89 -5.88 -12.45 0.32
N GLU A 90 -4.76 -13.09 0.60
CA GLU A 90 -4.72 -14.55 0.61
C GLU A 90 -5.88 -15.11 1.42
N GLN A 91 -5.98 -14.66 2.66
CA GLN A 91 -7.04 -15.11 3.55
C GLN A 91 -8.40 -14.76 2.96
N ASN A 92 -8.67 -13.46 2.88
CA ASN A 92 -9.93 -12.98 2.34
C ASN A 92 -10.31 -13.82 1.12
N ALA A 93 -9.29 -14.17 0.34
CA ALA A 93 -9.50 -14.96 -0.85
C ALA A 93 -10.54 -16.05 -0.56
N SER A 94 -10.11 -17.06 0.20
CA SER A 94 -10.98 -18.15 0.55
C SER A 94 -10.25 -19.13 1.47
N GLY A 95 -8.97 -19.32 1.18
CA GLY A 95 -8.15 -20.23 1.96
C GLY A 95 -8.75 -21.63 1.98
N PRO A 96 -7.87 -22.62 2.28
CA PRO A 96 -8.29 -24.02 2.34
C PRO A 96 -9.10 -24.29 3.61
N SER A 97 -10.40 -24.06 3.52
CA SER A 97 -11.28 -24.27 4.65
C SER A 97 -10.67 -23.68 5.92
N SER A 98 -10.92 -22.40 6.11
CA SER A 98 -10.39 -21.69 7.28
C SER A 98 -10.84 -22.40 8.56
N GLY A 99 -12.15 -22.55 8.70
CA GLY A 99 -12.70 -23.21 9.87
C GLY A 99 -13.04 -22.19 10.96
N GLY A 1 -12.57 7.36 24.08
CA GLY A 1 -11.61 8.43 23.82
C GLY A 1 -11.56 8.77 22.33
N SER A 2 -10.58 9.58 21.98
CA SER A 2 -10.40 9.99 20.59
C SER A 2 -9.14 10.83 20.46
N SER A 3 -8.48 10.67 19.31
CA SER A 3 -7.25 11.41 19.05
C SER A 3 -7.03 11.51 17.53
N GLY A 4 -6.70 12.71 17.10
CA GLY A 4 -6.45 12.96 15.69
C GLY A 4 -5.01 13.42 15.45
N SER A 5 -4.88 14.63 14.95
CA SER A 5 -3.57 15.19 14.68
C SER A 5 -2.82 14.32 13.66
N SER A 6 -2.74 14.83 12.44
CA SER A 6 -2.06 14.11 11.38
C SER A 6 -1.61 15.08 10.30
N GLY A 7 -0.38 15.55 10.44
CA GLY A 7 0.19 16.48 9.49
C GLY A 7 1.37 17.24 10.10
N MET A 8 2.12 17.90 9.23
CA MET A 8 3.28 18.67 9.67
C MET A 8 3.66 19.72 8.63
N ASP A 9 4.47 20.68 9.08
CA ASP A 9 4.91 21.75 8.20
C ASP A 9 5.76 21.15 7.07
N MET A 10 5.26 21.32 5.86
CA MET A 10 5.96 20.80 4.68
C MET A 10 6.13 21.90 3.63
N GLY A 11 7.35 22.44 3.59
CA GLY A 11 7.66 23.50 2.64
C GLY A 11 7.69 22.95 1.21
N ASN A 12 8.86 22.45 0.83
CA ASN A 12 9.03 21.90 -0.51
C ASN A 12 8.38 20.52 -0.57
N GLN A 13 7.51 20.35 -1.56
CA GLN A 13 6.82 19.08 -1.74
C GLN A 13 7.77 18.05 -2.34
N HIS A 14 8.49 17.37 -1.45
CA HIS A 14 9.43 16.34 -1.88
C HIS A 14 8.81 15.52 -3.01
N PRO A 15 9.69 15.14 -3.99
CA PRO A 15 9.24 14.36 -5.13
C PRO A 15 9.01 12.90 -4.73
N SER A 16 9.35 12.60 -3.48
CA SER A 16 9.18 11.25 -2.97
C SER A 16 7.85 11.14 -2.21
N ILE A 17 7.45 12.26 -1.64
CA ILE A 17 6.20 12.30 -0.88
C ILE A 17 5.02 12.32 -1.86
N SER A 18 5.11 13.20 -2.84
CA SER A 18 4.06 13.33 -3.84
C SER A 18 3.86 12.00 -4.55
N ARG A 19 4.87 11.14 -4.44
CA ARG A 19 4.81 9.83 -5.08
C ARG A 19 4.03 8.86 -4.20
N LEU A 20 4.51 8.68 -2.98
CA LEU A 20 3.86 7.79 -2.04
C LEU A 20 2.38 8.15 -1.93
N GLN A 21 2.11 9.44 -2.05
CA GLN A 21 0.74 9.93 -1.97
C GLN A 21 -0.10 9.36 -3.12
N GLU A 22 0.58 9.08 -4.22
CA GLU A 22 -0.09 8.54 -5.39
C GLU A 22 -0.10 7.01 -5.33
N ILE A 23 0.70 6.48 -4.41
CA ILE A 23 0.80 5.03 -4.24
C ILE A 23 -0.10 4.61 -3.07
N GLN A 24 -0.08 5.41 -2.03
CA GLN A 24 -0.88 5.13 -0.85
C GLN A 24 -2.37 5.15 -1.20
N ARG A 25 -2.76 6.19 -1.93
CA ARG A 25 -4.14 6.33 -2.34
C ARG A 25 -4.58 5.14 -3.19
N GLU A 26 -3.59 4.49 -3.81
CA GLU A 26 -3.86 3.34 -4.64
C GLU A 26 -4.13 2.11 -3.77
N VAL A 27 -3.10 1.71 -3.04
CA VAL A 27 -3.22 0.55 -2.16
C VAL A 27 -4.41 0.74 -1.22
N LYS A 28 -4.70 1.99 -0.93
CA LYS A 28 -5.80 2.33 -0.05
C LYS A 28 -7.12 2.21 -0.82
N ALA A 29 -7.09 2.65 -2.07
CA ALA A 29 -8.26 2.60 -2.92
C ALA A 29 -8.58 1.14 -3.26
N ILE A 30 -7.62 0.27 -2.93
CA ILE A 30 -7.79 -1.15 -3.20
C ILE A 30 -7.78 -1.92 -1.88
N GLU A 31 -7.80 -1.16 -0.79
CA GLU A 31 -7.79 -1.76 0.53
C GLU A 31 -9.12 -2.45 0.82
N PRO A 32 -10.22 -1.75 0.42
CA PRO A 32 -11.56 -2.29 0.62
C PRO A 32 -11.86 -3.40 -0.39
N GLN A 33 -10.88 -3.67 -1.23
CA GLN A 33 -11.02 -4.71 -2.24
C GLN A 33 -10.59 -6.07 -1.68
N VAL A 34 -9.36 -6.10 -1.18
CA VAL A 34 -8.82 -7.33 -0.60
C VAL A 34 -9.63 -7.71 0.63
N VAL A 35 -10.00 -6.69 1.40
CA VAL A 35 -10.77 -6.90 2.61
C VAL A 35 -12.14 -7.49 2.24
N GLY A 36 -12.69 -6.98 1.15
CA GLY A 36 -13.99 -7.44 0.69
C GLY A 36 -13.84 -8.32 -0.56
N PHE A 37 -12.69 -8.97 -0.67
CA PHE A 37 -12.41 -9.83 -1.80
C PHE A 37 -13.00 -11.23 -1.59
N SER A 38 -13.43 -11.83 -2.68
CA SER A 38 -14.00 -13.16 -2.64
C SER A 38 -13.60 -13.96 -3.87
N GLY A 39 -12.80 -14.99 -3.64
CA GLY A 39 -12.33 -15.83 -4.72
C GLY A 39 -11.30 -16.84 -4.21
N LEU A 40 -10.16 -16.86 -4.89
CA LEU A 40 -9.08 -17.77 -4.52
C LEU A 40 -7.76 -17.00 -4.48
N SER A 41 -6.69 -17.74 -4.26
CA SER A 41 -5.37 -17.15 -4.21
C SER A 41 -4.77 -17.05 -5.61
N ASP A 42 -5.60 -17.36 -6.59
CA ASP A 42 -5.16 -17.31 -7.98
C ASP A 42 -6.38 -17.52 -8.90
N ASP A 43 -7.23 -16.51 -8.92
CA ASP A 43 -8.43 -16.55 -9.75
C ASP A 43 -9.44 -15.54 -9.22
N LYS A 44 -10.58 -15.48 -9.90
CA LYS A 44 -11.64 -14.57 -9.52
C LYS A 44 -11.17 -13.13 -9.75
N ASN A 45 -10.31 -12.67 -8.86
CA ASN A 45 -9.78 -11.32 -8.96
C ASN A 45 -8.66 -11.14 -7.94
N TYR A 46 -7.78 -12.12 -7.89
CA TYR A 46 -6.67 -12.08 -6.96
C TYR A 46 -5.39 -11.57 -7.64
N LYS A 47 -5.15 -12.11 -8.83
CA LYS A 47 -3.98 -11.72 -9.59
C LYS A 47 -3.90 -10.20 -9.68
N ARG A 48 -5.01 -9.61 -10.12
CA ARG A 48 -5.08 -8.16 -10.24
C ARG A 48 -4.75 -7.49 -8.90
N LEU A 49 -5.65 -7.68 -7.95
CA LEU A 49 -5.48 -7.11 -6.62
C LEU A 49 -4.02 -7.29 -6.19
N GLU A 50 -3.56 -8.53 -6.23
CA GLU A 50 -2.19 -8.84 -5.84
C GLU A 50 -1.21 -8.02 -6.68
N ARG A 51 -1.39 -8.08 -7.99
CA ARG A 51 -0.53 -7.34 -8.90
C ARG A 51 -0.45 -5.87 -8.49
N ILE A 52 -1.60 -5.35 -8.07
CA ILE A 52 -1.69 -3.96 -7.66
C ILE A 52 -0.80 -3.75 -6.43
N LEU A 53 -1.04 -4.58 -5.41
CA LEU A 53 -0.28 -4.49 -4.19
C LEU A 53 1.19 -4.76 -4.48
N THR A 54 1.44 -5.87 -5.16
CA THR A 54 2.80 -6.26 -5.52
C THR A 54 3.46 -5.16 -6.35
N LYS A 55 2.71 -4.68 -7.34
CA LYS A 55 3.22 -3.63 -8.21
C LYS A 55 3.48 -2.36 -7.39
N GLN A 56 2.50 -2.03 -6.55
CA GLN A 56 2.60 -0.86 -5.71
C GLN A 56 3.80 -0.99 -4.77
N LEU A 57 3.86 -2.11 -4.07
CA LEU A 57 4.94 -2.37 -3.14
C LEU A 57 6.28 -2.14 -3.85
N PHE A 58 6.43 -2.82 -4.98
CA PHE A 58 7.65 -2.71 -5.76
C PHE A 58 8.00 -1.24 -6.03
N GLU A 59 6.96 -0.41 -6.02
CA GLU A 59 7.15 1.01 -6.26
C GLU A 59 7.61 1.71 -4.98
N ILE A 60 7.14 1.18 -3.86
CA ILE A 60 7.50 1.73 -2.56
C ILE A 60 9.01 1.64 -2.37
N ASP A 61 9.55 0.49 -2.72
CA ASP A 61 10.98 0.26 -2.58
C ASP A 61 11.73 1.20 -3.53
N SER A 62 11.04 1.60 -4.59
CA SER A 62 11.63 2.48 -5.58
C SER A 62 11.75 3.90 -4.99
N VAL A 63 10.75 4.26 -4.19
CA VAL A 63 10.74 5.57 -3.57
C VAL A 63 11.99 5.74 -2.71
N ASP A 64 12.81 6.72 -3.11
CA ASP A 64 14.03 7.00 -2.38
C ASP A 64 13.72 7.79 -1.12
N THR A 65 14.53 7.57 -0.10
CA THR A 65 14.34 8.26 1.17
C THR A 65 15.42 9.33 1.37
N GLU A 66 16.66 8.91 1.15
CA GLU A 66 17.79 9.82 1.29
C GLU A 66 17.98 10.19 2.76
N GLY A 67 17.55 9.29 3.64
CA GLY A 67 17.66 9.52 5.07
C GLY A 67 16.75 10.66 5.51
N LYS A 68 15.46 10.50 5.22
CA LYS A 68 14.48 11.50 5.59
C LYS A 68 13.30 10.82 6.28
N GLY A 69 13.37 10.79 7.60
CA GLY A 69 12.31 10.17 8.40
C GLY A 69 10.93 10.46 7.79
N ASP A 70 10.64 11.74 7.66
CA ASP A 70 9.37 12.16 7.10
C ASP A 70 8.97 11.21 5.98
N ILE A 71 9.96 10.83 5.18
CA ILE A 71 9.72 9.92 4.07
C ILE A 71 9.90 8.49 4.56
N GLN A 72 11.09 8.19 5.04
CA GLN A 72 11.40 6.86 5.53
C GLN A 72 10.20 6.29 6.29
N GLN A 73 9.55 7.15 7.05
CA GLN A 73 8.39 6.74 7.83
C GLN A 73 7.25 6.34 6.90
N ALA A 74 6.88 7.28 6.04
CA ALA A 74 5.80 7.04 5.10
C ALA A 74 6.11 5.78 4.28
N ARG A 75 7.30 5.77 3.71
CA ARG A 75 7.74 4.64 2.91
C ARG A 75 7.59 3.34 3.69
N LYS A 76 8.42 3.20 4.71
CA LYS A 76 8.39 2.01 5.54
C LYS A 76 6.96 1.76 6.02
N ARG A 77 6.23 2.85 6.19
CA ARG A 77 4.85 2.77 6.64
C ARG A 77 3.97 2.14 5.54
N ALA A 78 4.31 2.45 4.31
CA ALA A 78 3.58 1.92 3.17
C ALA A 78 4.08 0.51 2.86
N ALA A 79 5.38 0.34 2.97
CA ALA A 79 6.00 -0.95 2.68
C ALA A 79 5.35 -2.01 3.57
N GLN A 80 4.85 -1.57 4.72
CA GLN A 80 4.20 -2.47 5.65
C GLN A 80 2.71 -2.56 5.35
N GLU A 81 2.10 -1.39 5.15
CA GLU A 81 0.68 -1.34 4.85
C GLU A 81 0.36 -2.20 3.63
N THR A 82 0.94 -1.84 2.50
CA THR A 82 0.73 -2.57 1.28
C THR A 82 0.97 -4.06 1.49
N GLU A 83 2.01 -4.36 2.25
CA GLU A 83 2.36 -5.73 2.54
C GLU A 83 1.37 -6.34 3.55
N ARG A 84 0.72 -5.46 4.29
CA ARG A 84 -0.25 -5.87 5.27
C ARG A 84 -1.51 -6.42 4.58
N LEU A 85 -1.99 -5.66 3.61
CA LEU A 85 -3.17 -6.04 2.87
C LEU A 85 -2.88 -7.31 2.07
N LEU A 86 -1.77 -7.26 1.32
CA LEU A 86 -1.37 -8.39 0.51
C LEU A 86 -1.53 -9.68 1.32
N LYS A 87 -1.20 -9.59 2.59
CA LYS A 87 -1.31 -10.73 3.48
C LYS A 87 -2.75 -11.22 3.52
N GLU A 88 -3.66 -10.26 3.67
CA GLU A 88 -5.07 -10.57 3.73
C GLU A 88 -5.55 -11.16 2.40
N LEU A 89 -5.04 -10.59 1.32
CA LEU A 89 -5.40 -11.05 -0.01
C LEU A 89 -5.32 -12.57 -0.06
N GLU A 90 -4.34 -13.10 0.65
CA GLU A 90 -4.14 -14.55 0.71
C GLU A 90 -5.29 -15.21 1.48
N GLN A 91 -5.58 -14.64 2.64
CA GLN A 91 -6.65 -15.16 3.47
C GLN A 91 -8.01 -14.90 2.83
N ASN A 92 -8.32 -13.62 2.68
CA ASN A 92 -9.58 -13.23 2.08
C ASN A 92 -9.87 -14.12 0.87
N ALA A 93 -8.82 -14.41 0.12
CA ALA A 93 -8.94 -15.25 -1.06
C ALA A 93 -9.91 -16.40 -0.75
N SER A 94 -9.40 -17.38 -0.01
CA SER A 94 -10.19 -18.53 0.35
C SER A 94 -9.31 -19.57 1.05
N GLY A 95 -8.23 -19.92 0.39
CA GLY A 95 -7.30 -20.90 0.94
C GLY A 95 -5.89 -20.69 0.39
N PRO A 96 -4.88 -21.11 1.21
CA PRO A 96 -3.50 -20.96 0.81
C PRO A 96 -3.11 -22.00 -0.26
N SER A 97 -3.85 -21.96 -1.35
CA SER A 97 -3.60 -22.89 -2.45
C SER A 97 -3.90 -24.32 -2.01
N SER A 98 -4.89 -24.91 -2.66
CA SER A 98 -5.28 -26.27 -2.33
C SER A 98 -4.83 -27.22 -3.46
N GLY A 99 -4.76 -28.50 -3.12
CA GLY A 99 -4.35 -29.51 -4.08
C GLY A 99 -3.03 -30.15 -3.65
N GLY A 1 1.35 3.15 17.94
CA GLY A 1 0.23 3.77 18.61
C GLY A 1 -0.93 4.02 17.62
N SER A 2 -1.90 3.13 17.67
CA SER A 2 -3.05 3.24 16.78
C SER A 2 -3.49 4.70 16.68
N SER A 3 -3.88 5.09 15.47
CA SER A 3 -4.32 6.45 15.23
C SER A 3 -3.20 7.44 15.56
N GLY A 4 -3.40 8.67 15.13
CA GLY A 4 -2.41 9.72 15.38
C GLY A 4 -3.09 11.07 15.55
N SER A 5 -3.36 11.71 14.42
CA SER A 5 -3.99 13.01 14.44
C SER A 5 -4.38 13.42 13.01
N SER A 6 -3.38 13.49 12.16
CA SER A 6 -3.60 13.85 10.76
C SER A 6 -2.35 13.57 9.94
N GLY A 7 -2.44 12.54 9.11
CA GLY A 7 -1.33 12.15 8.26
C GLY A 7 -1.23 13.07 7.04
N MET A 8 -0.67 14.25 7.28
CA MET A 8 -0.50 15.22 6.21
C MET A 8 0.73 16.08 6.44
N ASP A 9 1.45 16.34 5.35
CA ASP A 9 2.65 17.15 5.42
C ASP A 9 2.41 18.47 4.70
N MET A 10 3.23 19.46 5.06
CA MET A 10 3.11 20.77 4.45
C MET A 10 4.49 21.39 4.22
N GLY A 11 4.52 22.41 3.38
CA GLY A 11 5.76 23.10 3.06
C GLY A 11 6.63 22.26 2.13
N ASN A 12 6.81 22.76 0.92
CA ASN A 12 7.62 22.08 -0.07
C ASN A 12 7.18 20.61 -0.15
N GLN A 13 6.28 20.33 -1.09
CA GLN A 13 5.78 18.98 -1.26
C GLN A 13 6.87 18.09 -1.87
N HIS A 14 7.60 17.43 -0.99
CA HIS A 14 8.66 16.54 -1.42
C HIS A 14 8.21 15.75 -2.65
N PRO A 15 9.17 15.58 -3.61
CA PRO A 15 8.88 14.85 -4.83
C PRO A 15 8.80 13.34 -4.58
N SER A 16 9.27 12.96 -3.39
CA SER A 16 9.26 11.56 -3.01
C SER A 16 8.00 11.24 -2.22
N ILE A 17 7.44 12.28 -1.61
CA ILE A 17 6.24 12.13 -0.81
C ILE A 17 5.01 12.22 -1.73
N SER A 18 5.09 13.13 -2.69
CA SER A 18 4.00 13.32 -3.63
C SER A 18 3.74 12.02 -4.40
N ARG A 19 4.77 11.19 -4.47
CA ARG A 19 4.68 9.92 -5.16
C ARG A 19 3.94 8.90 -4.31
N LEU A 20 4.38 8.79 -3.06
CA LEU A 20 3.78 7.86 -2.13
C LEU A 20 2.27 8.14 -2.03
N GLN A 21 1.95 9.42 -2.02
CA GLN A 21 0.56 9.85 -1.93
C GLN A 21 -0.24 9.26 -3.10
N GLU A 22 0.45 9.04 -4.19
CA GLU A 22 -0.18 8.50 -5.39
C GLU A 22 -0.22 6.97 -5.32
N ILE A 23 0.68 6.43 -4.50
CA ILE A 23 0.77 4.99 -4.33
C ILE A 23 -0.19 4.54 -3.23
N GLN A 24 -0.29 5.38 -2.21
CA GLN A 24 -1.17 5.08 -1.08
C GLN A 24 -2.63 5.06 -1.55
N ARG A 25 -3.04 6.17 -2.16
CA ARG A 25 -4.39 6.29 -2.66
C ARG A 25 -4.75 5.09 -3.53
N GLU A 26 -3.71 4.46 -4.08
CA GLU A 26 -3.91 3.30 -4.94
C GLU A 26 -4.17 2.05 -4.10
N VAL A 27 -3.14 1.65 -3.36
CA VAL A 27 -3.25 0.48 -2.51
C VAL A 27 -4.46 0.63 -1.58
N LYS A 28 -4.76 1.88 -1.26
CA LYS A 28 -5.87 2.18 -0.38
C LYS A 28 -7.18 2.07 -1.17
N ALA A 29 -7.13 2.57 -2.40
CA ALA A 29 -8.29 2.54 -3.27
C ALA A 29 -8.60 1.09 -3.66
N ILE A 30 -7.65 0.22 -3.33
CA ILE A 30 -7.80 -1.20 -3.64
C ILE A 30 -7.80 -2.00 -2.34
N GLU A 31 -7.75 -1.27 -1.23
CA GLU A 31 -7.75 -1.91 0.07
C GLU A 31 -9.06 -2.66 0.31
N PRO A 32 -10.18 -2.00 -0.07
CA PRO A 32 -11.49 -2.59 0.09
C PRO A 32 -11.74 -3.67 -0.96
N GLN A 33 -10.74 -3.89 -1.79
CA GLN A 33 -10.82 -4.88 -2.84
C GLN A 33 -10.22 -6.21 -2.36
N VAL A 34 -9.57 -6.15 -1.22
CA VAL A 34 -8.94 -7.32 -0.64
C VAL A 34 -9.57 -7.62 0.72
N VAL A 35 -9.85 -6.54 1.45
CA VAL A 35 -10.44 -6.68 2.77
C VAL A 35 -11.79 -7.42 2.65
N GLY A 36 -12.64 -6.89 1.78
CA GLY A 36 -13.94 -7.48 1.56
C GLY A 36 -13.96 -8.30 0.27
N PHE A 37 -12.86 -9.00 0.03
CA PHE A 37 -12.73 -9.82 -1.16
C PHE A 37 -13.30 -11.22 -0.92
N SER A 38 -13.57 -11.91 -2.02
CA SER A 38 -14.12 -13.25 -1.94
C SER A 38 -13.72 -14.05 -3.19
N GLY A 39 -13.07 -15.18 -2.94
CA GLY A 39 -12.64 -16.04 -4.02
C GLY A 39 -11.48 -16.94 -3.58
N LEU A 40 -10.62 -17.26 -4.54
CA LEU A 40 -9.47 -18.10 -4.26
C LEU A 40 -8.19 -17.26 -4.35
N SER A 41 -7.07 -17.92 -4.10
CA SER A 41 -5.79 -17.24 -4.14
C SER A 41 -5.13 -17.45 -5.52
N ASP A 42 -5.98 -17.48 -6.54
CA ASP A 42 -5.50 -17.67 -7.90
C ASP A 42 -6.70 -17.71 -8.85
N ASP A 43 -7.49 -16.66 -8.80
CA ASP A 43 -8.67 -16.56 -9.64
C ASP A 43 -8.52 -15.37 -10.59
N LYS A 44 -9.57 -15.12 -11.36
CA LYS A 44 -9.57 -14.03 -12.30
C LYS A 44 -9.89 -12.72 -11.57
N ASN A 45 -9.08 -12.44 -10.56
CA ASN A 45 -9.27 -11.23 -9.77
C ASN A 45 -8.15 -11.14 -8.73
N TYR A 46 -8.09 -12.15 -7.88
CA TYR A 46 -7.08 -12.19 -6.83
C TYR A 46 -5.72 -11.70 -7.36
N LYS A 47 -5.29 -12.31 -8.45
CA LYS A 47 -4.03 -11.95 -9.07
C LYS A 47 -3.90 -10.43 -9.09
N ARG A 48 -4.78 -9.81 -9.86
CA ARG A 48 -4.77 -8.36 -9.99
C ARG A 48 -4.61 -7.71 -8.62
N LEU A 49 -5.49 -8.09 -7.70
CA LEU A 49 -5.45 -7.56 -6.35
C LEU A 49 -4.01 -7.56 -5.84
N GLU A 50 -3.38 -8.72 -5.93
CA GLU A 50 -2.01 -8.86 -5.50
C GLU A 50 -1.07 -8.07 -6.41
N ARG A 51 -1.20 -8.32 -7.71
CA ARG A 51 -0.38 -7.63 -8.68
C ARG A 51 -0.28 -6.14 -8.36
N ILE A 52 -1.42 -5.58 -7.98
CA ILE A 52 -1.48 -4.17 -7.63
C ILE A 52 -0.59 -3.90 -6.41
N LEU A 53 -0.91 -4.60 -5.33
CA LEU A 53 -0.15 -4.46 -4.10
C LEU A 53 1.33 -4.68 -4.39
N THR A 54 1.63 -5.86 -4.92
CA THR A 54 3.00 -6.21 -5.25
C THR A 54 3.64 -5.13 -6.13
N LYS A 55 2.86 -4.68 -7.11
CA LYS A 55 3.33 -3.64 -8.01
C LYS A 55 3.57 -2.35 -7.24
N GLN A 56 2.50 -1.81 -6.70
CA GLN A 56 2.58 -0.57 -5.93
C GLN A 56 3.76 -0.65 -4.94
N LEU A 57 3.86 -1.80 -4.29
CA LEU A 57 4.92 -2.01 -3.32
C LEU A 57 6.26 -1.66 -3.96
N PHE A 58 6.55 -2.33 -5.06
CA PHE A 58 7.79 -2.11 -5.79
C PHE A 58 8.05 -0.61 -5.98
N GLU A 59 6.96 0.13 -6.04
CA GLU A 59 7.05 1.58 -6.23
C GLU A 59 7.41 2.26 -4.90
N ILE A 60 6.96 1.63 -3.82
CA ILE A 60 7.22 2.18 -2.49
C ILE A 60 8.73 2.19 -2.24
N ASP A 61 9.36 1.08 -2.60
CA ASP A 61 10.80 0.95 -2.42
C ASP A 61 11.52 1.90 -3.37
N SER A 62 10.89 2.14 -4.51
CA SER A 62 11.46 3.02 -5.51
C SER A 62 11.66 4.42 -4.92
N VAL A 63 10.69 4.83 -4.11
CA VAL A 63 10.75 6.13 -3.47
C VAL A 63 12.06 6.27 -2.71
N ASP A 64 12.92 7.14 -3.21
CA ASP A 64 14.21 7.38 -2.59
C ASP A 64 14.01 8.01 -1.22
N THR A 65 14.62 7.40 -0.22
CA THR A 65 14.51 7.89 1.15
C THR A 65 15.72 8.76 1.50
N GLU A 66 16.90 8.23 1.18
CA GLU A 66 18.14 8.94 1.46
C GLU A 66 18.26 9.22 2.97
N GLY A 67 17.88 8.23 3.75
CA GLY A 67 17.95 8.36 5.20
C GLY A 67 17.54 9.76 5.64
N LYS A 68 16.41 10.20 5.12
CA LYS A 68 15.89 11.52 5.45
C LYS A 68 14.95 11.41 6.66
N GLY A 69 14.07 10.42 6.58
CA GLY A 69 13.11 10.21 7.65
C GLY A 69 11.68 10.46 7.18
N ASP A 70 11.44 11.70 6.79
CA ASP A 70 10.13 12.10 6.30
C ASP A 70 9.59 11.01 5.37
N ILE A 71 10.52 10.31 4.73
CA ILE A 71 10.15 9.25 3.80
C ILE A 71 10.31 7.90 4.50
N GLN A 72 11.48 7.71 5.09
CA GLN A 72 11.78 6.47 5.79
C GLN A 72 10.62 6.09 6.71
N GLN A 73 9.86 7.10 7.10
CA GLN A 73 8.72 6.89 7.98
C GLN A 73 7.49 6.47 7.16
N ALA A 74 7.19 7.28 6.15
CA ALA A 74 6.05 7.00 5.30
C ALA A 74 6.32 5.74 4.49
N ARG A 75 7.41 5.78 3.73
CA ARG A 75 7.80 4.64 2.91
C ARG A 75 7.50 3.33 3.64
N LYS A 76 8.29 3.07 4.66
CA LYS A 76 8.12 1.86 5.44
C LYS A 76 6.66 1.71 5.84
N ARG A 77 6.12 2.78 6.40
CA ARG A 77 4.72 2.78 6.82
C ARG A 77 3.82 2.28 5.69
N ALA A 78 4.11 2.76 4.49
CA ALA A 78 3.33 2.37 3.33
C ALA A 78 3.68 0.93 2.95
N ALA A 79 4.97 0.67 2.89
CA ALA A 79 5.44 -0.67 2.55
C ALA A 79 4.72 -1.71 3.42
N GLN A 80 4.58 -1.36 4.69
CA GLN A 80 3.92 -2.24 5.63
C GLN A 80 2.42 -2.31 5.34
N GLU A 81 1.84 -1.12 5.14
CA GLU A 81 0.43 -1.03 4.85
C GLU A 81 0.06 -1.95 3.68
N THR A 82 0.82 -1.82 2.60
CA THR A 82 0.57 -2.63 1.42
C THR A 82 0.79 -4.11 1.74
N GLU A 83 1.96 -4.42 2.25
CA GLU A 83 2.29 -5.78 2.60
C GLU A 83 1.23 -6.37 3.53
N ARG A 84 0.61 -5.48 4.30
CA ARG A 84 -0.42 -5.89 5.23
C ARG A 84 -1.61 -6.51 4.48
N LEU A 85 -2.12 -5.74 3.53
CA LEU A 85 -3.24 -6.19 2.73
C LEU A 85 -2.85 -7.44 1.95
N LEU A 86 -1.62 -7.43 1.45
CA LEU A 86 -1.11 -8.55 0.68
C LEU A 86 -1.28 -9.83 1.51
N LYS A 87 -1.39 -9.65 2.81
CA LYS A 87 -1.57 -10.78 3.72
C LYS A 87 -3.05 -11.10 3.85
N GLU A 88 -3.85 -10.05 3.91
CA GLU A 88 -5.29 -10.21 4.04
C GLU A 88 -5.86 -10.93 2.81
N LEU A 89 -5.40 -10.50 1.65
CA LEU A 89 -5.86 -11.08 0.40
C LEU A 89 -5.91 -12.60 0.55
N GLU A 90 -4.75 -13.18 0.81
CA GLU A 90 -4.65 -14.62 0.97
C GLU A 90 -5.80 -15.14 1.85
N GLN A 91 -5.82 -14.68 3.09
CA GLN A 91 -6.85 -15.08 4.03
C GLN A 91 -8.23 -14.82 3.42
N ASN A 92 -8.49 -13.56 3.13
CA ASN A 92 -9.77 -13.17 2.55
C ASN A 92 -10.17 -14.17 1.47
N ALA A 93 -9.23 -14.41 0.56
CA ALA A 93 -9.48 -15.35 -0.53
C ALA A 93 -10.21 -16.58 0.02
N SER A 94 -9.45 -17.50 0.58
CA SER A 94 -10.01 -18.71 1.14
C SER A 94 -8.95 -19.46 1.96
N GLY A 95 -7.86 -19.79 1.28
CA GLY A 95 -6.77 -20.51 1.93
C GLY A 95 -6.01 -19.59 2.89
N PRO A 96 -5.40 -20.22 3.92
CA PRO A 96 -4.64 -19.48 4.92
C PRO A 96 -3.30 -19.01 4.35
N SER A 97 -2.55 -18.30 5.19
CA SER A 97 -1.26 -17.80 4.77
C SER A 97 -0.18 -18.86 5.02
N SER A 98 -0.01 -19.20 6.28
CA SER A 98 0.97 -20.20 6.66
C SER A 98 2.37 -19.76 6.22
N GLY A 99 3.06 -19.09 7.12
CA GLY A 99 4.41 -18.60 6.83
C GLY A 99 4.35 -17.32 6.00
N GLY A 1 -13.18 5.02 11.00
CA GLY A 1 -12.51 4.04 11.84
C GLY A 1 -10.99 4.12 11.68
N SER A 2 -10.31 4.41 12.78
CA SER A 2 -8.87 4.52 12.78
C SER A 2 -8.42 5.39 11.60
N SER A 3 -8.24 6.67 11.89
CA SER A 3 -7.81 7.61 10.87
C SER A 3 -7.38 8.92 11.52
N GLY A 4 -6.47 9.62 10.83
CA GLY A 4 -5.97 10.89 11.33
C GLY A 4 -5.03 11.54 10.32
N SER A 5 -5.49 12.63 9.73
CA SER A 5 -4.71 13.35 8.75
C SER A 5 -4.82 14.85 9.00
N SER A 6 -3.70 15.54 8.78
CA SER A 6 -3.66 16.97 8.97
C SER A 6 -2.43 17.56 8.27
N GLY A 7 -2.48 18.86 8.03
CA GLY A 7 -1.38 19.55 7.37
C GLY A 7 -0.43 20.16 8.40
N MET A 8 0.54 20.89 7.89
CA MET A 8 1.53 21.54 8.76
C MET A 8 2.28 22.64 8.01
N ASP A 9 2.91 22.25 6.91
CA ASP A 9 3.65 23.20 6.10
C ASP A 9 3.23 23.05 4.64
N MET A 10 3.57 24.07 3.86
CA MET A 10 3.23 24.08 2.45
C MET A 10 4.19 24.96 1.65
N GLY A 11 5.14 24.31 0.99
CA GLY A 11 6.12 25.03 0.20
C GLY A 11 6.61 24.18 -0.98
N ASN A 12 7.37 23.15 -0.64
CA ASN A 12 7.90 22.25 -1.65
C ASN A 12 7.40 20.83 -1.38
N GLN A 13 6.74 20.27 -2.40
CA GLN A 13 6.20 18.93 -2.29
C GLN A 13 7.23 17.90 -2.76
N HIS A 14 7.96 17.36 -1.80
CA HIS A 14 8.98 16.37 -2.10
C HIS A 14 8.46 15.42 -3.19
N PRO A 15 9.40 15.02 -4.10
CA PRO A 15 9.06 14.12 -5.18
C PRO A 15 8.89 12.68 -4.67
N SER A 16 9.12 12.52 -3.37
CA SER A 16 8.99 11.22 -2.76
C SER A 16 7.66 11.11 -2.01
N ILE A 17 7.29 12.21 -1.36
CA ILE A 17 6.05 12.26 -0.61
C ILE A 17 4.87 12.06 -1.57
N SER A 18 4.85 12.89 -2.61
CA SER A 18 3.79 12.81 -3.60
C SER A 18 3.67 11.38 -4.13
N ARG A 19 4.82 10.79 -4.40
CA ARG A 19 4.84 9.43 -4.92
C ARG A 19 4.14 8.48 -3.94
N LEU A 20 4.63 8.47 -2.71
CA LEU A 20 4.05 7.61 -1.68
C LEU A 20 2.55 7.87 -1.59
N GLN A 21 2.19 9.14 -1.72
CA GLN A 21 0.79 9.53 -1.66
C GLN A 21 0.04 8.99 -2.87
N GLU A 22 0.75 8.90 -3.98
CA GLU A 22 0.16 8.41 -5.21
C GLU A 22 0.11 6.88 -5.20
N ILE A 23 0.99 6.30 -4.40
CA ILE A 23 1.06 4.85 -4.29
C ILE A 23 0.15 4.39 -3.16
N GLN A 24 0.14 5.16 -2.08
CA GLN A 24 -0.70 4.84 -0.94
C GLN A 24 -2.17 4.84 -1.33
N ARG A 25 -2.58 5.92 -1.99
CA ARG A 25 -3.95 6.06 -2.43
C ARG A 25 -4.35 4.87 -3.30
N GLU A 26 -3.37 4.36 -4.03
CA GLU A 26 -3.61 3.22 -4.91
C GLU A 26 -3.94 1.98 -4.09
N VAL A 27 -2.99 1.59 -3.24
CA VAL A 27 -3.17 0.42 -2.40
C VAL A 27 -4.39 0.63 -1.50
N LYS A 28 -4.65 1.88 -1.20
CA LYS A 28 -5.79 2.23 -0.35
C LYS A 28 -7.07 2.14 -1.17
N ALA A 29 -6.98 2.60 -2.41
CA ALA A 29 -8.13 2.57 -3.31
C ALA A 29 -8.47 1.13 -3.66
N ILE A 30 -7.55 0.24 -3.31
CA ILE A 30 -7.73 -1.18 -3.58
C ILE A 30 -7.78 -1.95 -2.26
N GLU A 31 -7.75 -1.20 -1.17
CA GLU A 31 -7.79 -1.79 0.14
C GLU A 31 -9.13 -2.50 0.38
N PRO A 32 -10.22 -1.82 -0.07
CA PRO A 32 -11.56 -2.36 0.08
C PRO A 32 -11.80 -3.48 -0.94
N GLN A 33 -10.78 -3.74 -1.74
CA GLN A 33 -10.88 -4.78 -2.76
C GLN A 33 -10.31 -6.10 -2.21
N VAL A 34 -9.67 -6.00 -1.05
CA VAL A 34 -9.08 -7.17 -0.42
C VAL A 34 -9.82 -7.46 0.88
N VAL A 35 -10.27 -6.39 1.52
CA VAL A 35 -10.98 -6.51 2.78
C VAL A 35 -12.26 -7.32 2.56
N GLY A 36 -12.94 -7.01 1.47
CA GLY A 36 -14.17 -7.70 1.13
C GLY A 36 -13.97 -8.65 -0.06
N PHE A 37 -12.76 -9.18 -0.15
CA PHE A 37 -12.41 -10.10 -1.22
C PHE A 37 -12.83 -11.53 -0.87
N SER A 38 -13.09 -12.31 -1.91
CA SER A 38 -13.49 -13.69 -1.73
C SER A 38 -13.12 -14.51 -2.98
N GLY A 39 -12.26 -15.49 -2.77
CA GLY A 39 -11.83 -16.35 -3.87
C GLY A 39 -10.38 -16.81 -3.66
N LEU A 40 -10.13 -18.03 -4.08
CA LEU A 40 -8.79 -18.60 -3.95
C LEU A 40 -7.75 -17.57 -4.38
N SER A 41 -6.51 -17.85 -4.04
CA SER A 41 -5.41 -16.96 -4.38
C SER A 41 -5.00 -17.17 -5.85
N ASP A 42 -5.99 -17.07 -6.73
CA ASP A 42 -5.74 -17.26 -8.15
C ASP A 42 -7.08 -17.25 -8.89
N ASP A 43 -7.86 -16.21 -8.63
CA ASP A 43 -9.16 -16.08 -9.27
C ASP A 43 -9.21 -14.77 -10.06
N LYS A 44 -10.29 -14.59 -10.79
CA LYS A 44 -10.47 -13.39 -11.59
C LYS A 44 -10.76 -12.20 -10.67
N ASN A 45 -9.76 -11.85 -9.88
CA ASN A 45 -9.90 -10.74 -8.94
C ASN A 45 -8.64 -10.65 -8.08
N TYR A 46 -8.24 -11.80 -7.55
CA TYR A 46 -7.07 -11.85 -6.70
C TYR A 46 -5.82 -11.40 -7.47
N LYS A 47 -5.66 -11.97 -8.65
CA LYS A 47 -4.51 -11.64 -9.49
C LYS A 47 -4.32 -10.12 -9.51
N ARG A 48 -5.29 -9.45 -10.12
CA ARG A 48 -5.23 -8.00 -10.22
C ARG A 48 -4.73 -7.39 -8.90
N LEU A 49 -5.55 -7.54 -7.87
CA LEU A 49 -5.20 -7.02 -6.56
C LEU A 49 -3.71 -7.26 -6.30
N GLU A 50 -3.37 -8.53 -6.17
CA GLU A 50 -1.99 -8.93 -5.92
C GLU A 50 -1.04 -8.09 -6.79
N ARG A 51 -1.31 -8.11 -8.09
CA ARG A 51 -0.49 -7.36 -9.03
C ARG A 51 -0.36 -5.92 -8.58
N ILE A 52 -1.49 -5.27 -8.39
CA ILE A 52 -1.52 -3.88 -7.97
C ILE A 52 -0.59 -3.71 -6.77
N LEU A 53 -0.87 -4.48 -5.72
CA LEU A 53 -0.06 -4.42 -4.52
C LEU A 53 1.42 -4.64 -4.87
N THR A 54 1.67 -5.80 -5.48
CA THR A 54 3.02 -6.14 -5.89
C THR A 54 3.65 -5.01 -6.69
N LYS A 55 2.81 -4.34 -7.46
CA LYS A 55 3.26 -3.23 -8.29
C LYS A 55 3.54 -2.02 -7.41
N GLN A 56 2.52 -1.64 -6.64
CA GLN A 56 2.64 -0.50 -5.75
C GLN A 56 3.85 -0.66 -4.83
N LEU A 57 3.96 -1.85 -4.26
CA LEU A 57 5.06 -2.16 -3.37
C LEU A 57 6.39 -1.89 -4.08
N PHE A 58 6.56 -2.56 -5.21
CA PHE A 58 7.77 -2.40 -6.00
C PHE A 58 8.11 -0.92 -6.19
N GLU A 59 7.07 -0.10 -6.15
CA GLU A 59 7.24 1.33 -6.32
C GLU A 59 7.72 1.97 -5.01
N ILE A 60 7.27 1.38 -3.91
CA ILE A 60 7.64 1.88 -2.59
C ILE A 60 9.16 1.77 -2.42
N ASP A 61 9.65 0.56 -2.69
CA ASP A 61 11.07 0.30 -2.56
C ASP A 61 11.85 1.23 -3.51
N SER A 62 11.16 1.67 -4.55
CA SER A 62 11.76 2.56 -5.53
C SER A 62 11.84 3.98 -4.97
N VAL A 63 10.88 4.30 -4.11
CA VAL A 63 10.83 5.60 -3.50
C VAL A 63 12.05 5.79 -2.60
N ASP A 64 12.90 6.74 -2.99
CA ASP A 64 14.10 7.01 -2.22
C ASP A 64 13.73 7.79 -0.96
N THR A 65 14.55 7.63 0.06
CA THR A 65 14.31 8.30 1.33
C THR A 65 15.38 9.37 1.56
N GLU A 66 16.60 9.05 1.15
CA GLU A 66 17.71 9.97 1.31
C GLU A 66 17.92 10.30 2.79
N GLY A 67 17.49 9.37 3.64
CA GLY A 67 17.63 9.55 5.07
C GLY A 67 16.73 10.69 5.57
N LYS A 68 15.45 10.56 5.29
CA LYS A 68 14.47 11.55 5.70
C LYS A 68 13.32 10.86 6.42
N GLY A 69 13.35 10.94 7.74
CA GLY A 69 12.32 10.33 8.56
C GLY A 69 10.95 10.51 7.91
N ASP A 70 10.59 11.76 7.66
CA ASP A 70 9.32 12.07 7.05
C ASP A 70 9.00 11.03 5.99
N ILE A 71 9.92 10.89 5.05
CA ILE A 71 9.75 9.94 3.97
C ILE A 71 9.95 8.52 4.51
N GLN A 72 11.12 8.29 5.07
CA GLN A 72 11.46 6.99 5.63
C GLN A 72 10.23 6.38 6.31
N GLN A 73 9.67 7.15 7.22
CA GLN A 73 8.48 6.71 7.95
C GLN A 73 7.38 6.27 6.98
N ALA A 74 6.97 7.23 6.15
CA ALA A 74 5.93 6.98 5.17
C ALA A 74 6.28 5.71 4.38
N ARG A 75 7.41 5.77 3.70
CA ARG A 75 7.86 4.64 2.90
C ARG A 75 7.72 3.34 3.69
N LYS A 76 8.55 3.22 4.71
CA LYS A 76 8.53 2.04 5.55
C LYS A 76 7.10 1.74 5.98
N ARG A 77 6.37 2.81 6.29
CA ARG A 77 4.99 2.68 6.71
C ARG A 77 4.13 2.13 5.57
N ALA A 78 4.57 2.43 4.34
CA ALA A 78 3.86 1.97 3.17
C ALA A 78 4.35 0.58 2.79
N ALA A 79 5.64 0.36 2.98
CA ALA A 79 6.24 -0.93 2.67
C ALA A 79 5.57 -2.02 3.51
N GLN A 80 4.91 -1.58 4.56
CA GLN A 80 4.22 -2.50 5.45
C GLN A 80 2.73 -2.53 5.13
N GLU A 81 2.15 -1.35 5.05
CA GLU A 81 0.73 -1.21 4.75
C GLU A 81 0.35 -2.14 3.59
N THR A 82 1.09 -2.00 2.50
CA THR A 82 0.84 -2.81 1.32
C THR A 82 0.95 -4.29 1.65
N GLU A 83 2.13 -4.68 2.11
CA GLU A 83 2.37 -6.07 2.47
C GLU A 83 1.39 -6.52 3.55
N ARG A 84 0.75 -5.53 4.18
CA ARG A 84 -0.21 -5.81 5.23
C ARG A 84 -1.51 -6.34 4.62
N LEU A 85 -1.96 -5.66 3.58
CA LEU A 85 -3.19 -6.03 2.90
C LEU A 85 -2.96 -7.34 2.15
N LEU A 86 -1.82 -7.40 1.47
CA LEU A 86 -1.47 -8.59 0.71
C LEU A 86 -1.87 -9.84 1.49
N LYS A 87 -1.68 -9.76 2.80
CA LYS A 87 -2.02 -10.88 3.68
C LYS A 87 -3.53 -11.14 3.59
N GLU A 88 -4.29 -10.20 4.12
CA GLU A 88 -5.73 -10.31 4.11
C GLU A 88 -6.22 -10.91 2.79
N LEU A 89 -5.60 -10.44 1.71
CA LEU A 89 -5.95 -10.92 0.38
C LEU A 89 -5.96 -12.45 0.38
N GLU A 90 -4.90 -13.02 0.93
CA GLU A 90 -4.78 -14.46 1.00
C GLU A 90 -5.76 -15.03 2.02
N GLN A 91 -5.67 -14.51 3.23
CA GLN A 91 -6.54 -14.96 4.30
C GLN A 91 -7.99 -15.01 3.82
N ASN A 92 -8.47 -13.88 3.33
CA ASN A 92 -9.82 -13.78 2.82
C ASN A 92 -10.03 -14.80 1.70
N ALA A 93 -9.00 -14.91 0.86
CA ALA A 93 -9.06 -15.83 -0.26
C ALA A 93 -9.71 -17.14 0.20
N SER A 94 -8.93 -17.94 0.92
CA SER A 94 -9.43 -19.21 1.41
C SER A 94 -8.36 -19.89 2.26
N GLY A 95 -7.12 -19.78 1.80
CA GLY A 95 -6.00 -20.37 2.50
C GLY A 95 -6.19 -21.88 2.68
N PRO A 96 -5.05 -22.60 2.86
CA PRO A 96 -5.09 -24.04 3.03
C PRO A 96 -5.60 -24.41 4.43
N SER A 97 -5.04 -23.74 5.42
CA SER A 97 -5.42 -23.99 6.80
C SER A 97 -5.07 -22.78 7.67
N SER A 98 -6.04 -22.37 8.48
CA SER A 98 -5.85 -21.23 9.36
C SER A 98 -5.50 -21.72 10.77
N GLY A 99 -4.99 -20.79 11.57
CA GLY A 99 -4.61 -21.11 12.94
C GLY A 99 -3.13 -20.81 13.18
N GLY A 1 -22.86 18.04 17.71
CA GLY A 1 -22.08 18.60 16.61
C GLY A 1 -20.59 18.57 16.94
N SER A 2 -19.79 18.96 15.95
CA SER A 2 -18.35 18.98 16.11
C SER A 2 -17.71 19.83 15.01
N SER A 3 -17.97 19.44 13.78
CA SER A 3 -17.43 20.15 12.64
C SER A 3 -15.90 20.10 12.66
N GLY A 4 -15.31 20.43 11.52
CA GLY A 4 -13.85 20.42 11.40
C GLY A 4 -13.43 20.57 9.94
N SER A 5 -12.59 19.64 9.50
CA SER A 5 -12.11 19.65 8.13
C SER A 5 -11.30 20.93 7.88
N SER A 6 -10.03 20.75 7.58
CA SER A 6 -9.15 21.87 7.32
C SER A 6 -7.80 21.37 6.82
N GLY A 7 -7.09 22.26 6.14
CA GLY A 7 -5.78 21.92 5.60
C GLY A 7 -5.75 22.07 4.08
N MET A 8 -5.09 23.13 3.64
CA MET A 8 -4.98 23.40 2.21
C MET A 8 -3.51 23.59 1.80
N ASP A 9 -3.19 23.08 0.62
CA ASP A 9 -1.84 23.19 0.11
C ASP A 9 -1.90 23.45 -1.40
N MET A 10 -0.77 23.90 -1.92
CA MET A 10 -0.67 24.20 -3.35
C MET A 10 0.79 24.45 -3.76
N GLY A 11 1.27 23.57 -4.64
CA GLY A 11 2.64 23.70 -5.12
C GLY A 11 3.25 22.32 -5.35
N ASN A 12 4.17 21.96 -4.47
CA ASN A 12 4.84 20.66 -4.58
C ASN A 12 4.95 20.04 -3.19
N GLN A 13 4.98 18.71 -3.17
CA GLN A 13 5.08 17.98 -1.92
C GLN A 13 6.10 16.85 -2.04
N HIS A 14 7.26 17.19 -2.57
CA HIS A 14 8.32 16.22 -2.75
C HIS A 14 7.84 15.12 -3.70
N PRO A 15 8.79 14.66 -4.56
CA PRO A 15 8.48 13.61 -5.52
C PRO A 15 8.40 12.24 -4.83
N SER A 16 8.98 12.18 -3.63
CA SER A 16 8.98 10.95 -2.87
C SER A 16 7.76 10.90 -1.96
N ILE A 17 7.47 12.04 -1.34
CA ILE A 17 6.33 12.14 -0.44
C ILE A 17 5.04 12.13 -1.26
N SER A 18 5.03 12.93 -2.31
CA SER A 18 3.87 13.01 -3.18
C SER A 18 3.56 11.64 -3.78
N ARG A 19 4.60 10.84 -3.92
CA ARG A 19 4.46 9.50 -4.46
C ARG A 19 3.56 8.65 -3.56
N LEU A 20 4.01 8.49 -2.32
CA LEU A 20 3.26 7.71 -1.36
C LEU A 20 1.80 8.14 -1.37
N GLN A 21 1.60 9.44 -1.53
CA GLN A 21 0.26 9.99 -1.58
C GLN A 21 -0.50 9.45 -2.79
N GLU A 22 0.25 9.15 -3.84
CA GLU A 22 -0.34 8.63 -5.05
C GLU A 22 -0.47 7.10 -4.97
N ILE A 23 0.20 6.54 -3.97
CA ILE A 23 0.17 5.10 -3.78
C ILE A 23 -0.85 4.76 -2.68
N GLN A 24 -0.65 5.39 -1.53
CA GLN A 24 -1.53 5.17 -0.39
C GLN A 24 -2.99 5.22 -0.84
N ARG A 25 -3.28 6.17 -1.72
CA ARG A 25 -4.63 6.33 -2.24
C ARG A 25 -5.04 5.09 -3.04
N GLU A 26 -4.06 4.49 -3.69
CA GLU A 26 -4.30 3.31 -4.49
C GLU A 26 -4.60 2.11 -3.59
N VAL A 27 -3.60 1.76 -2.79
CA VAL A 27 -3.73 0.63 -1.88
C VAL A 27 -4.99 0.82 -1.03
N LYS A 28 -5.29 2.07 -0.75
CA LYS A 28 -6.46 2.41 0.05
C LYS A 28 -7.72 2.27 -0.81
N ALA A 29 -7.60 2.71 -2.05
CA ALA A 29 -8.71 2.64 -2.98
C ALA A 29 -8.94 1.19 -3.40
N ILE A 30 -7.97 0.35 -3.04
CA ILE A 30 -8.06 -1.07 -3.37
C ILE A 30 -8.07 -1.88 -2.08
N GLU A 31 -7.98 -1.17 -0.97
CA GLU A 31 -7.99 -1.82 0.34
C GLU A 31 -9.28 -2.63 0.53
N PRO A 32 -10.42 -1.98 0.18
CA PRO A 32 -11.72 -2.62 0.31
C PRO A 32 -11.93 -3.64 -0.80
N GLN A 33 -11.03 -3.61 -1.77
CA GLN A 33 -11.10 -4.53 -2.90
C GLN A 33 -10.55 -5.89 -2.51
N VAL A 34 -9.82 -5.90 -1.40
CA VAL A 34 -9.22 -7.13 -0.91
C VAL A 34 -9.94 -7.57 0.37
N VAL A 35 -10.35 -6.58 1.15
CA VAL A 35 -11.05 -6.86 2.39
C VAL A 35 -12.37 -7.57 2.09
N GLY A 36 -13.06 -7.06 1.09
CA GLY A 36 -14.34 -7.64 0.70
C GLY A 36 -14.18 -8.49 -0.57
N PHE A 37 -13.01 -9.09 -0.70
CA PHE A 37 -12.72 -9.92 -1.86
C PHE A 37 -13.22 -11.35 -1.64
N SER A 38 -13.51 -12.01 -2.76
CA SER A 38 -14.01 -13.38 -2.71
C SER A 38 -13.49 -14.17 -3.91
N GLY A 39 -12.56 -15.07 -3.64
CA GLY A 39 -11.98 -15.90 -4.68
C GLY A 39 -10.60 -16.41 -4.27
N LEU A 40 -10.35 -17.67 -4.60
CA LEU A 40 -9.09 -18.30 -4.28
C LEU A 40 -7.94 -17.40 -4.74
N SER A 41 -6.73 -17.85 -4.45
CA SER A 41 -5.54 -17.11 -4.84
C SER A 41 -5.02 -17.61 -6.18
N ASP A 42 -3.97 -16.95 -6.65
CA ASP A 42 -3.37 -17.32 -7.92
C ASP A 42 -4.46 -17.70 -8.92
N ASP A 43 -5.42 -16.80 -9.05
CA ASP A 43 -6.54 -17.03 -9.97
C ASP A 43 -6.76 -15.78 -10.81
N LYS A 44 -7.53 -15.95 -11.87
CA LYS A 44 -7.84 -14.84 -12.77
C LYS A 44 -8.73 -13.84 -12.04
N ASN A 45 -8.15 -13.19 -11.04
CA ASN A 45 -8.88 -12.20 -10.26
C ASN A 45 -8.02 -11.74 -9.09
N TYR A 46 -7.41 -12.71 -8.43
CA TYR A 46 -6.56 -12.42 -7.29
C TYR A 46 -5.24 -11.78 -7.74
N LYS A 47 -4.89 -12.04 -8.99
CA LYS A 47 -3.67 -11.49 -9.55
C LYS A 47 -3.78 -9.97 -9.62
N ARG A 48 -4.91 -9.51 -10.15
CA ARG A 48 -5.15 -8.09 -10.29
C ARG A 48 -4.98 -7.39 -8.94
N LEU A 49 -5.63 -7.95 -7.93
CA LEU A 49 -5.55 -7.40 -6.59
C LEU A 49 -4.10 -7.41 -6.11
N GLU A 50 -3.56 -8.62 -5.98
CA GLU A 50 -2.18 -8.78 -5.54
C GLU A 50 -1.26 -7.88 -6.36
N ARG A 51 -1.34 -8.03 -7.66
CA ARG A 51 -0.51 -7.24 -8.57
C ARG A 51 -0.51 -5.77 -8.13
N ILE A 52 -1.71 -5.24 -7.94
CA ILE A 52 -1.86 -3.86 -7.53
C ILE A 52 -0.97 -3.60 -6.31
N LEU A 53 -1.27 -4.31 -5.23
CA LEU A 53 -0.51 -4.15 -4.00
C LEU A 53 0.99 -4.37 -4.30
N THR A 54 1.28 -5.53 -4.88
CA THR A 54 2.65 -5.86 -5.22
C THR A 54 3.31 -4.70 -5.96
N LYS A 55 2.61 -4.20 -6.97
CA LYS A 55 3.12 -3.10 -7.77
C LYS A 55 3.31 -1.87 -6.86
N GLN A 56 2.21 -1.46 -6.24
CA GLN A 56 2.24 -0.32 -5.35
C GLN A 56 3.37 -0.46 -4.34
N LEU A 57 3.41 -1.61 -3.69
CA LEU A 57 4.43 -1.89 -2.69
C LEU A 57 5.81 -1.65 -3.31
N PHE A 58 6.10 -2.41 -4.35
CA PHE A 58 7.37 -2.30 -5.04
C PHE A 58 7.72 -0.83 -5.31
N GLU A 59 6.68 -0.04 -5.49
CA GLU A 59 6.85 1.38 -5.77
C GLU A 59 7.26 2.11 -4.49
N ILE A 60 6.77 1.61 -3.37
CA ILE A 60 7.08 2.20 -2.08
C ILE A 60 8.59 2.14 -1.84
N ASP A 61 9.13 0.95 -2.04
CA ASP A 61 10.57 0.73 -1.85
C ASP A 61 11.34 1.46 -2.96
N SER A 62 10.74 1.47 -4.13
CA SER A 62 11.36 2.13 -5.27
C SER A 62 11.69 3.59 -4.93
N VAL A 63 10.65 4.32 -4.57
CA VAL A 63 10.81 5.72 -4.22
C VAL A 63 12.08 5.89 -3.38
N ASP A 64 13.03 6.61 -3.94
CA ASP A 64 14.29 6.84 -3.26
C ASP A 64 14.03 7.57 -1.94
N THR A 65 15.04 7.58 -1.09
CA THR A 65 14.92 8.23 0.20
C THR A 65 16.18 9.05 0.51
N GLU A 66 17.32 8.40 0.32
CA GLU A 66 18.60 9.06 0.56
C GLU A 66 18.81 9.26 2.07
N GLY A 67 18.49 8.23 2.83
CA GLY A 67 18.63 8.28 4.27
C GLY A 67 18.25 9.65 4.81
N LYS A 68 16.99 10.00 4.64
CA LYS A 68 16.49 11.28 5.11
C LYS A 68 15.54 11.06 6.29
N GLY A 69 15.03 9.84 6.38
CA GLY A 69 14.12 9.48 7.45
C GLY A 69 12.70 9.98 7.15
N ASP A 70 12.56 11.29 7.15
CA ASP A 70 11.26 11.90 6.88
C ASP A 70 10.55 11.12 5.77
N ILE A 71 11.35 10.65 4.83
CA ILE A 71 10.82 9.89 3.70
C ILE A 71 10.86 8.40 4.04
N GLN A 72 12.05 7.95 4.42
CA GLN A 72 12.25 6.55 4.77
C GLN A 72 11.14 6.09 5.73
N GLN A 73 10.91 6.89 6.75
CA GLN A 73 9.89 6.57 7.74
C GLN A 73 8.54 6.33 7.05
N ALA A 74 8.15 7.28 6.23
CA ALA A 74 6.89 7.18 5.50
C ALA A 74 6.85 5.84 4.77
N ARG A 75 7.85 5.61 3.95
CA ARG A 75 7.94 4.39 3.18
C ARG A 75 7.72 3.17 4.09
N LYS A 76 8.73 2.90 4.90
CA LYS A 76 8.67 1.77 5.83
C LYS A 76 7.25 1.69 6.43
N ARG A 77 6.70 2.87 6.70
CA ARG A 77 5.36 2.94 7.27
C ARG A 77 4.32 2.50 6.25
N ALA A 78 4.45 3.05 5.04
CA ALA A 78 3.53 2.71 3.97
C ALA A 78 3.71 1.25 3.58
N ALA A 79 4.96 0.86 3.40
CA ALA A 79 5.28 -0.51 3.03
C ALA A 79 4.41 -1.46 3.85
N GLN A 80 4.47 -1.29 5.16
CA GLN A 80 3.69 -2.13 6.06
C GLN A 80 2.20 -2.11 5.66
N GLU A 81 1.70 -0.90 5.48
CA GLU A 81 0.31 -0.73 5.09
C GLU A 81 -0.04 -1.66 3.93
N THR A 82 0.64 -1.44 2.81
CA THR A 82 0.41 -2.24 1.62
C THR A 82 0.33 -3.73 1.99
N GLU A 83 1.42 -4.23 2.55
CA GLU A 83 1.48 -5.62 2.96
C GLU A 83 0.24 -6.00 3.77
N ARG A 84 -0.05 -5.17 4.77
CA ARG A 84 -1.20 -5.40 5.62
C ARG A 84 -2.38 -5.91 4.79
N LEU A 85 -2.69 -5.15 3.74
CA LEU A 85 -3.79 -5.52 2.86
C LEU A 85 -3.49 -6.86 2.19
N LEU A 86 -2.34 -6.89 1.53
CA LEU A 86 -1.92 -8.11 0.84
C LEU A 86 -2.26 -9.33 1.69
N LYS A 87 -1.88 -9.25 2.96
CA LYS A 87 -2.15 -10.33 3.89
C LYS A 87 -3.61 -10.73 3.80
N GLU A 88 -4.48 -9.78 4.11
CA GLU A 88 -5.91 -10.01 4.07
C GLU A 88 -6.29 -10.72 2.76
N LEU A 89 -5.87 -10.12 1.66
CA LEU A 89 -6.16 -10.68 0.35
C LEU A 89 -5.99 -12.20 0.40
N GLU A 90 -4.77 -12.62 0.73
CA GLU A 90 -4.47 -14.04 0.81
C GLU A 90 -5.61 -14.77 1.52
N GLN A 91 -5.86 -14.37 2.75
CA GLN A 91 -6.91 -14.99 3.56
C GLN A 91 -8.25 -14.81 2.87
N ASN A 92 -8.67 -13.56 2.77
CA ASN A 92 -9.94 -13.25 2.14
C ASN A 92 -10.15 -14.14 0.91
N ALA A 93 -9.03 -14.49 0.29
CA ALA A 93 -9.06 -15.34 -0.89
C ALA A 93 -9.88 -16.59 -0.59
N SER A 94 -9.30 -17.46 0.22
CA SER A 94 -9.97 -18.70 0.59
C SER A 94 -9.07 -19.52 1.52
N GLY A 95 -7.78 -19.47 1.23
CA GLY A 95 -6.81 -20.19 2.03
C GLY A 95 -5.44 -20.23 1.34
N PRO A 96 -4.44 -20.79 2.07
CA PRO A 96 -3.10 -20.89 1.55
C PRO A 96 -3.00 -21.99 0.49
N SER A 97 -1.92 -21.94 -0.29
CA SER A 97 -1.70 -22.92 -1.33
C SER A 97 -0.23 -23.33 -1.35
N SER A 98 0.01 -24.52 -1.88
CA SER A 98 1.37 -25.05 -1.97
C SER A 98 1.53 -25.87 -3.25
N GLY A 99 0.68 -26.88 -3.38
CA GLY A 99 0.74 -27.75 -4.54
C GLY A 99 0.32 -26.99 -5.80
N GLY A 1 15.62 9.84 12.26
CA GLY A 1 14.98 9.06 13.30
C GLY A 1 14.46 9.96 14.42
N SER A 2 14.19 9.34 15.56
CA SER A 2 13.68 10.09 16.71
C SER A 2 12.40 10.83 16.33
N SER A 3 11.72 11.32 17.35
CA SER A 3 10.49 12.05 17.14
C SER A 3 10.67 13.07 16.01
N GLY A 4 9.74 13.03 15.07
CA GLY A 4 9.78 13.95 13.94
C GLY A 4 8.53 14.82 13.87
N SER A 5 7.62 14.43 12.99
CA SER A 5 6.38 15.15 12.82
C SER A 5 6.65 16.66 12.77
N SER A 6 6.87 17.15 11.56
CA SER A 6 7.14 18.57 11.37
C SER A 6 7.15 18.90 9.88
N GLY A 7 6.58 20.05 9.56
CA GLY A 7 6.52 20.50 8.18
C GLY A 7 5.29 21.37 7.94
N MET A 8 5.38 22.21 6.92
CA MET A 8 4.28 23.10 6.57
C MET A 8 3.43 22.51 5.46
N ASP A 9 2.16 22.89 5.46
CA ASP A 9 1.23 22.40 4.46
C ASP A 9 1.66 22.90 3.08
N MET A 10 1.80 24.22 2.98
CA MET A 10 2.21 24.84 1.73
C MET A 10 3.73 25.01 1.68
N GLY A 11 4.31 24.53 0.60
CA GLY A 11 5.75 24.62 0.41
C GLY A 11 6.22 23.72 -0.73
N ASN A 12 7.46 23.29 -0.64
CA ASN A 12 8.04 22.43 -1.65
C ASN A 12 7.47 21.02 -1.51
N GLN A 13 6.81 20.57 -2.57
CA GLN A 13 6.21 19.24 -2.57
C GLN A 13 7.23 18.21 -3.05
N HIS A 14 7.90 17.59 -2.08
CA HIS A 14 8.89 16.58 -2.38
C HIS A 14 8.35 15.64 -3.46
N PRO A 15 9.29 15.21 -4.36
CA PRO A 15 8.91 14.32 -5.45
C PRO A 15 8.71 12.89 -4.93
N SER A 16 9.25 12.63 -3.75
CA SER A 16 9.13 11.32 -3.14
C SER A 16 7.85 11.24 -2.31
N ILE A 17 7.46 12.38 -1.75
CA ILE A 17 6.26 12.45 -0.95
C ILE A 17 5.03 12.44 -1.86
N SER A 18 5.07 13.33 -2.85
CA SER A 18 3.97 13.43 -3.79
C SER A 18 3.74 12.09 -4.47
N ARG A 19 4.75 11.23 -4.38
CA ARG A 19 4.67 9.90 -4.98
C ARG A 19 3.96 8.93 -4.03
N LEU A 20 4.55 8.78 -2.85
CA LEU A 20 4.00 7.89 -1.85
C LEU A 20 2.51 8.19 -1.67
N GLN A 21 2.20 9.48 -1.63
CA GLN A 21 0.82 9.90 -1.46
C GLN A 21 -0.07 9.24 -2.51
N GLU A 22 0.53 8.98 -3.66
CA GLU A 22 -0.20 8.36 -4.76
C GLU A 22 -0.19 6.84 -4.59
N ILE A 23 0.86 6.34 -3.97
CA ILE A 23 0.99 4.91 -3.74
C ILE A 23 0.10 4.50 -2.57
N GLN A 24 0.00 5.40 -1.60
CA GLN A 24 -0.82 5.15 -0.42
C GLN A 24 -2.30 5.10 -0.80
N ARG A 25 -2.78 6.25 -1.27
CA ARG A 25 -4.18 6.36 -1.67
C ARG A 25 -4.58 5.16 -2.53
N GLU A 26 -3.59 4.57 -3.17
CA GLU A 26 -3.82 3.42 -4.02
C GLU A 26 -4.10 2.18 -3.17
N VAL A 27 -3.06 1.75 -2.46
CA VAL A 27 -3.18 0.58 -1.61
C VAL A 27 -4.39 0.74 -0.68
N LYS A 28 -4.69 1.99 -0.37
CA LYS A 28 -5.82 2.29 0.50
C LYS A 28 -7.11 2.24 -0.32
N ALA A 29 -7.03 2.78 -1.52
CA ALA A 29 -8.19 2.79 -2.41
C ALA A 29 -8.46 1.38 -2.91
N ILE A 30 -7.57 0.46 -2.53
CA ILE A 30 -7.71 -0.93 -2.93
C ILE A 30 -7.73 -1.82 -1.68
N GLU A 31 -7.63 -1.16 -0.54
CA GLU A 31 -7.63 -1.88 0.73
C GLU A 31 -8.97 -2.62 0.92
N PRO A 32 -10.07 -1.88 0.62
CA PRO A 32 -11.40 -2.44 0.75
C PRO A 32 -11.70 -3.42 -0.38
N GLN A 33 -10.75 -3.52 -1.31
CA GLN A 33 -10.90 -4.40 -2.45
C GLN A 33 -10.39 -5.80 -2.11
N VAL A 34 -9.56 -5.86 -1.07
CA VAL A 34 -9.00 -7.12 -0.64
C VAL A 34 -9.76 -7.60 0.61
N VAL A 35 -10.13 -6.64 1.44
CA VAL A 35 -10.86 -6.96 2.66
C VAL A 35 -12.22 -7.57 2.29
N GLY A 36 -12.83 -7.00 1.27
CA GLY A 36 -14.13 -7.48 0.82
C GLY A 36 -13.99 -8.30 -0.46
N PHE A 37 -12.84 -8.94 -0.60
CA PHE A 37 -12.57 -9.76 -1.76
C PHE A 37 -13.17 -11.16 -1.61
N SER A 38 -13.49 -11.76 -2.75
CA SER A 38 -14.08 -13.09 -2.75
C SER A 38 -13.60 -13.87 -3.98
N GLY A 39 -12.51 -14.60 -3.78
CA GLY A 39 -11.96 -15.40 -4.86
C GLY A 39 -10.75 -16.20 -4.38
N LEU A 40 -10.79 -17.50 -4.66
CA LEU A 40 -9.71 -18.38 -4.25
C LEU A 40 -8.40 -17.92 -4.90
N SER A 41 -7.33 -18.00 -4.13
CA SER A 41 -6.03 -17.61 -4.61
C SER A 41 -5.86 -18.02 -6.08
N ASP A 42 -5.71 -17.01 -6.93
CA ASP A 42 -5.54 -17.25 -8.35
C ASP A 42 -6.81 -17.91 -8.90
N ASP A 43 -7.85 -17.11 -9.05
CA ASP A 43 -9.12 -17.59 -9.56
C ASP A 43 -9.54 -16.75 -10.77
N LYS A 44 -8.54 -16.10 -11.36
CA LYS A 44 -8.80 -15.27 -12.52
C LYS A 44 -9.37 -13.92 -12.07
N ASN A 45 -8.75 -13.38 -11.03
CA ASN A 45 -9.18 -12.10 -10.49
C ASN A 45 -8.28 -11.72 -9.32
N TYR A 46 -7.96 -12.71 -8.50
CA TYR A 46 -7.10 -12.50 -7.34
C TYR A 46 -5.77 -11.85 -7.76
N LYS A 47 -5.23 -12.35 -8.87
CA LYS A 47 -3.98 -11.84 -9.37
C LYS A 47 -4.02 -10.31 -9.41
N ARG A 48 -4.96 -9.80 -10.19
CA ARG A 48 -5.12 -8.35 -10.32
C ARG A 48 -4.91 -7.67 -8.97
N LEU A 49 -5.73 -8.09 -8.01
CA LEU A 49 -5.65 -7.53 -6.67
C LEU A 49 -4.19 -7.51 -6.22
N GLU A 50 -3.61 -8.70 -6.12
CA GLU A 50 -2.23 -8.83 -5.70
C GLU A 50 -1.32 -7.95 -6.56
N ARG A 51 -1.45 -8.13 -7.87
CA ARG A 51 -0.66 -7.36 -8.82
C ARG A 51 -0.59 -5.90 -8.38
N ILE A 52 -1.73 -5.38 -7.95
CA ILE A 52 -1.80 -4.00 -7.50
C ILE A 52 -0.85 -3.80 -6.32
N LEU A 53 -1.15 -4.50 -5.24
CA LEU A 53 -0.33 -4.41 -4.04
C LEU A 53 1.13 -4.69 -4.40
N THR A 54 1.36 -5.86 -4.98
CA THR A 54 2.69 -6.26 -5.38
C THR A 54 3.35 -5.16 -6.22
N LYS A 55 2.60 -4.70 -7.22
CA LYS A 55 3.10 -3.65 -8.10
C LYS A 55 3.43 -2.41 -7.28
N GLN A 56 2.43 -1.93 -6.54
CA GLN A 56 2.60 -0.76 -5.71
C GLN A 56 3.82 -0.93 -4.79
N LEU A 57 3.88 -2.10 -4.17
CA LEU A 57 4.98 -2.40 -3.27
C LEU A 57 6.32 -2.13 -3.98
N PHE A 58 6.46 -2.75 -5.14
CA PHE A 58 7.67 -2.57 -5.93
C PHE A 58 8.01 -1.10 -6.11
N GLU A 59 6.97 -0.28 -6.06
CA GLU A 59 7.14 1.15 -6.22
C GLU A 59 7.61 1.78 -4.90
N ILE A 60 7.18 1.17 -3.81
CA ILE A 60 7.54 1.67 -2.49
C ILE A 60 9.06 1.58 -2.32
N ASP A 61 9.62 0.47 -2.80
CA ASP A 61 11.05 0.26 -2.71
C ASP A 61 11.77 1.24 -3.63
N SER A 62 11.06 1.63 -4.69
CA SER A 62 11.62 2.56 -5.66
C SER A 62 11.75 3.95 -5.03
N VAL A 63 10.75 4.31 -4.23
CA VAL A 63 10.75 5.60 -3.58
C VAL A 63 12.00 5.72 -2.70
N ASP A 64 12.84 6.69 -3.06
CA ASP A 64 14.07 6.92 -2.32
C ASP A 64 13.74 7.62 -1.01
N THR A 65 14.75 7.68 -0.14
CA THR A 65 14.59 8.33 1.15
C THR A 65 15.72 9.31 1.40
N GLU A 66 16.93 8.81 1.31
CA GLU A 66 18.12 9.63 1.53
C GLU A 66 18.21 10.04 2.99
N GLY A 67 17.85 9.11 3.86
CA GLY A 67 17.90 9.37 5.30
C GLY A 67 17.30 10.73 5.62
N LYS A 68 16.01 10.86 5.37
CA LYS A 68 15.31 12.11 5.64
C LYS A 68 14.31 11.89 6.79
N GLY A 69 13.77 10.68 6.84
CA GLY A 69 12.82 10.34 7.88
C GLY A 69 11.38 10.61 7.40
N ASP A 70 11.11 11.88 7.14
CA ASP A 70 9.79 12.28 6.69
C ASP A 70 9.26 11.24 5.69
N ILE A 71 10.13 10.90 4.74
CA ILE A 71 9.76 9.92 3.71
C ILE A 71 9.95 8.51 4.28
N GLN A 72 11.16 8.26 4.77
CA GLN A 72 11.48 6.97 5.34
C GLN A 72 10.32 6.45 6.19
N GLN A 73 9.79 7.34 7.00
CA GLN A 73 8.67 6.99 7.87
C GLN A 73 7.48 6.54 7.04
N ALA A 74 7.14 7.35 6.05
CA ALA A 74 6.03 7.06 5.17
C ALA A 74 6.31 5.76 4.41
N ARG A 75 7.39 5.79 3.64
CA ARG A 75 7.78 4.63 2.86
C ARG A 75 7.62 3.35 3.69
N LYS A 76 8.49 3.21 4.68
CA LYS A 76 8.46 2.05 5.55
C LYS A 76 7.01 1.76 5.95
N ARG A 77 6.33 2.79 6.42
CA ARG A 77 4.95 2.65 6.83
C ARG A 77 4.11 2.12 5.67
N ALA A 78 4.44 2.56 4.47
CA ALA A 78 3.73 2.13 3.29
C ALA A 78 4.13 0.70 2.95
N ALA A 79 5.42 0.43 3.06
CA ALA A 79 5.95 -0.88 2.76
C ALA A 79 5.19 -1.93 3.58
N GLN A 80 4.94 -1.59 4.83
CA GLN A 80 4.23 -2.48 5.74
C GLN A 80 2.73 -2.47 5.40
N GLU A 81 2.21 -1.28 5.18
CA GLU A 81 0.80 -1.13 4.85
C GLU A 81 0.42 -2.05 3.68
N THR A 82 1.09 -1.81 2.55
CA THR A 82 0.83 -2.60 1.36
C THR A 82 0.81 -4.09 1.71
N GLU A 83 1.94 -4.57 2.22
CA GLU A 83 2.07 -5.96 2.58
C GLU A 83 0.88 -6.39 3.43
N ARG A 84 0.57 -5.57 4.43
CA ARG A 84 -0.55 -5.86 5.31
C ARG A 84 -1.75 -6.38 4.51
N LEU A 85 -2.30 -5.49 3.69
CA LEU A 85 -3.44 -5.84 2.86
C LEU A 85 -3.14 -7.14 2.12
N LEU A 86 -2.01 -7.15 1.45
CA LEU A 86 -1.59 -8.33 0.69
C LEU A 86 -1.91 -9.58 1.49
N LYS A 87 -1.49 -9.56 2.75
CA LYS A 87 -1.72 -10.70 3.64
C LYS A 87 -3.23 -10.97 3.73
N GLU A 88 -3.96 -9.91 4.06
CA GLU A 88 -5.41 -10.02 4.19
C GLU A 88 -6.01 -10.64 2.92
N LEU A 89 -5.45 -10.23 1.78
CA LEU A 89 -5.92 -10.74 0.51
C LEU A 89 -5.89 -12.27 0.51
N GLU A 90 -4.69 -12.80 0.67
CA GLU A 90 -4.51 -14.25 0.70
C GLU A 90 -5.64 -14.90 1.50
N GLN A 91 -5.78 -14.46 2.74
CA GLN A 91 -6.81 -14.99 3.62
C GLN A 91 -8.19 -14.71 3.04
N ASN A 92 -8.50 -13.43 2.92
CA ASN A 92 -9.79 -13.02 2.39
C ASN A 92 -10.15 -13.91 1.19
N ALA A 93 -9.14 -14.26 0.44
CA ALA A 93 -9.33 -15.11 -0.74
C ALA A 93 -10.27 -16.26 -0.36
N SER A 94 -9.73 -17.20 0.40
CA SER A 94 -10.50 -18.36 0.83
C SER A 94 -9.65 -19.25 1.72
N GLY A 95 -8.39 -19.41 1.33
CA GLY A 95 -7.47 -20.24 2.09
C GLY A 95 -6.63 -19.39 3.04
N PRO A 96 -5.85 -20.09 3.90
CA PRO A 96 -5.00 -19.41 4.86
C PRO A 96 -3.76 -18.82 4.18
N SER A 97 -3.08 -17.95 4.91
CA SER A 97 -1.89 -17.31 4.39
C SER A 97 -0.67 -18.23 4.57
N SER A 98 -0.26 -18.84 3.47
CA SER A 98 0.88 -19.73 3.49
C SER A 98 1.30 -20.09 2.07
N GLY A 99 0.35 -20.66 1.33
CA GLY A 99 0.61 -21.05 -0.05
C GLY A 99 -0.63 -20.81 -0.92
N GLY A 1 3.67 0.71 14.43
CA GLY A 1 4.13 2.00 13.95
C GLY A 1 3.08 3.08 14.17
N SER A 2 2.25 3.27 13.16
CA SER A 2 1.20 4.27 13.24
C SER A 2 1.79 5.62 13.63
N SER A 3 2.45 6.25 12.67
CA SER A 3 3.07 7.54 12.90
C SER A 3 3.49 8.17 11.57
N GLY A 4 2.99 9.36 11.32
CA GLY A 4 3.31 10.07 10.10
C GLY A 4 2.32 11.21 9.84
N SER A 5 2.87 12.42 9.74
CA SER A 5 2.04 13.59 9.51
C SER A 5 2.53 14.33 8.26
N SER A 6 1.67 15.19 7.73
CA SER A 6 2.01 15.96 6.54
C SER A 6 2.24 17.42 6.92
N GLY A 7 3.50 17.75 7.12
CA GLY A 7 3.87 19.12 7.49
C GLY A 7 4.39 19.89 6.27
N MET A 8 4.41 21.20 6.41
CA MET A 8 4.88 22.06 5.34
C MET A 8 4.04 21.88 4.08
N ASP A 9 3.75 23.00 3.43
CA ASP A 9 2.95 22.99 2.22
C ASP A 9 3.04 24.35 1.54
N MET A 10 3.91 24.42 0.54
CA MET A 10 4.09 25.66 -0.20
C MET A 10 4.95 25.43 -1.44
N GLY A 11 4.31 24.99 -2.51
CA GLY A 11 5.00 24.72 -3.76
C GLY A 11 5.61 23.32 -3.77
N ASN A 12 5.08 22.49 -4.65
CA ASN A 12 5.56 21.12 -4.77
C ASN A 12 5.37 20.40 -3.43
N GLN A 13 5.44 19.08 -3.50
CA GLN A 13 5.28 18.27 -2.30
C GLN A 13 6.28 17.10 -2.32
N HIS A 14 7.51 17.43 -2.67
CA HIS A 14 8.56 16.42 -2.73
C HIS A 14 8.19 15.35 -3.75
N PRO A 15 9.23 14.85 -4.47
CA PRO A 15 9.01 13.82 -5.48
C PRO A 15 8.76 12.47 -4.83
N SER A 16 9.20 12.34 -3.59
CA SER A 16 9.03 11.11 -2.85
C SER A 16 7.67 11.10 -2.14
N ILE A 17 7.44 12.14 -1.36
CA ILE A 17 6.19 12.27 -0.63
C ILE A 17 5.02 12.19 -1.60
N SER A 18 5.13 12.98 -2.66
CA SER A 18 4.10 13.01 -3.69
C SER A 18 3.93 11.63 -4.31
N ARG A 19 4.96 10.81 -4.14
CA ARG A 19 4.93 9.46 -4.68
C ARG A 19 4.12 8.54 -3.77
N LEU A 20 4.47 8.57 -2.48
CA LEU A 20 3.78 7.74 -1.51
C LEU A 20 2.28 8.04 -1.55
N GLN A 21 1.97 9.33 -1.70
CA GLN A 21 0.58 9.75 -1.77
C GLN A 21 -0.08 9.23 -3.03
N GLU A 22 0.76 8.95 -4.03
CA GLU A 22 0.26 8.44 -5.30
C GLU A 22 0.24 6.91 -5.29
N ILE A 23 0.77 6.36 -4.21
CA ILE A 23 0.83 4.91 -4.06
C ILE A 23 -0.11 4.48 -2.93
N GLN A 24 -0.18 5.32 -1.91
CA GLN A 24 -1.03 5.04 -0.77
C GLN A 24 -2.50 4.99 -1.20
N ARG A 25 -2.90 6.02 -1.93
CA ARG A 25 -4.27 6.10 -2.42
C ARG A 25 -4.63 4.86 -3.23
N GLU A 26 -3.59 4.28 -3.84
CA GLU A 26 -3.78 3.09 -4.64
C GLU A 26 -4.07 1.88 -3.75
N VAL A 27 -3.09 1.54 -2.93
CA VAL A 27 -3.23 0.42 -2.03
C VAL A 27 -4.49 0.60 -1.18
N LYS A 28 -4.82 1.86 -0.93
CA LYS A 28 -5.98 2.19 -0.14
C LYS A 28 -7.25 2.07 -0.99
N ALA A 29 -7.12 2.54 -2.23
CA ALA A 29 -8.22 2.49 -3.17
C ALA A 29 -8.50 1.04 -3.55
N ILE A 30 -7.54 0.19 -3.23
CA ILE A 30 -7.66 -1.22 -3.54
C ILE A 30 -7.78 -2.02 -2.23
N GLU A 31 -7.86 -1.29 -1.13
CA GLU A 31 -7.98 -1.90 0.18
C GLU A 31 -9.32 -2.63 0.29
N PRO A 32 -10.39 -1.95 -0.20
CA PRO A 32 -11.73 -2.51 -0.15
C PRO A 32 -11.89 -3.62 -1.21
N GLN A 33 -10.83 -3.84 -1.96
CA GLN A 33 -10.84 -4.86 -3.00
C GLN A 33 -10.33 -6.18 -2.44
N VAL A 34 -9.84 -6.13 -1.22
CA VAL A 34 -9.33 -7.32 -0.56
C VAL A 34 -10.07 -7.54 0.76
N VAL A 35 -10.37 -6.44 1.42
CA VAL A 35 -11.09 -6.50 2.69
C VAL A 35 -12.15 -7.61 2.62
N GLY A 36 -13.16 -7.36 1.81
CA GLY A 36 -14.23 -8.33 1.64
C GLY A 36 -14.21 -8.95 0.25
N PHE A 37 -13.03 -9.41 -0.15
CA PHE A 37 -12.86 -10.02 -1.46
C PHE A 37 -13.32 -11.47 -1.44
N SER A 38 -13.50 -12.02 -2.64
CA SER A 38 -13.93 -13.40 -2.78
C SER A 38 -13.30 -14.03 -4.02
N GLY A 39 -12.31 -14.88 -3.78
CA GLY A 39 -11.63 -15.55 -4.87
C GLY A 39 -10.52 -16.46 -4.35
N LEU A 40 -10.29 -17.55 -5.07
CA LEU A 40 -9.26 -18.50 -4.68
C LEU A 40 -7.88 -17.88 -4.91
N SER A 41 -6.96 -18.23 -4.02
CA SER A 41 -5.60 -17.72 -4.10
C SER A 41 -5.15 -17.66 -5.57
N ASP A 42 -5.08 -16.44 -6.07
CA ASP A 42 -4.66 -16.23 -7.45
C ASP A 42 -5.79 -16.66 -8.40
N ASP A 43 -6.73 -15.75 -8.58
CA ASP A 43 -7.87 -16.02 -9.44
C ASP A 43 -8.98 -15.01 -9.15
N LYS A 44 -9.91 -14.90 -10.09
CA LYS A 44 -11.03 -13.99 -9.94
C LYS A 44 -10.51 -12.55 -10.05
N ASN A 45 -10.30 -11.94 -8.89
CA ASN A 45 -9.80 -10.57 -8.84
C ASN A 45 -8.43 -10.55 -8.17
N TYR A 46 -8.28 -11.41 -7.18
CA TYR A 46 -7.03 -11.49 -6.44
C TYR A 46 -5.84 -11.28 -7.38
N LYS A 47 -5.95 -11.85 -8.57
CA LYS A 47 -4.90 -11.72 -9.56
C LYS A 47 -4.48 -10.25 -9.67
N ARG A 48 -5.44 -9.43 -10.05
CA ARG A 48 -5.19 -8.01 -10.19
C ARG A 48 -4.70 -7.40 -8.87
N LEU A 49 -5.49 -7.63 -7.83
CA LEU A 49 -5.15 -7.12 -6.52
C LEU A 49 -3.65 -7.30 -6.28
N GLU A 50 -3.22 -8.55 -6.34
CA GLU A 50 -1.82 -8.85 -6.14
C GLU A 50 -0.93 -7.95 -7.01
N ARG A 51 -1.09 -8.10 -8.31
CA ARG A 51 -0.32 -7.30 -9.26
C ARG A 51 -0.31 -5.83 -8.82
N ILE A 52 -1.51 -5.31 -8.59
CA ILE A 52 -1.63 -3.92 -8.17
C ILE A 52 -0.68 -3.65 -7.02
N LEU A 53 -0.89 -4.39 -5.94
CA LEU A 53 -0.05 -4.23 -4.75
C LEU A 53 1.41 -4.46 -5.13
N THR A 54 1.66 -5.64 -5.71
CA THR A 54 3.01 -6.00 -6.12
C THR A 54 3.67 -4.83 -6.84
N LYS A 55 2.86 -4.14 -7.65
CA LYS A 55 3.35 -3.01 -8.40
C LYS A 55 3.60 -1.82 -7.46
N GLN A 56 2.59 -1.56 -6.64
CA GLN A 56 2.69 -0.47 -5.68
C GLN A 56 3.87 -0.69 -4.73
N LEU A 57 3.95 -1.91 -4.21
CA LEU A 57 5.01 -2.26 -3.29
C LEU A 57 6.37 -1.96 -3.95
N PHE A 58 6.58 -2.58 -5.09
CA PHE A 58 7.81 -2.39 -5.83
C PHE A 58 8.17 -0.91 -5.94
N GLU A 59 7.13 -0.08 -5.92
CA GLU A 59 7.31 1.36 -6.01
C GLU A 59 7.77 1.92 -4.67
N ILE A 60 7.30 1.29 -3.60
CA ILE A 60 7.64 1.72 -2.26
C ILE A 60 9.15 1.56 -2.05
N ASP A 61 9.65 0.40 -2.44
CA ASP A 61 11.07 0.12 -2.31
C ASP A 61 11.85 0.94 -3.33
N SER A 62 11.12 1.46 -4.31
CA SER A 62 11.73 2.26 -5.35
C SER A 62 11.89 3.71 -4.86
N VAL A 63 10.90 4.16 -4.11
CA VAL A 63 10.92 5.51 -3.58
C VAL A 63 12.16 5.69 -2.70
N ASP A 64 13.02 6.61 -3.12
CA ASP A 64 14.24 6.89 -2.39
C ASP A 64 13.93 7.89 -1.27
N THR A 65 14.52 7.61 -0.11
CA THR A 65 14.32 8.47 1.05
C THR A 65 15.49 9.43 1.20
N GLU A 66 16.67 8.95 0.82
CA GLU A 66 17.87 9.75 0.91
C GLU A 66 18.10 10.19 2.36
N GLY A 67 17.84 9.27 3.27
CA GLY A 67 18.02 9.56 4.69
C GLY A 67 17.09 10.69 5.14
N LYS A 68 15.80 10.48 4.92
CA LYS A 68 14.81 11.46 5.29
C LYS A 68 13.70 10.79 6.09
N GLY A 69 13.88 10.78 7.41
CA GLY A 69 12.90 10.16 8.29
C GLY A 69 11.48 10.46 7.82
N ASP A 70 11.17 11.74 7.73
CA ASP A 70 9.85 12.17 7.30
C ASP A 70 9.36 11.25 6.18
N ILE A 71 10.30 10.86 5.33
CA ILE A 71 9.99 9.98 4.22
C ILE A 71 10.18 8.53 4.64
N GLN A 72 11.39 8.24 5.09
CA GLN A 72 11.72 6.89 5.54
C GLN A 72 10.58 6.32 6.38
N GLN A 73 10.10 7.14 7.30
CA GLN A 73 9.02 6.72 8.18
C GLN A 73 7.78 6.34 7.36
N ALA A 74 7.36 7.27 6.52
CA ALA A 74 6.20 7.04 5.67
C ALA A 74 6.43 5.78 4.82
N ARG A 75 7.55 5.79 4.11
CA ARG A 75 7.89 4.66 3.26
C ARG A 75 7.80 3.35 4.05
N LYS A 76 8.69 3.22 5.02
CA LYS A 76 8.72 2.02 5.84
C LYS A 76 7.31 1.74 6.37
N ARG A 77 6.51 2.80 6.44
CA ARG A 77 5.14 2.67 6.92
C ARG A 77 4.23 2.20 5.80
N ALA A 78 4.58 2.60 4.58
CA ALA A 78 3.80 2.21 3.41
C ALA A 78 4.16 0.78 3.02
N ALA A 79 5.34 0.36 3.44
CA ALA A 79 5.80 -0.98 3.14
C ALA A 79 4.96 -2.00 3.91
N GLN A 80 4.58 -1.61 5.11
CA GLN A 80 3.77 -2.48 5.96
C GLN A 80 2.30 -2.41 5.55
N GLU A 81 1.88 -1.20 5.18
CA GLU A 81 0.51 -0.98 4.76
C GLU A 81 0.15 -1.94 3.61
N THR A 82 0.85 -1.77 2.50
CA THR A 82 0.61 -2.59 1.33
C THR A 82 0.63 -4.08 1.72
N GLU A 83 1.75 -4.51 2.28
CA GLU A 83 1.91 -5.89 2.69
C GLU A 83 0.71 -6.33 3.54
N ARG A 84 0.27 -5.41 4.39
CA ARG A 84 -0.87 -5.68 5.26
C ARG A 84 -2.03 -6.27 4.45
N LEU A 85 -2.49 -5.49 3.49
CA LEU A 85 -3.59 -5.91 2.64
C LEU A 85 -3.22 -7.24 1.97
N LEU A 86 -2.05 -7.25 1.34
CA LEU A 86 -1.58 -8.43 0.65
C LEU A 86 -1.88 -9.67 1.50
N LYS A 87 -1.32 -9.67 2.71
CA LYS A 87 -1.52 -10.78 3.62
C LYS A 87 -2.98 -11.24 3.54
N GLU A 88 -3.88 -10.28 3.74
CA GLU A 88 -5.31 -10.58 3.70
C GLU A 88 -5.68 -11.16 2.33
N LEU A 89 -5.10 -10.58 1.30
CA LEU A 89 -5.36 -11.03 -0.06
C LEU A 89 -5.34 -12.56 -0.10
N GLU A 90 -4.56 -13.13 0.80
CA GLU A 90 -4.44 -14.58 0.87
C GLU A 90 -5.58 -15.16 1.73
N GLN A 91 -5.68 -14.64 2.94
CA GLN A 91 -6.72 -15.10 3.86
C GLN A 91 -8.09 -14.89 3.24
N ASN A 92 -8.37 -13.65 2.87
CA ASN A 92 -9.65 -13.31 2.27
C ASN A 92 -9.92 -14.26 1.09
N ALA A 93 -8.89 -14.46 0.28
CA ALA A 93 -9.01 -15.33 -0.88
C ALA A 93 -9.83 -16.57 -0.49
N SER A 94 -9.15 -17.53 0.10
CA SER A 94 -9.79 -18.77 0.52
C SER A 94 -8.83 -19.61 1.36
N GLY A 95 -7.58 -19.62 0.93
CA GLY A 95 -6.56 -20.39 1.62
C GLY A 95 -6.90 -21.88 1.63
N PRO A 96 -5.85 -22.71 1.90
CA PRO A 96 -6.02 -24.15 1.95
C PRO A 96 -6.73 -24.57 3.23
N SER A 97 -6.27 -24.01 4.35
CA SER A 97 -6.85 -24.33 5.64
C SER A 97 -7.79 -23.20 6.08
N SER A 98 -9.05 -23.55 6.25
CA SER A 98 -10.05 -22.58 6.66
C SER A 98 -10.05 -21.39 5.70
N GLY A 99 -11.09 -20.57 5.83
CA GLY A 99 -11.22 -19.39 4.99
C GLY A 99 -12.69 -19.08 4.70
N GLY A 1 -12.04 5.27 6.63
CA GLY A 1 -13.22 4.64 7.20
C GLY A 1 -14.36 5.66 7.36
N SER A 2 -14.08 6.70 8.13
CA SER A 2 -15.06 7.74 8.37
C SER A 2 -14.59 9.05 7.73
N SER A 3 -13.42 9.50 8.17
CA SER A 3 -12.85 10.73 7.65
C SER A 3 -11.48 10.97 8.28
N GLY A 4 -10.59 11.55 7.48
CA GLY A 4 -9.25 11.83 7.93
C GLY A 4 -8.96 13.34 7.92
N SER A 5 -7.75 13.68 7.51
CA SER A 5 -7.35 15.08 7.44
C SER A 5 -6.39 15.29 6.27
N SER A 6 -6.48 16.48 5.69
CA SER A 6 -5.62 16.82 4.56
C SER A 6 -5.01 18.21 4.77
N GLY A 7 -3.72 18.31 4.43
CA GLY A 7 -3.02 19.57 4.58
C GLY A 7 -1.74 19.38 5.40
N MET A 8 -0.69 20.07 4.96
CA MET A 8 0.59 19.99 5.64
C MET A 8 1.61 20.95 5.02
N ASP A 9 1.83 20.76 3.73
CA ASP A 9 2.77 21.61 3.00
C ASP A 9 2.02 22.39 1.92
N MET A 10 2.65 23.45 1.46
CA MET A 10 2.06 24.29 0.42
C MET A 10 2.80 24.12 -0.90
N GLY A 11 2.02 24.00 -1.97
CA GLY A 11 2.59 23.84 -3.29
C GLY A 11 3.08 22.41 -3.50
N ASN A 12 4.36 22.30 -3.85
CA ASN A 12 4.98 21.01 -4.08
C ASN A 12 4.88 20.17 -2.80
N GLN A 13 4.93 18.86 -2.99
CA GLN A 13 4.86 17.93 -1.87
C GLN A 13 5.96 16.88 -1.98
N HIS A 14 7.15 17.34 -2.33
CA HIS A 14 8.28 16.44 -2.48
C HIS A 14 7.99 15.41 -3.57
N PRO A 15 9.04 15.12 -4.39
CA PRO A 15 8.90 14.16 -5.46
C PRO A 15 8.89 12.72 -4.92
N SER A 16 9.07 12.62 -3.62
CA SER A 16 9.08 11.32 -2.96
C SER A 16 7.81 11.14 -2.13
N ILE A 17 7.49 12.16 -1.36
CA ILE A 17 6.30 12.12 -0.52
C ILE A 17 5.06 12.04 -1.41
N SER A 18 5.11 12.79 -2.50
CA SER A 18 4.00 12.82 -3.45
C SER A 18 3.75 11.40 -4.00
N ARG A 19 4.84 10.69 -4.17
CA ARG A 19 4.77 9.33 -4.70
C ARG A 19 3.99 8.43 -3.73
N LEU A 20 4.58 8.22 -2.57
CA LEU A 20 3.97 7.40 -1.55
C LEU A 20 2.48 7.74 -1.44
N GLN A 21 2.20 9.03 -1.58
CA GLN A 21 0.83 9.51 -1.50
C GLN A 21 0.03 8.99 -2.69
N GLU A 22 0.66 9.00 -3.85
CA GLU A 22 0.00 8.54 -5.06
C GLU A 22 -0.02 7.01 -5.10
N ILE A 23 0.72 6.41 -4.18
CA ILE A 23 0.80 4.96 -4.11
C ILE A 23 -0.11 4.48 -2.97
N GLN A 24 -0.25 5.32 -1.96
CA GLN A 24 -1.07 5.00 -0.81
C GLN A 24 -2.55 4.96 -1.22
N ARG A 25 -2.99 6.04 -1.83
CA ARG A 25 -4.37 6.15 -2.27
C ARG A 25 -4.74 4.96 -3.15
N GLU A 26 -3.71 4.34 -3.72
CA GLU A 26 -3.91 3.19 -4.59
C GLU A 26 -4.24 1.95 -3.74
N VAL A 27 -3.34 1.64 -2.83
CA VAL A 27 -3.53 0.50 -1.96
C VAL A 27 -4.80 0.67 -1.14
N LYS A 28 -5.13 1.93 -0.88
CA LYS A 28 -6.31 2.26 -0.10
C LYS A 28 -7.55 2.11 -1.00
N ALA A 29 -7.39 2.51 -2.25
CA ALA A 29 -8.47 2.42 -3.21
C ALA A 29 -8.68 0.96 -3.62
N ILE A 30 -7.74 0.13 -3.20
CA ILE A 30 -7.80 -1.29 -3.52
C ILE A 30 -7.86 -2.09 -2.23
N GLU A 31 -7.91 -1.37 -1.12
CA GLU A 31 -7.95 -2.00 0.19
C GLU A 31 -9.28 -2.77 0.35
N PRO A 32 -10.38 -2.10 -0.09
CA PRO A 32 -11.70 -2.71 0.01
C PRO A 32 -11.88 -3.80 -1.06
N GLN A 33 -10.82 -4.01 -1.83
CA GLN A 33 -10.86 -5.01 -2.88
C GLN A 33 -10.30 -6.34 -2.36
N VAL A 34 -9.68 -6.26 -1.20
CA VAL A 34 -9.08 -7.45 -0.59
C VAL A 34 -9.85 -7.78 0.69
N VAL A 35 -10.32 -6.74 1.35
CA VAL A 35 -11.07 -6.91 2.60
C VAL A 35 -12.44 -7.50 2.28
N GLY A 36 -13.06 -6.97 1.24
CA GLY A 36 -14.37 -7.43 0.82
C GLY A 36 -14.25 -8.41 -0.35
N PHE A 37 -13.08 -9.00 -0.48
CA PHE A 37 -12.82 -9.95 -1.55
C PHE A 37 -13.53 -11.29 -1.28
N SER A 38 -13.54 -12.14 -2.29
CA SER A 38 -14.18 -13.44 -2.17
C SER A 38 -13.78 -14.33 -3.36
N GLY A 39 -12.87 -15.25 -3.08
CA GLY A 39 -12.40 -16.17 -4.10
C GLY A 39 -11.18 -16.94 -3.62
N LEU A 40 -10.45 -17.51 -4.58
CA LEU A 40 -9.27 -18.28 -4.27
C LEU A 40 -8.02 -17.42 -4.51
N SER A 41 -6.87 -17.98 -4.17
CA SER A 41 -5.62 -17.28 -4.35
C SER A 41 -5.08 -17.51 -5.76
N ASP A 42 -5.95 -17.30 -6.73
CA ASP A 42 -5.59 -17.48 -8.13
C ASP A 42 -6.85 -17.48 -8.99
N ASP A 43 -7.61 -16.41 -8.85
CA ASP A 43 -8.83 -16.25 -9.61
C ASP A 43 -8.71 -15.04 -10.54
N LYS A 44 -9.74 -14.85 -11.35
CA LYS A 44 -9.77 -13.74 -12.28
C LYS A 44 -10.06 -12.44 -11.52
N ASN A 45 -9.20 -12.14 -10.57
CA ASN A 45 -9.35 -10.93 -9.78
C ASN A 45 -8.20 -10.84 -8.77
N TYR A 46 -8.05 -11.89 -7.99
CA TYR A 46 -6.99 -11.94 -6.99
C TYR A 46 -5.66 -11.50 -7.58
N LYS A 47 -5.32 -12.10 -8.73
CA LYS A 47 -4.08 -11.78 -9.41
C LYS A 47 -3.91 -10.26 -9.46
N ARG A 48 -4.93 -9.61 -10.00
CA ARG A 48 -4.91 -8.16 -10.13
C ARG A 48 -4.45 -7.52 -8.81
N LEU A 49 -5.30 -7.66 -7.80
CA LEU A 49 -5.00 -7.11 -6.49
C LEU A 49 -3.53 -7.36 -6.16
N GLU A 50 -3.20 -8.64 -6.00
CA GLU A 50 -1.84 -9.03 -5.69
C GLU A 50 -0.84 -8.18 -6.48
N ARG A 51 -1.01 -8.21 -7.79
CA ARG A 51 -0.14 -7.44 -8.67
C ARG A 51 -0.14 -5.97 -8.28
N ILE A 52 -1.35 -5.43 -8.13
CA ILE A 52 -1.50 -4.04 -7.76
C ILE A 52 -0.68 -3.76 -6.50
N LEU A 53 -0.95 -4.54 -5.47
CA LEU A 53 -0.25 -4.38 -4.21
C LEU A 53 1.27 -4.52 -4.44
N THR A 54 1.64 -5.67 -4.99
CA THR A 54 3.04 -5.93 -5.27
C THR A 54 3.66 -4.77 -6.05
N LYS A 55 2.91 -4.30 -7.05
CA LYS A 55 3.37 -3.20 -7.87
C LYS A 55 3.60 -1.97 -6.99
N GLN A 56 2.51 -1.50 -6.40
CA GLN A 56 2.57 -0.33 -5.53
C GLN A 56 3.78 -0.43 -4.59
N LEU A 57 3.86 -1.57 -3.92
CA LEU A 57 4.95 -1.82 -2.99
C LEU A 57 6.28 -1.60 -3.70
N PHE A 58 6.47 -2.35 -4.78
CA PHE A 58 7.69 -2.26 -5.56
C PHE A 58 8.04 -0.79 -5.85
N GLU A 59 7.01 0.04 -5.89
CA GLU A 59 7.19 1.45 -6.17
C GLU A 59 7.65 2.17 -4.90
N ILE A 60 7.19 1.67 -3.76
CA ILE A 60 7.54 2.26 -2.48
C ILE A 60 9.06 2.17 -2.29
N ASP A 61 9.58 0.97 -2.52
CA ASP A 61 11.00 0.74 -2.37
C ASP A 61 11.77 1.65 -3.33
N SER A 62 11.12 1.96 -4.44
CA SER A 62 11.72 2.82 -5.46
C SER A 62 11.95 4.21 -4.88
N VAL A 63 10.99 4.66 -4.07
CA VAL A 63 11.09 5.96 -3.45
C VAL A 63 12.35 6.03 -2.59
N ASP A 64 13.28 6.85 -3.04
CA ASP A 64 14.54 7.01 -2.31
C ASP A 64 14.33 7.96 -1.13
N THR A 65 14.50 7.41 0.06
CA THR A 65 14.32 8.20 1.27
C THR A 65 15.61 8.95 1.61
N GLU A 66 16.69 8.53 0.96
CA GLU A 66 17.98 9.15 1.19
C GLU A 66 18.16 9.49 2.67
N GLY A 67 17.81 8.52 3.51
CA GLY A 67 17.93 8.71 4.94
C GLY A 67 17.54 10.13 5.35
N LYS A 68 16.30 10.49 5.03
CA LYS A 68 15.79 11.81 5.36
C LYS A 68 14.86 11.71 6.56
N GLY A 69 14.36 10.50 6.78
CA GLY A 69 13.45 10.27 7.89
C GLY A 69 12.00 10.57 7.49
N ASP A 70 11.82 11.75 6.91
CA ASP A 70 10.50 12.17 6.48
C ASP A 70 9.86 11.06 5.65
N ILE A 71 10.55 10.68 4.59
CA ILE A 71 10.05 9.63 3.71
C ILE A 71 10.24 8.27 4.40
N GLN A 72 11.48 8.01 4.79
CA GLN A 72 11.80 6.76 5.46
C GLN A 72 10.68 6.36 6.41
N GLN A 73 10.00 7.37 6.93
CA GLN A 73 8.91 7.13 7.86
C GLN A 73 7.67 6.67 7.10
N ALA A 74 7.23 7.51 6.17
CA ALA A 74 6.05 7.20 5.38
C ALA A 74 6.33 5.94 4.54
N ARG A 75 7.49 5.92 3.93
CA ARG A 75 7.88 4.79 3.10
C ARG A 75 7.68 3.48 3.87
N LYS A 76 8.56 3.26 4.84
CA LYS A 76 8.51 2.06 5.65
C LYS A 76 7.06 1.86 6.14
N ARG A 77 6.35 2.96 6.27
CA ARG A 77 4.97 2.93 6.72
C ARG A 77 4.06 2.44 5.59
N ALA A 78 4.42 2.82 4.38
CA ALA A 78 3.64 2.43 3.21
C ALA A 78 4.02 1.01 2.80
N ALA A 79 5.28 0.68 3.01
CA ALA A 79 5.78 -0.65 2.68
C ALA A 79 4.97 -1.70 3.44
N GLN A 80 4.78 -1.44 4.72
CA GLN A 80 4.04 -2.36 5.56
C GLN A 80 2.55 -2.33 5.19
N GLU A 81 2.05 -1.12 4.93
CA GLU A 81 0.67 -0.95 4.56
C GLU A 81 0.29 -1.90 3.43
N THR A 82 0.95 -1.71 2.30
CA THR A 82 0.70 -2.54 1.14
C THR A 82 0.67 -4.03 1.53
N GLU A 83 1.80 -4.49 2.03
CA GLU A 83 1.92 -5.88 2.44
C GLU A 83 0.75 -6.27 3.35
N ARG A 84 0.48 -5.40 4.31
CA ARG A 84 -0.61 -5.63 5.24
C ARG A 84 -1.82 -6.21 4.50
N LEU A 85 -2.33 -5.44 3.55
CA LEU A 85 -3.48 -5.86 2.77
C LEU A 85 -3.17 -7.21 2.11
N LEU A 86 -2.00 -7.28 1.49
CA LEU A 86 -1.58 -8.49 0.82
C LEU A 86 -1.93 -9.70 1.68
N LYS A 87 -1.32 -9.74 2.87
CA LYS A 87 -1.57 -10.83 3.79
C LYS A 87 -3.07 -11.13 3.85
N GLU A 88 -3.83 -10.10 4.20
CA GLU A 88 -5.27 -10.24 4.29
C GLU A 88 -5.82 -10.94 3.04
N LEU A 89 -5.33 -10.48 1.89
CA LEU A 89 -5.77 -11.06 0.63
C LEU A 89 -5.85 -12.57 0.76
N GLU A 90 -4.68 -13.19 0.84
CA GLU A 90 -4.61 -14.64 0.97
C GLU A 90 -5.72 -15.15 1.89
N GLN A 91 -5.68 -14.69 3.13
CA GLN A 91 -6.68 -15.09 4.10
C GLN A 91 -8.09 -14.87 3.55
N ASN A 92 -8.41 -13.60 3.31
CA ASN A 92 -9.71 -13.23 2.79
C ASN A 92 -10.12 -14.25 1.71
N ALA A 93 -9.22 -14.47 0.77
CA ALA A 93 -9.48 -15.41 -0.30
C ALA A 93 -10.19 -16.64 0.26
N SER A 94 -9.37 -17.56 0.79
CA SER A 94 -9.91 -18.78 1.36
C SER A 94 -8.81 -19.51 2.13
N GLY A 95 -7.86 -20.06 1.39
CA GLY A 95 -6.76 -20.78 1.99
C GLY A 95 -5.79 -19.83 2.69
N PRO A 96 -5.06 -20.39 3.70
CA PRO A 96 -4.11 -19.60 4.46
C PRO A 96 -2.84 -19.33 3.64
N SER A 97 -2.32 -20.40 3.06
CA SER A 97 -1.11 -20.29 2.25
C SER A 97 -0.90 -21.57 1.45
N SER A 98 -0.83 -22.68 2.17
CA SER A 98 -0.65 -23.98 1.55
C SER A 98 -1.05 -25.09 2.51
N GLY A 99 -1.82 -26.04 1.97
CA GLY A 99 -2.29 -27.15 2.78
C GLY A 99 -1.12 -27.85 3.49
N GLY A 1 7.12 0.66 17.26
CA GLY A 1 7.11 1.95 17.92
C GLY A 1 5.68 2.49 18.05
N SER A 2 5.09 2.79 16.91
CA SER A 2 3.73 3.31 16.89
C SER A 2 3.59 4.44 17.89
N SER A 3 4.00 5.63 17.47
CA SER A 3 3.92 6.80 18.32
C SER A 3 4.21 8.07 17.51
N GLY A 4 3.66 9.17 17.97
CA GLY A 4 3.85 10.45 17.31
C GLY A 4 2.87 10.62 16.15
N SER A 5 3.32 10.20 14.97
CA SER A 5 2.50 10.29 13.78
C SER A 5 2.15 11.76 13.49
N SER A 6 2.96 12.36 12.63
CA SER A 6 2.74 13.75 12.27
C SER A 6 3.75 14.16 11.18
N GLY A 7 3.35 15.16 10.40
CA GLY A 7 4.21 15.65 9.33
C GLY A 7 3.81 17.07 8.93
N MET A 8 4.71 17.72 8.19
CA MET A 8 4.47 19.08 7.75
C MET A 8 5.61 19.57 6.87
N ASP A 9 5.24 20.16 5.74
CA ASP A 9 6.23 20.68 4.81
C ASP A 9 5.54 21.61 3.81
N MET A 10 6.28 22.62 3.37
CA MET A 10 5.75 23.58 2.42
C MET A 10 6.81 23.96 1.38
N GLY A 11 6.33 24.29 0.19
CA GLY A 11 7.22 24.67 -0.89
C GLY A 11 7.18 23.65 -2.03
N ASN A 12 8.32 23.01 -2.25
CA ASN A 12 8.42 22.01 -3.31
C ASN A 12 7.95 20.66 -2.77
N GLN A 13 7.12 20.01 -3.55
CA GLN A 13 6.59 18.71 -3.16
C GLN A 13 7.56 17.59 -3.56
N HIS A 14 8.19 17.02 -2.55
CA HIS A 14 9.15 15.95 -2.77
C HIS A 14 8.58 14.95 -3.78
N PRO A 15 9.47 14.44 -4.66
CA PRO A 15 9.06 13.48 -5.68
C PRO A 15 8.84 12.10 -5.06
N SER A 16 9.35 11.95 -3.85
CA SER A 16 9.21 10.68 -3.13
C SER A 16 7.95 10.70 -2.28
N ILE A 17 7.64 11.88 -1.75
CA ILE A 17 6.47 12.04 -0.91
C ILE A 17 5.21 11.86 -1.76
N SER A 18 5.14 12.66 -2.81
CA SER A 18 4.00 12.60 -3.72
C SER A 18 3.70 11.14 -4.10
N ARG A 19 4.78 10.42 -4.41
CA ARG A 19 4.64 9.02 -4.79
C ARG A 19 3.88 8.25 -3.73
N LEU A 20 4.43 8.26 -2.52
CA LEU A 20 3.80 7.57 -1.41
C LEU A 20 2.32 7.95 -1.34
N GLN A 21 2.07 9.25 -1.43
CA GLN A 21 0.71 9.75 -1.37
C GLN A 21 -0.10 9.21 -2.55
N GLU A 22 0.62 8.79 -3.58
CA GLU A 22 -0.03 8.25 -4.77
C GLU A 22 -0.09 6.72 -4.69
N ILE A 23 0.72 6.18 -3.79
CA ILE A 23 0.77 4.74 -3.61
C ILE A 23 -0.22 4.34 -2.52
N GLN A 24 -0.31 5.18 -1.50
CA GLN A 24 -1.22 4.92 -0.38
C GLN A 24 -2.66 4.90 -0.89
N ARG A 25 -3.00 5.90 -1.68
CA ARG A 25 -4.35 6.01 -2.22
C ARG A 25 -4.69 4.76 -3.03
N GLU A 26 -3.65 4.16 -3.62
CA GLU A 26 -3.83 2.97 -4.42
C GLU A 26 -4.22 1.78 -3.54
N VAL A 27 -3.34 1.48 -2.60
CA VAL A 27 -3.59 0.37 -1.68
C VAL A 27 -4.88 0.64 -0.90
N LYS A 28 -5.13 1.91 -0.65
CA LYS A 28 -6.32 2.32 0.08
C LYS A 28 -7.55 2.12 -0.81
N ALA A 29 -7.42 2.51 -2.06
CA ALA A 29 -8.50 2.38 -3.02
C ALA A 29 -8.75 0.89 -3.29
N ILE A 30 -7.74 0.09 -3.01
CA ILE A 30 -7.84 -1.34 -3.22
C ILE A 30 -7.90 -2.05 -1.87
N GLU A 31 -7.98 -1.25 -0.82
CA GLU A 31 -8.06 -1.79 0.53
C GLU A 31 -9.35 -2.59 0.71
N PRO A 32 -10.45 -2.04 0.13
CA PRO A 32 -11.74 -2.70 0.23
C PRO A 32 -11.81 -3.91 -0.70
N GLN A 33 -11.08 -3.82 -1.81
CA GLN A 33 -11.05 -4.88 -2.78
C GLN A 33 -10.47 -6.16 -2.15
N VAL A 34 -9.72 -5.96 -1.08
CA VAL A 34 -9.10 -7.07 -0.38
C VAL A 34 -10.02 -7.53 0.76
N VAL A 35 -10.47 -6.56 1.54
CA VAL A 35 -11.35 -6.85 2.65
C VAL A 35 -12.66 -7.45 2.13
N GLY A 36 -13.11 -6.92 1.00
CA GLY A 36 -14.33 -7.39 0.39
C GLY A 36 -14.04 -8.42 -0.70
N PHE A 37 -12.84 -8.98 -0.63
CA PHE A 37 -12.42 -9.98 -1.59
C PHE A 37 -13.23 -11.27 -1.44
N SER A 38 -13.00 -12.19 -2.36
CA SER A 38 -13.70 -13.47 -2.34
C SER A 38 -13.25 -14.34 -3.51
N GLY A 39 -12.21 -15.12 -3.26
CA GLY A 39 -11.67 -15.99 -4.29
C GLY A 39 -10.35 -16.62 -3.83
N LEU A 40 -9.86 -17.55 -4.63
CA LEU A 40 -8.61 -18.24 -4.33
C LEU A 40 -7.47 -17.21 -4.35
N SER A 41 -6.28 -17.71 -4.05
CA SER A 41 -5.10 -16.86 -4.04
C SER A 41 -4.41 -16.89 -5.41
N ASP A 42 -5.22 -17.05 -6.44
CA ASP A 42 -4.71 -17.11 -7.80
C ASP A 42 -5.86 -17.32 -8.77
N ASP A 43 -6.91 -16.53 -8.57
CA ASP A 43 -8.09 -16.63 -9.43
C ASP A 43 -9.17 -15.67 -8.91
N LYS A 44 -10.34 -15.76 -9.52
CA LYS A 44 -11.45 -14.91 -9.13
C LYS A 44 -11.14 -13.46 -9.50
N ASN A 45 -10.25 -12.86 -8.74
CA ASN A 45 -9.85 -11.48 -8.97
C ASN A 45 -8.65 -11.14 -8.09
N TYR A 46 -7.82 -12.14 -7.88
CA TYR A 46 -6.63 -11.96 -7.06
C TYR A 46 -5.49 -11.32 -7.87
N LYS A 47 -5.42 -11.72 -9.13
CA LYS A 47 -4.40 -11.20 -10.02
C LYS A 47 -4.38 -9.68 -9.95
N ARG A 48 -5.44 -9.09 -10.50
CA ARG A 48 -5.56 -7.64 -10.51
C ARG A 48 -5.07 -7.06 -9.18
N LEU A 49 -5.89 -7.23 -8.16
CA LEU A 49 -5.55 -6.73 -6.84
C LEU A 49 -4.05 -6.94 -6.59
N GLU A 50 -3.65 -8.20 -6.61
CA GLU A 50 -2.25 -8.56 -6.38
C GLU A 50 -1.34 -7.66 -7.23
N ARG A 51 -1.56 -7.73 -8.54
CA ARG A 51 -0.76 -6.94 -9.47
C ARG A 51 -0.60 -5.51 -8.94
N ILE A 52 -1.71 -4.93 -8.52
CA ILE A 52 -1.70 -3.58 -7.99
C ILE A 52 -0.68 -3.49 -6.86
N LEU A 53 -1.03 -4.11 -5.74
CA LEU A 53 -0.16 -4.11 -4.58
C LEU A 53 1.28 -4.37 -5.03
N THR A 54 1.46 -5.49 -5.73
CA THR A 54 2.77 -5.88 -6.21
C THR A 54 3.42 -4.70 -6.96
N LYS A 55 2.58 -3.93 -7.63
CA LYS A 55 3.05 -2.79 -8.39
C LYS A 55 3.35 -1.64 -7.43
N GLN A 56 2.41 -1.41 -6.53
CA GLN A 56 2.56 -0.33 -5.55
C GLN A 56 3.78 -0.60 -4.67
N LEU A 57 3.89 -1.83 -4.21
CA LEU A 57 5.00 -2.23 -3.36
C LEU A 57 6.32 -1.87 -4.05
N PHE A 58 6.48 -2.40 -5.25
CA PHE A 58 7.69 -2.15 -6.02
C PHE A 58 8.02 -0.66 -6.05
N GLU A 59 6.97 0.15 -5.93
CA GLU A 59 7.14 1.59 -5.94
C GLU A 59 7.63 2.08 -4.57
N ILE A 60 7.20 1.37 -3.54
CA ILE A 60 7.59 1.73 -2.18
C ILE A 60 9.11 1.60 -2.05
N ASP A 61 9.63 0.47 -2.52
CA ASP A 61 11.06 0.22 -2.45
C ASP A 61 11.78 1.22 -3.34
N SER A 62 11.11 1.61 -4.41
CA SER A 62 11.68 2.55 -5.36
C SER A 62 11.90 3.91 -4.67
N VAL A 63 10.97 4.24 -3.78
CA VAL A 63 11.05 5.49 -3.05
C VAL A 63 12.37 5.55 -2.27
N ASP A 64 13.21 6.49 -2.67
CA ASP A 64 14.51 6.66 -2.02
C ASP A 64 14.34 7.56 -0.80
N THR A 65 14.89 7.09 0.31
CA THR A 65 14.81 7.83 1.56
C THR A 65 16.20 8.31 1.99
N GLU A 66 16.59 9.46 1.45
CA GLU A 66 17.89 10.03 1.77
C GLU A 66 17.92 10.49 3.22
N GLY A 67 17.78 9.54 4.12
CA GLY A 67 17.79 9.83 5.54
C GLY A 67 17.09 11.16 5.83
N LYS A 68 15.79 11.18 5.54
CA LYS A 68 14.99 12.37 5.77
C LYS A 68 13.98 12.10 6.88
N GLY A 69 13.56 10.84 6.95
CA GLY A 69 12.59 10.45 7.96
C GLY A 69 11.16 10.59 7.44
N ASP A 70 10.79 11.84 7.17
CA ASP A 70 9.45 12.12 6.67
C ASP A 70 9.07 11.06 5.63
N ILE A 71 10.02 10.73 4.79
CA ILE A 71 9.79 9.74 3.74
C ILE A 71 10.06 8.34 4.32
N GLN A 72 11.24 8.20 4.90
CA GLN A 72 11.64 6.93 5.48
C GLN A 72 10.49 6.34 6.30
N GLN A 73 9.86 7.20 7.09
CA GLN A 73 8.74 6.79 7.92
C GLN A 73 7.58 6.32 7.06
N ALA A 74 7.09 7.23 6.22
CA ALA A 74 5.98 6.93 5.34
C ALA A 74 6.27 5.62 4.60
N ARG A 75 7.27 5.68 3.72
CA ARG A 75 7.65 4.52 2.94
C ARG A 75 7.63 3.26 3.81
N LYS A 76 8.49 3.26 4.82
CA LYS A 76 8.57 2.14 5.73
C LYS A 76 7.16 1.63 6.04
N ARG A 77 6.36 2.51 6.60
CA ARG A 77 4.99 2.16 6.95
C ARG A 77 4.24 1.67 5.71
N ALA A 78 4.39 2.42 4.63
CA ALA A 78 3.73 2.07 3.38
C ALA A 78 4.10 0.64 3.00
N ALA A 79 5.40 0.36 3.03
CA ALA A 79 5.89 -0.96 2.70
C ALA A 79 5.09 -2.02 3.47
N GLN A 80 4.89 -1.73 4.76
CA GLN A 80 4.16 -2.64 5.62
C GLN A 80 2.67 -2.61 5.27
N GLU A 81 2.16 -1.40 5.09
CA GLU A 81 0.76 -1.20 4.76
C GLU A 81 0.37 -2.11 3.59
N THR A 82 1.01 -1.86 2.45
CA THR A 82 0.74 -2.64 1.26
C THR A 82 0.74 -4.14 1.59
N GLU A 83 1.89 -4.61 2.05
CA GLU A 83 2.05 -6.00 2.39
C GLU A 83 0.89 -6.46 3.29
N ARG A 84 0.48 -5.56 4.16
CA ARG A 84 -0.62 -5.85 5.08
C ARG A 84 -1.86 -6.24 4.30
N LEU A 85 -2.14 -5.49 3.25
CA LEU A 85 -3.30 -5.75 2.42
C LEU A 85 -3.04 -6.99 1.57
N LEU A 86 -1.85 -7.04 1.01
CA LEU A 86 -1.46 -8.17 0.17
C LEU A 86 -1.66 -9.47 0.95
N LYS A 87 -1.27 -9.44 2.21
CA LYS A 87 -1.40 -10.60 3.07
C LYS A 87 -2.88 -10.79 3.43
N GLU A 88 -3.58 -9.67 3.56
CA GLU A 88 -4.99 -9.70 3.91
C GLU A 88 -5.80 -10.28 2.76
N LEU A 89 -5.19 -10.30 1.59
CA LEU A 89 -5.83 -10.83 0.40
C LEU A 89 -5.62 -12.35 0.33
N GLU A 90 -4.35 -12.72 0.26
CA GLU A 90 -3.99 -14.13 0.20
C GLU A 90 -4.77 -14.93 1.23
N GLN A 91 -4.98 -14.31 2.39
CA GLN A 91 -5.71 -14.95 3.46
C GLN A 91 -7.21 -14.94 3.17
N ASN A 92 -7.75 -13.74 3.04
CA ASN A 92 -9.16 -13.58 2.76
C ASN A 92 -9.54 -14.41 1.54
N ALA A 93 -8.55 -14.61 0.67
CA ALA A 93 -8.76 -15.39 -0.54
C ALA A 93 -9.51 -16.67 -0.19
N SER A 94 -8.80 -17.58 0.47
CA SER A 94 -9.38 -18.85 0.86
C SER A 94 -8.35 -19.69 1.61
N GLY A 95 -7.11 -19.61 1.14
CA GLY A 95 -6.03 -20.36 1.75
C GLY A 95 -6.35 -21.85 1.80
N PRO A 96 -5.33 -22.64 2.22
CA PRO A 96 -5.49 -24.09 2.32
C PRO A 96 -6.34 -24.47 3.53
N SER A 97 -6.81 -25.70 3.52
CA SER A 97 -7.64 -26.20 4.62
C SER A 97 -6.75 -26.83 5.69
N SER A 98 -7.03 -26.46 6.93
CA SER A 98 -6.28 -26.99 8.06
C SER A 98 -4.81 -26.55 7.95
N GLY A 99 -4.07 -27.28 7.14
CA GLY A 99 -2.66 -26.99 6.94
C GLY A 99 -1.83 -27.43 8.15
N GLY A 1 -0.78 -1.10 12.40
CA GLY A 1 0.45 -0.37 12.62
C GLY A 1 0.29 0.64 13.77
N SER A 2 1.22 1.58 13.82
CA SER A 2 1.20 2.59 14.86
C SER A 2 0.29 3.75 14.44
N SER A 3 -0.97 3.62 14.82
CA SER A 3 -1.97 4.64 14.50
C SER A 3 -1.40 6.03 14.80
N GLY A 4 -1.15 6.77 13.73
CA GLY A 4 -0.61 8.11 13.87
C GLY A 4 -1.71 9.12 14.21
N SER A 5 -1.34 10.40 14.15
CA SER A 5 -2.28 11.46 14.45
C SER A 5 -1.64 12.82 14.19
N SER A 6 -2.48 13.79 13.88
CA SER A 6 -2.01 15.14 13.61
C SER A 6 -0.94 15.10 12.51
N GLY A 7 -1.39 15.31 11.29
CA GLY A 7 -0.48 15.31 10.15
C GLY A 7 -0.96 16.28 9.07
N MET A 8 -0.30 17.43 9.03
CA MET A 8 -0.64 18.45 8.05
C MET A 8 0.54 19.41 7.83
N ASP A 9 1.32 19.10 6.81
CA ASP A 9 2.49 19.91 6.48
C ASP A 9 2.09 20.92 5.40
N MET A 10 2.97 21.90 5.21
CA MET A 10 2.73 22.93 4.21
C MET A 10 4.04 23.62 3.81
N GLY A 11 4.21 23.78 2.51
CA GLY A 11 5.41 24.42 1.99
C GLY A 11 6.04 23.58 0.87
N ASN A 12 7.31 23.24 1.07
CA ASN A 12 8.03 22.44 0.10
C ASN A 12 7.53 21.00 0.15
N GLN A 13 6.72 20.65 -0.84
CA GLN A 13 6.16 19.31 -0.91
C GLN A 13 7.12 18.38 -1.66
N HIS A 14 7.95 17.70 -0.89
CA HIS A 14 8.92 16.77 -1.47
C HIS A 14 8.27 15.99 -2.61
N PRO A 15 9.08 15.75 -3.66
CA PRO A 15 8.60 15.01 -4.83
C PRO A 15 8.48 13.51 -4.51
N SER A 16 9.38 13.05 -3.66
CA SER A 16 9.39 11.65 -3.28
C SER A 16 8.20 11.35 -2.36
N ILE A 17 7.86 12.34 -1.55
CA ILE A 17 6.74 12.19 -0.62
C ILE A 17 5.44 12.13 -1.42
N SER A 18 5.19 13.18 -2.17
CA SER A 18 3.98 13.25 -2.98
C SER A 18 3.84 11.98 -3.83
N ARG A 19 4.97 11.38 -4.12
CA ARG A 19 4.99 10.15 -4.91
C ARG A 19 4.49 8.98 -4.09
N LEU A 20 5.29 8.60 -3.09
CA LEU A 20 4.94 7.49 -2.22
C LEU A 20 3.54 7.73 -1.64
N GLN A 21 3.17 9.00 -1.58
CA GLN A 21 1.87 9.37 -1.05
C GLN A 21 0.76 9.00 -2.04
N GLU A 22 1.13 9.03 -3.31
CA GLU A 22 0.19 8.70 -4.37
C GLU A 22 -0.03 7.19 -4.44
N ILE A 23 0.99 6.46 -3.98
CA ILE A 23 0.93 5.01 -3.99
C ILE A 23 0.10 4.53 -2.80
N GLN A 24 0.04 5.37 -1.78
CA GLN A 24 -0.71 5.05 -0.59
C GLN A 24 -2.21 5.03 -0.89
N ARG A 25 -2.68 6.12 -1.48
CA ARG A 25 -4.08 6.25 -1.83
C ARG A 25 -4.51 5.05 -2.70
N GLU A 26 -3.55 4.52 -3.44
CA GLU A 26 -3.82 3.38 -4.30
C GLU A 26 -4.11 2.13 -3.47
N VAL A 27 -3.10 1.72 -2.71
CA VAL A 27 -3.22 0.54 -1.87
C VAL A 27 -4.45 0.70 -0.97
N LYS A 28 -4.77 1.94 -0.67
CA LYS A 28 -5.90 2.25 0.18
C LYS A 28 -7.20 2.13 -0.63
N ALA A 29 -7.12 2.59 -1.87
CA ALA A 29 -8.27 2.53 -2.77
C ALA A 29 -8.56 1.08 -3.13
N ILE A 30 -7.61 0.21 -2.78
CA ILE A 30 -7.76 -1.20 -3.07
C ILE A 30 -7.82 -1.98 -1.75
N GLU A 31 -7.66 -1.24 -0.66
CA GLU A 31 -7.71 -1.85 0.66
C GLU A 31 -9.01 -2.62 0.84
N PRO A 32 -10.13 -1.97 0.42
CA PRO A 32 -11.44 -2.60 0.54
C PRO A 32 -11.63 -3.70 -0.51
N GLN A 33 -11.12 -3.42 -1.71
CA GLN A 33 -11.23 -4.37 -2.80
C GLN A 33 -10.65 -5.72 -2.38
N VAL A 34 -9.82 -5.69 -1.35
CA VAL A 34 -9.21 -6.90 -0.85
C VAL A 34 -10.05 -7.45 0.31
N VAL A 35 -10.35 -6.57 1.25
CA VAL A 35 -11.14 -6.95 2.41
C VAL A 35 -12.50 -7.49 1.94
N GLY A 36 -13.02 -6.87 0.90
CA GLY A 36 -14.30 -7.26 0.34
C GLY A 36 -14.10 -8.11 -0.91
N PHE A 37 -12.96 -8.78 -0.97
CA PHE A 37 -12.65 -9.63 -2.11
C PHE A 37 -13.44 -10.95 -2.05
N SER A 38 -13.49 -11.62 -3.19
CA SER A 38 -14.20 -12.88 -3.29
C SER A 38 -13.56 -13.77 -4.35
N GLY A 39 -12.79 -14.74 -3.88
CA GLY A 39 -12.12 -15.66 -4.77
C GLY A 39 -11.17 -16.58 -4.01
N LEU A 40 -10.84 -17.70 -4.63
CA LEU A 40 -9.95 -18.67 -4.02
C LEU A 40 -8.50 -18.26 -4.31
N SER A 41 -7.65 -18.50 -3.32
CA SER A 41 -6.24 -18.17 -3.45
C SER A 41 -5.75 -18.53 -4.85
N ASP A 42 -5.52 -17.50 -5.65
CA ASP A 42 -5.06 -17.70 -7.02
C ASP A 42 -6.24 -18.03 -7.92
N ASP A 43 -6.67 -17.01 -8.66
CA ASP A 43 -7.79 -17.18 -9.57
C ASP A 43 -7.81 -16.02 -10.57
N LYS A 44 -8.85 -16.00 -11.39
CA LYS A 44 -9.00 -14.95 -12.38
C LYS A 44 -9.51 -13.68 -11.71
N ASN A 45 -8.69 -13.15 -10.81
CA ASN A 45 -9.04 -11.94 -10.09
C ASN A 45 -8.01 -11.69 -8.99
N TYR A 46 -7.83 -12.69 -8.16
CA TYR A 46 -6.86 -12.59 -7.07
C TYR A 46 -5.52 -12.03 -7.56
N LYS A 47 -5.06 -12.60 -8.66
CA LYS A 47 -3.80 -12.17 -9.25
C LYS A 47 -3.76 -10.65 -9.31
N ARG A 48 -4.87 -10.07 -9.77
CA ARG A 48 -4.97 -8.63 -9.89
C ARG A 48 -4.62 -7.96 -8.55
N LEU A 49 -5.46 -8.20 -7.56
CA LEU A 49 -5.24 -7.64 -6.24
C LEU A 49 -3.78 -7.81 -5.85
N GLU A 50 -3.36 -9.07 -5.76
CA GLU A 50 -1.98 -9.38 -5.40
C GLU A 50 -1.01 -8.57 -6.27
N ARG A 51 -1.38 -8.41 -7.53
CA ARG A 51 -0.56 -7.67 -8.47
C ARG A 51 -0.50 -6.20 -8.08
N ILE A 52 -1.63 -5.71 -7.57
CA ILE A 52 -1.72 -4.32 -7.15
C ILE A 52 -0.70 -4.06 -6.03
N LEU A 53 -0.94 -4.72 -4.90
CA LEU A 53 -0.05 -4.57 -3.76
C LEU A 53 1.40 -4.65 -4.23
N THR A 54 1.75 -5.82 -4.77
CA THR A 54 3.10 -6.03 -5.25
C THR A 54 3.55 -4.88 -6.15
N LYS A 55 2.71 -4.59 -7.14
CA LYS A 55 3.01 -3.52 -8.07
C LYS A 55 3.25 -2.22 -7.29
N GLN A 56 2.28 -1.89 -6.45
CA GLN A 56 2.38 -0.68 -5.65
C GLN A 56 3.65 -0.72 -4.78
N LEU A 57 3.83 -1.86 -4.13
CA LEU A 57 5.00 -2.04 -3.28
C LEU A 57 6.26 -1.65 -4.04
N PHE A 58 6.44 -2.28 -5.19
CA PHE A 58 7.59 -2.01 -6.03
C PHE A 58 7.75 -0.50 -6.26
N GLU A 59 6.63 0.20 -6.18
CA GLU A 59 6.65 1.64 -6.38
C GLU A 59 7.08 2.35 -5.10
N ILE A 60 6.77 1.72 -3.97
CA ILE A 60 7.12 2.29 -2.68
C ILE A 60 8.64 2.31 -2.54
N ASP A 61 9.24 1.15 -2.80
CA ASP A 61 10.69 1.02 -2.70
C ASP A 61 11.35 1.91 -3.76
N SER A 62 10.62 2.13 -4.84
CA SER A 62 11.12 2.96 -5.92
C SER A 62 11.36 4.39 -5.43
N VAL A 63 10.49 4.81 -4.52
CA VAL A 63 10.60 6.15 -3.95
C VAL A 63 11.84 6.23 -3.06
N ASP A 64 12.83 6.96 -3.56
CA ASP A 64 14.08 7.12 -2.83
C ASP A 64 13.79 7.83 -1.50
N THR A 65 14.82 7.90 -0.67
CA THR A 65 14.70 8.56 0.62
C THR A 65 15.86 9.53 0.84
N GLU A 66 17.07 9.01 0.64
CA GLU A 66 18.26 9.81 0.82
C GLU A 66 18.42 10.22 2.28
N GLY A 67 18.35 9.23 3.15
CA GLY A 67 18.49 9.46 4.57
C GLY A 67 17.47 10.50 5.05
N LYS A 68 16.28 10.43 4.48
CA LYS A 68 15.23 11.37 4.83
C LYS A 68 14.12 10.61 5.58
N GLY A 69 14.27 10.58 6.90
CA GLY A 69 13.30 9.89 7.74
C GLY A 69 11.87 10.28 7.35
N ASP A 70 11.69 11.57 7.05
CA ASP A 70 10.39 12.07 6.67
C ASP A 70 9.82 11.21 5.54
N ILE A 71 10.72 10.53 4.85
CA ILE A 71 10.33 9.65 3.76
C ILE A 71 10.39 8.20 4.21
N GLN A 72 11.52 7.85 4.81
CA GLN A 72 11.72 6.49 5.29
C GLN A 72 10.53 6.05 6.15
N GLN A 73 10.04 6.99 6.95
CA GLN A 73 8.90 6.73 7.82
C GLN A 73 7.65 6.44 6.99
N ALA A 74 7.27 7.44 6.20
CA ALA A 74 6.09 7.31 5.35
C ALA A 74 6.18 6.01 4.55
N ARG A 75 7.12 5.99 3.62
CA ARG A 75 7.32 4.82 2.78
C ARG A 75 7.15 3.53 3.61
N LYS A 76 8.02 3.39 4.61
CA LYS A 76 7.97 2.23 5.48
C LYS A 76 6.50 1.90 5.81
N ARG A 77 5.87 2.84 6.50
CA ARG A 77 4.48 2.67 6.89
C ARG A 77 3.64 2.24 5.68
N ALA A 78 4.06 2.71 4.51
CA ALA A 78 3.37 2.38 3.28
C ALA A 78 3.73 0.96 2.86
N ALA A 79 4.99 0.61 3.08
CA ALA A 79 5.47 -0.71 2.73
C ALA A 79 4.67 -1.77 3.50
N GLN A 80 4.36 -1.42 4.75
CA GLN A 80 3.61 -2.34 5.60
C GLN A 80 2.13 -2.34 5.20
N GLU A 81 1.63 -1.14 4.93
CA GLU A 81 0.24 -1.00 4.53
C GLU A 81 -0.10 -1.94 3.37
N THR A 82 0.77 -1.91 2.36
CA THR A 82 0.59 -2.75 1.19
C THR A 82 0.59 -4.22 1.59
N GLU A 83 1.75 -4.67 2.07
CA GLU A 83 1.90 -6.05 2.49
C GLU A 83 0.71 -6.49 3.34
N ARG A 84 0.39 -5.68 4.33
CA ARG A 84 -0.72 -5.96 5.22
C ARG A 84 -1.95 -6.39 4.41
N LEU A 85 -2.26 -5.59 3.40
CA LEU A 85 -3.40 -5.89 2.54
C LEU A 85 -3.14 -7.20 1.79
N LEU A 86 -1.93 -7.31 1.26
CA LEU A 86 -1.55 -8.51 0.53
C LEU A 86 -2.05 -9.74 1.26
N LYS A 87 -1.61 -9.87 2.50
CA LYS A 87 -2.01 -11.01 3.33
C LYS A 87 -3.54 -11.11 3.34
N GLU A 88 -4.18 -10.02 3.74
CA GLU A 88 -5.62 -9.98 3.79
C GLU A 88 -6.23 -10.74 2.60
N LEU A 89 -5.70 -10.44 1.43
CA LEU A 89 -6.18 -11.09 0.21
C LEU A 89 -6.34 -12.58 0.47
N GLU A 90 -5.24 -13.22 0.84
CA GLU A 90 -5.25 -14.64 1.12
C GLU A 90 -6.46 -15.00 1.99
N GLN A 91 -6.68 -14.18 3.00
CA GLN A 91 -7.79 -14.40 3.91
C GLN A 91 -9.12 -14.21 3.18
N ASN A 92 -9.36 -12.98 2.77
CA ASN A 92 -10.59 -12.64 2.06
C ASN A 92 -10.81 -13.68 0.95
N ALA A 93 -9.71 -14.19 0.44
CA ALA A 93 -9.78 -15.18 -0.63
C ALA A 93 -10.84 -16.23 -0.28
N SER A 94 -10.46 -17.13 0.60
CA SER A 94 -11.37 -18.19 1.04
C SER A 94 -10.60 -19.25 1.82
N GLY A 95 -9.52 -19.74 1.20
CA GLY A 95 -8.70 -20.75 1.84
C GLY A 95 -7.99 -20.20 3.07
N PRO A 96 -7.52 -21.14 3.93
CA PRO A 96 -6.82 -20.75 5.15
C PRO A 96 -5.40 -20.27 4.84
N SER A 97 -4.95 -19.33 5.66
CA SER A 97 -3.61 -18.78 5.48
C SER A 97 -2.56 -19.76 6.03
N SER A 98 -1.65 -20.15 5.14
CA SER A 98 -0.60 -21.08 5.51
C SER A 98 0.74 -20.58 4.98
N GLY A 99 1.79 -20.83 5.76
CA GLY A 99 3.13 -20.41 5.38
C GLY A 99 4.15 -21.52 5.66
N GLY A 1 -9.41 1.54 13.36
CA GLY A 1 -8.35 2.01 14.24
C GLY A 1 -6.99 1.61 13.70
N SER A 2 -5.96 2.00 14.44
CA SER A 2 -4.58 1.69 14.05
C SER A 2 -4.22 2.42 12.76
N SER A 3 -3.07 3.07 12.79
CA SER A 3 -2.60 3.82 11.63
C SER A 3 -3.58 4.95 11.30
N GLY A 4 -3.08 5.94 10.58
CA GLY A 4 -3.89 7.07 10.20
C GLY A 4 -3.73 8.22 11.19
N SER A 5 -2.52 8.76 11.24
CA SER A 5 -2.23 9.86 12.14
C SER A 5 -1.03 10.66 11.62
N SER A 6 -1.31 11.54 10.67
CA SER A 6 -0.27 12.37 10.08
C SER A 6 -0.84 13.73 9.71
N GLY A 7 -0.07 14.77 10.01
CA GLY A 7 -0.48 16.12 9.71
C GLY A 7 0.71 16.97 9.27
N MET A 8 0.85 17.11 7.96
CA MET A 8 1.94 17.88 7.40
C MET A 8 1.61 18.34 5.98
N ASP A 9 1.65 19.66 5.79
CA ASP A 9 1.36 20.23 4.49
C ASP A 9 2.67 20.55 3.77
N MET A 10 3.48 21.35 4.44
CA MET A 10 4.77 21.74 3.88
C MET A 10 4.58 22.52 2.57
N GLY A 11 5.67 23.13 2.13
CA GLY A 11 5.65 23.91 0.90
C GLY A 11 5.81 23.00 -0.32
N ASN A 12 7.00 23.08 -0.91
CA ASN A 12 7.30 22.27 -2.08
C ASN A 12 6.98 20.81 -1.79
N GLN A 13 6.06 20.26 -2.58
CA GLN A 13 5.65 18.88 -2.42
C GLN A 13 6.78 17.94 -2.86
N HIS A 14 7.51 17.44 -1.87
CA HIS A 14 8.60 16.53 -2.14
C HIS A 14 8.17 15.50 -3.18
N PRO A 15 9.13 15.14 -4.08
CA PRO A 15 8.87 14.17 -5.12
C PRO A 15 8.83 12.75 -4.54
N SER A 16 9.48 12.58 -3.41
CA SER A 16 9.53 11.29 -2.75
C SER A 16 8.30 11.11 -1.86
N ILE A 17 7.65 12.23 -1.57
CA ILE A 17 6.46 12.21 -0.73
C ILE A 17 5.22 12.01 -1.62
N SER A 18 5.08 12.91 -2.59
CA SER A 18 3.96 12.84 -3.50
C SER A 18 3.73 11.40 -3.97
N ARG A 19 4.84 10.68 -4.10
CA ARG A 19 4.78 9.30 -4.53
C ARG A 19 3.98 8.45 -3.53
N LEU A 20 4.45 8.48 -2.29
CA LEU A 20 3.79 7.74 -1.23
C LEU A 20 2.34 8.17 -1.13
N GLN A 21 2.07 9.35 -1.66
CA GLN A 21 0.71 9.90 -1.64
C GLN A 21 -0.08 9.39 -2.85
N GLU A 22 0.66 8.88 -3.83
CA GLU A 22 0.05 8.37 -5.03
C GLU A 22 -0.09 6.84 -4.96
N ILE A 23 0.66 6.26 -4.02
CA ILE A 23 0.64 4.82 -3.84
C ILE A 23 -0.32 4.47 -2.70
N GLN A 24 -0.23 5.25 -1.63
CA GLN A 24 -1.08 5.04 -0.47
C GLN A 24 -2.56 5.12 -0.87
N ARG A 25 -2.85 6.11 -1.70
CA ARG A 25 -4.22 6.31 -2.16
C ARG A 25 -4.68 5.12 -2.99
N GLU A 26 -3.71 4.45 -3.62
CA GLU A 26 -4.01 3.30 -4.44
C GLU A 26 -4.39 2.10 -3.56
N VAL A 27 -3.46 1.71 -2.72
CA VAL A 27 -3.68 0.58 -1.82
C VAL A 27 -4.96 0.84 -1.01
N LYS A 28 -5.24 2.11 -0.80
CA LYS A 28 -6.44 2.49 -0.05
C LYS A 28 -7.67 2.32 -0.94
N ALA A 29 -7.54 2.79 -2.17
CA ALA A 29 -8.63 2.70 -3.12
C ALA A 29 -8.87 1.24 -3.48
N ILE A 30 -7.94 0.40 -3.06
CA ILE A 30 -8.03 -1.03 -3.32
C ILE A 30 -8.06 -1.79 -2.00
N GLU A 31 -7.95 -1.04 -0.91
CA GLU A 31 -7.97 -1.63 0.42
C GLU A 31 -9.22 -2.48 0.61
N PRO A 32 -10.37 -1.90 0.17
CA PRO A 32 -11.65 -2.59 0.29
C PRO A 32 -11.77 -3.71 -0.75
N GLN A 33 -10.95 -3.60 -1.79
CA GLN A 33 -10.96 -4.58 -2.86
C GLN A 33 -10.36 -5.90 -2.36
N VAL A 34 -9.62 -5.80 -1.27
CA VAL A 34 -8.99 -6.98 -0.69
C VAL A 34 -9.81 -7.44 0.51
N VAL A 35 -10.20 -6.48 1.33
CA VAL A 35 -10.99 -6.77 2.52
C VAL A 35 -12.32 -7.38 2.10
N GLY A 36 -12.86 -6.85 1.02
CA GLY A 36 -14.14 -7.33 0.50
C GLY A 36 -13.93 -8.24 -0.71
N PHE A 37 -12.76 -8.87 -0.75
CA PHE A 37 -12.43 -9.78 -1.84
C PHE A 37 -13.09 -11.14 -1.65
N SER A 38 -13.28 -11.82 -2.77
CA SER A 38 -13.91 -13.14 -2.73
C SER A 38 -13.42 -13.97 -3.92
N GLY A 39 -12.47 -14.86 -3.64
CA GLY A 39 -11.92 -15.71 -4.67
C GLY A 39 -10.62 -16.37 -4.19
N LEU A 40 -10.43 -17.61 -4.64
CA LEU A 40 -9.23 -18.35 -4.26
C LEU A 40 -8.00 -17.47 -4.48
N SER A 41 -6.87 -17.98 -4.01
CA SER A 41 -5.62 -17.25 -4.15
C SER A 41 -4.93 -17.62 -5.47
N ASP A 42 -5.74 -17.65 -6.52
CA ASP A 42 -5.23 -17.99 -7.84
C ASP A 42 -6.39 -18.04 -8.84
N ASP A 43 -7.14 -16.95 -8.89
CA ASP A 43 -8.27 -16.85 -9.79
C ASP A 43 -8.14 -15.60 -10.64
N LYS A 44 -9.06 -15.48 -11.61
CA LYS A 44 -9.05 -14.33 -12.49
C LYS A 44 -9.57 -13.11 -11.73
N ASN A 45 -8.84 -12.74 -10.69
CA ASN A 45 -9.20 -11.59 -9.88
C ASN A 45 -8.13 -11.37 -8.79
N TYR A 46 -7.78 -12.47 -8.14
CA TYR A 46 -6.78 -12.42 -7.08
C TYR A 46 -5.45 -11.86 -7.61
N LYS A 47 -5.02 -12.43 -8.73
CA LYS A 47 -3.77 -12.00 -9.35
C LYS A 47 -3.75 -10.47 -9.45
N ARG A 48 -4.81 -9.95 -10.05
CA ARG A 48 -4.93 -8.50 -10.20
C ARG A 48 -4.72 -7.80 -8.86
N LEU A 49 -5.60 -8.11 -7.92
CA LEU A 49 -5.52 -7.52 -6.59
C LEU A 49 -4.07 -7.53 -6.12
N GLU A 50 -3.54 -8.73 -5.94
CA GLU A 50 -2.18 -8.90 -5.49
C GLU A 50 -1.23 -8.08 -6.36
N ARG A 51 -1.45 -8.16 -7.67
CA ARG A 51 -0.63 -7.43 -8.61
C ARG A 51 -0.57 -5.95 -8.23
N ILE A 52 -1.71 -5.42 -7.83
CA ILE A 52 -1.81 -4.03 -7.45
C ILE A 52 -0.89 -3.78 -6.25
N LEU A 53 -1.15 -4.49 -5.17
CA LEU A 53 -0.36 -4.36 -3.97
C LEU A 53 1.12 -4.61 -4.29
N THR A 54 1.37 -5.78 -4.87
CA THR A 54 2.72 -6.16 -5.23
C THR A 54 3.35 -5.08 -6.12
N LYS A 55 2.57 -4.61 -7.08
CA LYS A 55 3.02 -3.59 -8.00
C LYS A 55 3.29 -2.29 -7.22
N GLN A 56 2.27 -1.88 -6.48
CA GLN A 56 2.38 -0.65 -5.68
C GLN A 56 3.58 -0.74 -4.74
N LEU A 57 3.67 -1.86 -4.03
CA LEU A 57 4.76 -2.08 -3.10
C LEU A 57 6.09 -1.85 -3.82
N PHE A 58 6.25 -2.57 -4.93
CA PHE A 58 7.47 -2.46 -5.71
C PHE A 58 7.81 -1.00 -6.01
N GLU A 59 6.77 -0.18 -6.03
CA GLU A 59 6.93 1.24 -6.30
C GLU A 59 7.41 1.97 -5.04
N ILE A 60 7.00 1.43 -3.90
CA ILE A 60 7.37 2.02 -2.62
C ILE A 60 8.88 1.90 -2.44
N ASP A 61 9.39 0.72 -2.75
CA ASP A 61 10.81 0.46 -2.62
C ASP A 61 11.57 1.19 -3.74
N SER A 62 10.78 1.80 -4.62
CA SER A 62 11.36 2.54 -5.74
C SER A 62 11.72 3.96 -5.30
N VAL A 63 10.72 4.66 -4.79
CA VAL A 63 10.91 6.02 -4.33
C VAL A 63 12.01 6.05 -3.27
N ASP A 64 12.97 6.95 -3.47
CA ASP A 64 14.07 7.08 -2.54
C ASP A 64 13.65 7.99 -1.39
N THR A 65 14.55 8.13 -0.42
CA THR A 65 14.29 8.97 0.74
C THR A 65 15.47 9.91 0.99
N GLU A 66 16.66 9.35 0.91
CA GLU A 66 17.88 10.12 1.12
C GLU A 66 18.12 10.32 2.62
N GLY A 67 17.97 9.23 3.35
CA GLY A 67 18.18 9.27 4.79
C GLY A 67 17.66 10.58 5.39
N LYS A 68 16.35 10.77 5.27
CA LYS A 68 15.72 11.98 5.78
C LYS A 68 14.81 11.60 6.96
N GLY A 69 14.24 10.41 6.87
CA GLY A 69 13.36 9.93 7.92
C GLY A 69 11.88 10.14 7.53
N ASP A 70 11.51 11.41 7.42
CA ASP A 70 10.15 11.76 7.07
C ASP A 70 9.64 10.81 5.99
N ILE A 71 10.43 10.68 4.93
CA ILE A 71 10.08 9.81 3.83
C ILE A 71 10.31 8.35 4.26
N GLN A 72 11.55 8.09 4.66
CA GLN A 72 11.92 6.74 5.09
C GLN A 72 10.81 6.14 5.95
N GLN A 73 10.46 6.86 7.00
CA GLN A 73 9.42 6.42 7.92
C GLN A 73 8.15 6.07 7.14
N ALA A 74 7.85 6.92 6.17
CA ALA A 74 6.66 6.72 5.36
C ALA A 74 6.83 5.46 4.50
N ARG A 75 7.78 5.54 3.58
CA ARG A 75 8.06 4.42 2.70
C ARG A 75 7.96 3.10 3.47
N LYS A 76 8.77 3.00 4.52
CA LYS A 76 8.78 1.81 5.34
C LYS A 76 7.38 1.56 5.90
N ARG A 77 6.75 2.63 6.32
CA ARG A 77 5.40 2.54 6.87
C ARG A 77 4.42 2.03 5.81
N ALA A 78 4.55 2.60 4.62
CA ALA A 78 3.69 2.21 3.51
C ALA A 78 3.91 0.72 3.20
N ALA A 79 5.18 0.33 3.24
CA ALA A 79 5.54 -1.05 2.95
C ALA A 79 4.77 -1.97 3.89
N GLN A 80 4.60 -1.51 5.13
CA GLN A 80 3.89 -2.28 6.12
C GLN A 80 2.39 -2.29 5.82
N GLU A 81 1.91 -1.14 5.37
CA GLU A 81 0.51 -0.99 5.04
C GLU A 81 0.14 -1.86 3.84
N THR A 82 0.82 -1.60 2.73
CA THR A 82 0.58 -2.35 1.51
C THR A 82 0.74 -3.86 1.77
N GLU A 83 1.77 -4.19 2.52
CA GLU A 83 2.05 -5.58 2.85
C GLU A 83 0.94 -6.13 3.75
N ARG A 84 0.23 -5.23 4.39
CA ARG A 84 -0.86 -5.61 5.28
C ARG A 84 -2.03 -6.18 4.47
N LEU A 85 -2.41 -5.43 3.45
CA LEU A 85 -3.51 -5.84 2.60
C LEU A 85 -3.18 -7.19 1.97
N LEU A 86 -2.00 -7.26 1.36
CA LEU A 86 -1.55 -8.49 0.73
C LEU A 86 -1.88 -9.67 1.63
N LYS A 87 -1.67 -9.47 2.93
CA LYS A 87 -1.92 -10.51 3.91
C LYS A 87 -3.42 -10.82 3.93
N GLU A 88 -4.22 -9.76 3.93
CA GLU A 88 -5.66 -9.89 3.94
C GLU A 88 -6.14 -10.69 2.73
N LEU A 89 -5.61 -10.31 1.58
CA LEU A 89 -5.96 -10.98 0.33
C LEU A 89 -5.93 -12.49 0.54
N GLU A 90 -4.73 -12.98 0.82
CA GLU A 90 -4.56 -14.41 1.05
C GLU A 90 -5.73 -14.97 1.83
N GLN A 91 -5.92 -14.45 3.03
CA GLN A 91 -7.00 -14.91 3.89
C GLN A 91 -8.35 -14.69 3.20
N ASN A 92 -8.67 -13.42 2.97
CA ASN A 92 -9.91 -13.06 2.32
C ASN A 92 -10.19 -14.05 1.18
N ALA A 93 -9.15 -14.35 0.43
CA ALA A 93 -9.27 -15.27 -0.68
C ALA A 93 -10.18 -16.43 -0.28
N SER A 94 -9.61 -17.35 0.51
CA SER A 94 -10.36 -18.50 0.97
C SER A 94 -9.45 -19.41 1.81
N GLY A 95 -8.19 -19.47 1.40
CA GLY A 95 -7.22 -20.29 2.11
C GLY A 95 -6.28 -19.42 2.95
N PRO A 96 -5.62 -20.09 3.93
CA PRO A 96 -4.68 -19.40 4.81
C PRO A 96 -3.37 -19.08 4.08
N SER A 97 -2.60 -18.19 4.68
CA SER A 97 -1.33 -17.80 4.10
C SER A 97 -0.22 -18.75 4.57
N SER A 98 0.74 -18.95 3.70
CA SER A 98 1.86 -19.83 4.00
C SER A 98 3.16 -19.25 3.43
N GLY A 99 4.27 -19.71 3.98
CA GLY A 99 5.58 -19.24 3.54
C GLY A 99 6.68 -20.14 4.08
N GLY A 1 -23.02 36.21 3.60
CA GLY A 1 -21.72 36.11 2.96
C GLY A 1 -20.87 35.02 3.61
N SER A 2 -19.70 35.44 4.09
CA SER A 2 -18.79 34.51 4.73
C SER A 2 -18.25 33.50 3.71
N SER A 3 -16.95 33.28 3.78
CA SER A 3 -16.31 32.35 2.86
C SER A 3 -14.81 32.30 3.14
N GLY A 4 -14.41 31.32 3.94
CA GLY A 4 -13.01 31.16 4.29
C GLY A 4 -12.40 32.48 4.76
N SER A 5 -11.08 32.51 4.80
CA SER A 5 -10.36 33.71 5.22
C SER A 5 -8.93 33.67 4.69
N SER A 6 -8.21 32.62 5.05
CA SER A 6 -6.84 32.45 4.61
C SER A 6 -6.23 31.21 5.25
N GLY A 7 -5.28 30.63 4.53
CA GLY A 7 -4.61 29.43 5.01
C GLY A 7 -3.10 29.66 5.16
N MET A 8 -2.54 29.08 6.20
CA MET A 8 -1.12 29.21 6.46
C MET A 8 -0.39 27.89 6.22
N ASP A 9 0.86 28.00 5.80
CA ASP A 9 1.68 26.83 5.52
C ASP A 9 1.00 25.99 4.44
N MET A 10 1.49 26.17 3.22
CA MET A 10 0.97 25.44 2.08
C MET A 10 1.86 25.59 0.86
N GLY A 11 2.53 24.49 0.51
CA GLY A 11 3.43 24.49 -0.63
C GLY A 11 4.56 23.47 -0.43
N ASN A 12 5.43 23.41 -1.42
CA ASN A 12 6.56 22.49 -1.38
C ASN A 12 6.03 21.05 -1.30
N GLN A 13 6.03 20.40 -2.45
CA GLN A 13 5.56 19.02 -2.53
C GLN A 13 6.69 18.09 -2.97
N HIS A 14 7.33 17.50 -1.98
CA HIS A 14 8.44 16.59 -2.25
C HIS A 14 8.03 15.60 -3.35
N PRO A 15 9.01 15.30 -4.24
CA PRO A 15 8.77 14.37 -5.34
C PRO A 15 8.72 12.93 -4.84
N SER A 16 9.28 12.73 -3.66
CA SER A 16 9.32 11.40 -3.06
C SER A 16 8.06 11.17 -2.24
N ILE A 17 7.45 12.27 -1.83
CA ILE A 17 6.23 12.20 -1.03
C ILE A 17 5.01 12.10 -1.98
N SER A 18 5.01 12.98 -2.97
CA SER A 18 3.92 12.99 -3.94
C SER A 18 3.77 11.61 -4.57
N ARG A 19 4.84 10.85 -4.52
CA ARG A 19 4.83 9.51 -5.09
C ARG A 19 4.16 8.53 -4.13
N LEU A 20 4.58 8.60 -2.88
CA LEU A 20 4.02 7.72 -1.86
C LEU A 20 2.51 7.96 -1.75
N GLN A 21 2.15 9.22 -1.78
CA GLN A 21 0.75 9.60 -1.70
C GLN A 21 -0.06 8.92 -2.79
N GLU A 22 0.59 8.74 -3.94
CA GLU A 22 -0.05 8.10 -5.08
C GLU A 22 -0.09 6.58 -4.88
N ILE A 23 0.97 6.07 -4.26
CA ILE A 23 1.07 4.64 -4.00
C ILE A 23 0.08 4.26 -2.90
N GLN A 24 -0.05 5.15 -1.92
CA GLN A 24 -0.95 4.91 -0.81
C GLN A 24 -2.40 4.86 -1.31
N ARG A 25 -2.87 6.01 -1.77
CA ARG A 25 -4.24 6.12 -2.28
C ARG A 25 -4.57 4.91 -3.16
N GLU A 26 -3.53 4.35 -3.76
CA GLU A 26 -3.70 3.19 -4.62
C GLU A 26 -3.99 1.94 -3.79
N VAL A 27 -2.97 1.48 -3.08
CA VAL A 27 -3.10 0.31 -2.25
C VAL A 27 -4.31 0.47 -1.33
N LYS A 28 -4.61 1.72 -1.02
CA LYS A 28 -5.74 2.04 -0.16
C LYS A 28 -7.03 1.90 -0.95
N ALA A 29 -6.99 2.43 -2.18
CA ALA A 29 -8.16 2.37 -3.04
C ALA A 29 -8.48 0.92 -3.40
N ILE A 30 -7.48 0.06 -3.16
CA ILE A 30 -7.63 -1.35 -3.45
C ILE A 30 -7.65 -2.13 -2.13
N GLU A 31 -7.79 -1.39 -1.05
CA GLU A 31 -7.83 -2.00 0.27
C GLU A 31 -9.17 -2.71 0.48
N PRO A 32 -10.27 -2.02 0.05
CA PRO A 32 -11.61 -2.58 0.19
C PRO A 32 -11.84 -3.68 -0.84
N GLN A 33 -10.81 -3.95 -1.63
CA GLN A 33 -10.90 -4.98 -2.65
C GLN A 33 -10.31 -6.29 -2.13
N VAL A 34 -9.71 -6.21 -0.96
CA VAL A 34 -9.11 -7.38 -0.34
C VAL A 34 -9.79 -7.66 0.99
N VAL A 35 -10.17 -6.59 1.67
CA VAL A 35 -10.84 -6.72 2.96
C VAL A 35 -12.23 -7.33 2.75
N GLY A 36 -12.92 -6.81 1.75
CA GLY A 36 -14.25 -7.29 1.42
C GLY A 36 -14.22 -8.28 0.27
N PHE A 37 -13.04 -8.85 0.05
CA PHE A 37 -12.87 -9.81 -1.03
C PHE A 37 -13.46 -11.17 -0.66
N SER A 38 -13.58 -12.02 -1.67
CA SER A 38 -14.13 -13.36 -1.45
C SER A 38 -13.89 -14.21 -2.70
N GLY A 39 -12.89 -15.08 -2.59
CA GLY A 39 -12.53 -15.96 -3.69
C GLY A 39 -11.20 -16.66 -3.43
N LEU A 40 -10.86 -17.57 -4.32
CA LEU A 40 -9.62 -18.31 -4.20
C LEU A 40 -8.45 -17.40 -4.57
N SER A 41 -7.24 -17.89 -4.32
CA SER A 41 -6.05 -17.13 -4.62
C SER A 41 -5.59 -17.42 -6.05
N ASP A 42 -6.46 -17.10 -7.00
CA ASP A 42 -6.16 -17.32 -8.40
C ASP A 42 -7.44 -17.15 -9.22
N ASP A 43 -8.19 -16.11 -8.88
CA ASP A 43 -9.44 -15.82 -9.58
C ASP A 43 -9.25 -14.58 -10.45
N LYS A 44 -10.27 -14.31 -11.26
CA LYS A 44 -10.23 -13.16 -12.15
C LYS A 44 -10.47 -11.88 -11.33
N ASN A 45 -9.59 -11.66 -10.37
CA ASN A 45 -9.69 -10.49 -9.52
C ASN A 45 -8.53 -10.49 -8.52
N TYR A 46 -8.37 -11.63 -7.85
CA TYR A 46 -7.30 -11.77 -6.87
C TYR A 46 -5.95 -11.42 -7.47
N LYS A 47 -5.70 -11.97 -8.64
CA LYS A 47 -4.44 -11.73 -9.35
C LYS A 47 -4.24 -10.22 -9.49
N ARG A 48 -5.34 -9.52 -9.74
CA ARG A 48 -5.29 -8.09 -9.91
C ARG A 48 -4.73 -7.42 -8.65
N LEU A 49 -5.42 -7.66 -7.54
CA LEU A 49 -5.00 -7.10 -6.26
C LEU A 49 -3.53 -7.44 -6.02
N GLU A 50 -3.26 -8.74 -5.94
CA GLU A 50 -1.91 -9.21 -5.72
C GLU A 50 -0.93 -8.53 -6.68
N ARG A 51 -1.41 -8.30 -7.90
CA ARG A 51 -0.61 -7.67 -8.91
C ARG A 51 -0.37 -6.19 -8.57
N ILE A 52 -1.34 -5.62 -7.87
CA ILE A 52 -1.27 -4.23 -7.47
C ILE A 52 -0.19 -4.09 -6.38
N LEU A 53 -0.50 -4.62 -5.21
CA LEU A 53 0.42 -4.55 -4.09
C LEU A 53 1.85 -4.75 -4.60
N THR A 54 2.10 -5.95 -5.10
CA THR A 54 3.41 -6.28 -5.63
C THR A 54 3.96 -5.14 -6.48
N LYS A 55 3.09 -4.62 -7.34
CA LYS A 55 3.46 -3.51 -8.21
C LYS A 55 3.82 -2.30 -7.38
N GLN A 56 2.82 -1.78 -6.67
CA GLN A 56 3.01 -0.62 -5.83
C GLN A 56 4.23 -0.82 -4.92
N LEU A 57 4.32 -2.02 -4.37
CA LEU A 57 5.43 -2.35 -3.48
C LEU A 57 6.75 -2.00 -4.18
N PHE A 58 6.92 -2.53 -5.38
CA PHE A 58 8.12 -2.29 -6.15
C PHE A 58 8.42 -0.80 -6.24
N GLU A 59 7.36 0.00 -6.13
CA GLU A 59 7.49 1.43 -6.21
C GLU A 59 7.92 1.99 -4.85
N ILE A 60 7.48 1.32 -3.80
CA ILE A 60 7.82 1.75 -2.45
C ILE A 60 9.34 1.66 -2.25
N ASP A 61 9.90 0.53 -2.65
CA ASP A 61 11.32 0.30 -2.54
C ASP A 61 12.07 1.35 -3.38
N SER A 62 11.42 1.75 -4.46
CA SER A 62 12.01 2.73 -5.35
C SER A 62 12.22 4.05 -4.62
N VAL A 63 11.14 4.53 -4.01
CA VAL A 63 11.19 5.78 -3.26
C VAL A 63 12.50 5.85 -2.49
N ASP A 64 13.25 6.91 -2.74
CA ASP A 64 14.52 7.12 -2.07
C ASP A 64 14.29 7.90 -0.78
N THR A 65 14.94 7.44 0.27
CA THR A 65 14.82 8.10 1.57
C THR A 65 16.20 8.56 2.07
N GLU A 66 16.59 9.74 1.61
CA GLU A 66 17.87 10.30 2.00
C GLU A 66 17.86 10.68 3.49
N GLY A 67 17.67 9.67 4.32
CA GLY A 67 17.64 9.89 5.75
C GLY A 67 16.94 11.20 6.09
N LYS A 68 15.64 11.23 5.83
CA LYS A 68 14.85 12.42 6.11
C LYS A 68 13.80 12.09 7.16
N GLY A 69 13.23 10.90 7.05
CA GLY A 69 12.21 10.46 7.98
C GLY A 69 10.82 10.64 7.40
N ASP A 70 10.47 11.89 7.14
CA ASP A 70 9.17 12.22 6.58
C ASP A 70 8.82 11.19 5.50
N ILE A 71 9.83 10.79 4.75
CA ILE A 71 9.65 9.83 3.69
C ILE A 71 9.89 8.42 4.24
N GLN A 72 11.04 8.26 4.88
CA GLN A 72 11.40 6.97 5.45
C GLN A 72 10.23 6.39 6.24
N GLN A 73 9.58 7.26 7.00
CA GLN A 73 8.44 6.83 7.80
C GLN A 73 7.29 6.38 6.90
N ALA A 74 6.89 7.27 6.01
CA ALA A 74 5.81 6.96 5.08
C ALA A 74 6.15 5.69 4.31
N ARG A 75 7.28 5.74 3.61
CA ARG A 75 7.73 4.60 2.83
C ARG A 75 7.60 3.31 3.65
N LYS A 76 8.43 3.21 4.68
CA LYS A 76 8.42 2.04 5.54
C LYS A 76 6.98 1.73 5.94
N ARG A 77 6.23 2.79 6.20
CA ARG A 77 4.84 2.65 6.61
C ARG A 77 4.01 2.08 5.45
N ALA A 78 4.44 2.42 4.24
CA ALA A 78 3.75 1.96 3.05
C ALA A 78 4.23 0.55 2.69
N ALA A 79 5.53 0.33 2.93
CA ALA A 79 6.13 -0.95 2.65
C ALA A 79 5.44 -2.04 3.47
N GLN A 80 4.81 -1.60 4.55
CA GLN A 80 4.11 -2.51 5.43
C GLN A 80 2.64 -2.66 5.01
N GLU A 81 2.01 -1.51 4.81
CA GLU A 81 0.61 -1.49 4.40
C GLU A 81 0.38 -2.47 3.25
N THR A 82 1.05 -2.21 2.13
CA THR A 82 0.92 -3.05 0.97
C THR A 82 1.02 -4.53 1.36
N GLU A 83 2.15 -4.88 1.96
CA GLU A 83 2.38 -6.24 2.39
C GLU A 83 1.32 -6.65 3.42
N ARG A 84 0.74 -5.65 4.05
CA ARG A 84 -0.29 -5.89 5.05
C ARG A 84 -1.57 -6.41 4.40
N LEU A 85 -1.89 -5.83 3.26
CA LEU A 85 -3.08 -6.24 2.52
C LEU A 85 -2.80 -7.54 1.78
N LEU A 86 -1.67 -7.58 1.10
CA LEU A 86 -1.28 -8.76 0.35
C LEU A 86 -1.65 -10.01 1.16
N LYS A 87 -1.25 -10.00 2.43
CA LYS A 87 -1.54 -11.12 3.31
C LYS A 87 -3.04 -11.19 3.56
N GLU A 88 -3.62 -10.03 3.80
CA GLU A 88 -5.05 -9.95 4.06
C GLU A 88 -5.83 -10.68 2.97
N LEU A 89 -5.46 -10.40 1.73
CA LEU A 89 -6.12 -11.02 0.59
C LEU A 89 -6.11 -12.55 0.77
N GLU A 90 -4.91 -13.09 0.84
CA GLU A 90 -4.74 -14.53 1.00
C GLU A 90 -5.53 -15.01 2.23
N GLN A 91 -5.62 -14.13 3.22
CA GLN A 91 -6.33 -14.45 4.44
C GLN A 91 -7.84 -14.39 4.20
N ASN A 92 -8.23 -13.56 3.25
CA ASN A 92 -9.63 -13.40 2.91
C ASN A 92 -9.90 -14.04 1.55
N ALA A 93 -9.01 -14.94 1.17
CA ALA A 93 -9.14 -15.63 -0.11
C ALA A 93 -9.95 -16.92 0.10
N SER A 94 -9.25 -17.95 0.53
CA SER A 94 -9.90 -19.24 0.76
C SER A 94 -8.90 -20.22 1.35
N GLY A 95 -7.67 -20.15 0.86
CA GLY A 95 -6.62 -21.04 1.32
C GLY A 95 -5.25 -20.37 1.16
N PRO A 96 -4.21 -21.06 1.72
CA PRO A 96 -2.85 -20.55 1.65
C PRO A 96 -2.27 -20.75 0.24
N SER A 97 -1.12 -20.13 0.03
CA SER A 97 -0.44 -20.23 -1.26
C SER A 97 1.06 -20.02 -1.08
N SER A 98 1.74 -21.11 -0.75
CA SER A 98 3.17 -21.05 -0.55
C SER A 98 3.82 -22.35 -1.05
N GLY A 99 4.60 -22.22 -2.12
CA GLY A 99 5.27 -23.35 -2.70
C GLY A 99 6.71 -23.01 -3.06
N GLY A 1 -8.60 46.88 4.69
CA GLY A 1 -8.25 45.62 5.34
C GLY A 1 -9.50 44.76 5.56
N SER A 2 -9.62 44.26 6.77
CA SER A 2 -10.76 43.42 7.12
C SER A 2 -10.75 42.15 6.27
N SER A 3 -11.60 41.20 6.65
CA SER A 3 -11.69 39.94 5.94
C SER A 3 -10.39 39.16 6.07
N GLY A 4 -10.49 37.86 5.82
CA GLY A 4 -9.32 36.99 5.92
C GLY A 4 -9.38 35.89 4.85
N SER A 5 -8.46 34.94 4.98
CA SER A 5 -8.39 33.84 4.04
C SER A 5 -7.22 32.92 4.39
N SER A 6 -7.27 31.72 3.85
CA SER A 6 -6.22 30.74 4.10
C SER A 6 -5.99 29.89 2.85
N GLY A 7 -4.78 29.37 2.74
CA GLY A 7 -4.41 28.54 1.60
C GLY A 7 -3.13 27.76 1.88
N MET A 8 -2.20 27.87 0.95
CA MET A 8 -0.92 27.19 1.07
C MET A 8 0.24 28.18 1.02
N ASP A 9 1.13 28.06 1.99
CA ASP A 9 2.29 28.93 2.06
C ASP A 9 3.39 28.25 2.87
N MET A 10 4.62 28.41 2.39
CA MET A 10 5.76 27.82 3.07
C MET A 10 5.58 26.31 3.23
N GLY A 11 6.06 25.58 2.23
CA GLY A 11 5.96 24.13 2.26
C GLY A 11 6.25 23.54 0.87
N ASN A 12 7.30 22.75 0.80
CA ASN A 12 7.69 22.12 -0.45
C ASN A 12 7.22 20.67 -0.45
N GLN A 13 6.31 20.38 -1.38
CA GLN A 13 5.76 19.04 -1.50
C GLN A 13 6.81 18.09 -2.08
N HIS A 14 7.54 17.44 -1.19
CA HIS A 14 8.58 16.51 -1.60
C HIS A 14 8.09 15.70 -2.80
N PRO A 15 9.05 15.41 -3.73
CA PRO A 15 8.73 14.65 -4.92
C PRO A 15 8.54 13.16 -4.58
N SER A 16 9.16 12.75 -3.48
CA SER A 16 9.07 11.37 -3.05
C SER A 16 7.76 11.13 -2.30
N ILE A 17 7.40 12.12 -1.50
CA ILE A 17 6.17 12.04 -0.72
C ILE A 17 4.97 12.09 -1.66
N SER A 18 5.01 13.08 -2.55
CA SER A 18 3.94 13.26 -3.52
C SER A 18 3.64 11.94 -4.23
N ARG A 19 4.66 11.09 -4.27
CA ARG A 19 4.53 9.79 -4.91
C ARG A 19 3.87 8.79 -3.97
N LEU A 20 4.33 8.80 -2.72
CA LEU A 20 3.79 7.91 -1.72
C LEU A 20 2.29 8.16 -1.55
N GLN A 21 1.95 9.44 -1.54
CA GLN A 21 0.55 9.84 -1.38
C GLN A 21 -0.28 9.27 -2.53
N GLU A 22 0.39 8.98 -3.63
CA GLU A 22 -0.28 8.44 -4.80
C GLU A 22 -0.27 6.91 -4.75
N ILE A 23 0.57 6.38 -3.87
CA ILE A 23 0.69 4.95 -3.72
C ILE A 23 -0.22 4.48 -2.58
N GLN A 24 -0.22 5.26 -1.51
CA GLN A 24 -1.04 4.94 -0.35
C GLN A 24 -2.52 4.93 -0.75
N ARG A 25 -2.92 5.94 -1.50
CA ARG A 25 -4.29 6.04 -1.95
C ARG A 25 -4.67 4.84 -2.80
N GLU A 26 -3.67 4.31 -3.50
CA GLU A 26 -3.89 3.16 -4.36
C GLU A 26 -4.23 1.93 -3.53
N VAL A 27 -3.35 1.62 -2.59
CA VAL A 27 -3.54 0.48 -1.72
C VAL A 27 -4.82 0.67 -0.90
N LYS A 28 -5.16 1.93 -0.68
CA LYS A 28 -6.34 2.28 0.08
C LYS A 28 -7.58 2.14 -0.82
N ALA A 29 -7.42 2.58 -2.06
CA ALA A 29 -8.51 2.51 -3.02
C ALA A 29 -8.78 1.04 -3.38
N ILE A 30 -7.84 0.20 -2.97
CA ILE A 30 -7.97 -1.23 -3.24
C ILE A 30 -8.12 -1.98 -1.92
N GLU A 31 -7.98 -1.24 -0.83
CA GLU A 31 -8.10 -1.82 0.49
C GLU A 31 -9.40 -2.62 0.61
N PRO A 32 -10.50 -1.98 0.12
CA PRO A 32 -11.81 -2.62 0.17
C PRO A 32 -11.92 -3.71 -0.91
N GLN A 33 -11.03 -3.63 -1.88
CA GLN A 33 -11.02 -4.60 -2.97
C GLN A 33 -10.44 -5.93 -2.48
N VAL A 34 -9.76 -5.87 -1.35
CA VAL A 34 -9.15 -7.05 -0.78
C VAL A 34 -9.92 -7.44 0.49
N VAL A 35 -10.39 -6.43 1.20
CA VAL A 35 -11.12 -6.65 2.43
C VAL A 35 -12.41 -7.41 2.11
N GLY A 36 -13.14 -6.90 1.14
CA GLY A 36 -14.40 -7.53 0.73
C GLY A 36 -14.20 -8.36 -0.53
N PHE A 37 -13.02 -8.96 -0.63
CA PHE A 37 -12.70 -9.79 -1.78
C PHE A 37 -13.29 -11.19 -1.64
N SER A 38 -13.43 -11.87 -2.78
CA SER A 38 -13.96 -13.21 -2.79
C SER A 38 -13.43 -13.99 -3.98
N GLY A 39 -12.46 -14.86 -3.70
CA GLY A 39 -11.85 -15.66 -4.73
C GLY A 39 -10.63 -16.41 -4.20
N LEU A 40 -10.58 -17.70 -4.52
CA LEU A 40 -9.49 -18.54 -4.08
C LEU A 40 -8.17 -17.98 -4.63
N SER A 41 -7.12 -18.13 -3.83
CA SER A 41 -5.81 -17.65 -4.22
C SER A 41 -5.51 -18.06 -5.68
N ASP A 42 -5.55 -17.07 -6.56
CA ASP A 42 -5.28 -17.32 -7.96
C ASP A 42 -6.52 -17.96 -8.60
N ASP A 43 -7.47 -17.11 -8.95
CA ASP A 43 -8.71 -17.58 -9.57
C ASP A 43 -9.00 -16.74 -10.81
N LYS A 44 -7.94 -16.18 -11.38
CA LYS A 44 -8.07 -15.36 -12.56
C LYS A 44 -8.71 -14.02 -12.18
N ASN A 45 -8.18 -13.44 -11.11
CA ASN A 45 -8.68 -12.16 -10.62
C ASN A 45 -7.88 -11.76 -9.37
N TYR A 46 -7.59 -12.75 -8.55
CA TYR A 46 -6.84 -12.50 -7.33
C TYR A 46 -5.42 -12.02 -7.64
N LYS A 47 -5.05 -12.14 -8.91
CA LYS A 47 -3.74 -11.71 -9.36
C LYS A 47 -3.66 -10.19 -9.34
N ARG A 48 -4.67 -9.58 -9.94
CA ARG A 48 -4.73 -8.12 -10.00
C ARG A 48 -4.66 -7.52 -8.60
N LEU A 49 -5.52 -8.04 -7.73
CA LEU A 49 -5.56 -7.56 -6.35
C LEU A 49 -4.15 -7.55 -5.78
N GLU A 50 -3.48 -8.69 -5.92
CA GLU A 50 -2.12 -8.82 -5.42
C GLU A 50 -1.17 -7.93 -6.21
N ARG A 51 -1.18 -8.12 -7.52
CA ARG A 51 -0.32 -7.34 -8.40
C ARG A 51 -0.29 -5.88 -7.94
N ILE A 52 -1.46 -5.41 -7.53
CA ILE A 52 -1.57 -4.03 -7.07
C ILE A 52 -0.59 -3.79 -5.93
N LEU A 53 -0.86 -4.41 -4.79
CA LEU A 53 -0.01 -4.28 -3.62
C LEU A 53 1.46 -4.33 -4.06
N THR A 54 1.84 -5.48 -4.59
CA THR A 54 3.20 -5.67 -5.06
C THR A 54 3.63 -4.51 -5.96
N LYS A 55 2.80 -4.25 -6.97
CA LYS A 55 3.08 -3.18 -7.91
C LYS A 55 3.31 -1.89 -7.13
N GLN A 56 2.45 -1.65 -6.16
CA GLN A 56 2.54 -0.44 -5.35
C GLN A 56 3.79 -0.51 -4.47
N LEU A 57 3.95 -1.63 -3.80
CA LEU A 57 5.09 -1.83 -2.92
C LEU A 57 6.37 -1.51 -3.68
N PHE A 58 6.55 -2.21 -4.79
CA PHE A 58 7.73 -2.00 -5.62
C PHE A 58 7.98 -0.51 -5.87
N GLU A 59 6.90 0.25 -5.86
CA GLU A 59 6.98 1.68 -6.08
C GLU A 59 7.45 2.39 -4.80
N ILE A 60 7.08 1.80 -3.67
CA ILE A 60 7.45 2.36 -2.38
C ILE A 60 8.97 2.29 -2.22
N ASP A 61 9.50 1.09 -2.43
CA ASP A 61 10.93 0.87 -2.30
C ASP A 61 11.66 1.66 -3.39
N SER A 62 10.93 1.93 -4.47
CA SER A 62 11.49 2.68 -5.58
C SER A 62 11.73 4.13 -5.17
N VAL A 63 10.89 4.61 -4.26
CA VAL A 63 11.01 5.97 -3.77
C VAL A 63 12.34 6.15 -3.05
N ASP A 64 13.25 6.85 -3.70
CA ASP A 64 14.55 7.10 -3.13
C ASP A 64 14.40 7.89 -1.83
N THR A 65 14.86 7.29 -0.74
CA THR A 65 14.77 7.94 0.55
C THR A 65 16.02 8.81 0.80
N GLU A 66 17.14 8.32 0.29
CA GLU A 66 18.39 9.05 0.45
C GLU A 66 18.65 9.36 1.93
N GLY A 67 18.07 8.52 2.78
CA GLY A 67 18.24 8.69 4.21
C GLY A 67 17.39 9.85 4.73
N LYS A 68 16.20 9.98 4.16
CA LYS A 68 15.29 11.04 4.56
C LYS A 68 14.19 10.47 5.45
N GLY A 69 14.33 10.73 6.73
CA GLY A 69 13.36 10.26 7.71
C GLY A 69 11.93 10.50 7.22
N ASP A 70 11.68 11.74 6.82
CA ASP A 70 10.36 12.11 6.33
C ASP A 70 9.86 11.04 5.36
N ILE A 71 10.81 10.35 4.74
CA ILE A 71 10.47 9.30 3.79
C ILE A 71 10.64 7.94 4.46
N GLN A 72 11.86 7.73 4.99
CA GLN A 72 12.16 6.48 5.66
C GLN A 72 11.02 6.07 6.58
N GLN A 73 10.30 7.08 7.05
CA GLN A 73 9.18 6.84 7.95
C GLN A 73 7.95 6.42 7.16
N ALA A 74 7.59 7.24 6.18
CA ALA A 74 6.43 6.95 5.34
C ALA A 74 6.70 5.69 4.52
N ARG A 75 7.79 5.73 3.78
CA ARG A 75 8.16 4.60 2.94
C ARG A 75 7.86 3.29 3.67
N LYS A 76 8.66 3.01 4.69
CA LYS A 76 8.48 1.79 5.46
C LYS A 76 7.00 1.65 5.87
N ARG A 77 6.47 2.75 6.38
CA ARG A 77 5.09 2.77 6.81
C ARG A 77 4.17 2.24 5.69
N ALA A 78 4.32 2.85 4.52
CA ALA A 78 3.53 2.46 3.37
C ALA A 78 3.81 0.99 3.04
N ALA A 79 5.08 0.67 2.98
CA ALA A 79 5.50 -0.69 2.68
C ALA A 79 4.70 -1.67 3.54
N GLN A 80 4.43 -1.24 4.77
CA GLN A 80 3.66 -2.07 5.69
C GLN A 80 2.20 -2.15 5.25
N GLU A 81 1.61 -0.98 5.05
CA GLU A 81 0.23 -0.91 4.63
C GLU A 81 -0.06 -1.92 3.52
N THR A 82 0.63 -1.73 2.40
CA THR A 82 0.46 -2.62 1.26
C THR A 82 0.54 -4.09 1.72
N GLU A 83 1.70 -4.43 2.27
CA GLU A 83 1.92 -5.79 2.73
C GLU A 83 0.85 -6.18 3.77
N ARG A 84 0.21 -5.15 4.31
CA ARG A 84 -0.84 -5.37 5.30
C ARG A 84 -2.08 -5.95 4.64
N LEU A 85 -2.40 -5.42 3.48
CA LEU A 85 -3.57 -5.88 2.73
C LEU A 85 -3.24 -7.22 2.07
N LEU A 86 -2.10 -7.25 1.40
CA LEU A 86 -1.67 -8.47 0.72
C LEU A 86 -2.05 -9.69 1.57
N LYS A 87 -1.82 -9.55 2.86
CA LYS A 87 -2.13 -10.63 3.79
C LYS A 87 -3.63 -10.90 3.78
N GLU A 88 -4.38 -9.86 4.10
CA GLU A 88 -5.84 -9.96 4.14
C GLU A 88 -6.34 -10.63 2.85
N LEU A 89 -5.85 -10.14 1.73
CA LEU A 89 -6.25 -10.68 0.44
C LEU A 89 -6.20 -12.20 0.51
N GLU A 90 -5.04 -12.72 0.84
CA GLU A 90 -4.85 -14.16 0.94
C GLU A 90 -5.99 -14.79 1.74
N GLN A 91 -6.11 -14.36 2.99
CA GLN A 91 -7.15 -14.87 3.87
C GLN A 91 -8.53 -14.65 3.23
N ASN A 92 -8.87 -13.38 3.04
CA ASN A 92 -10.14 -13.03 2.46
C ASN A 92 -10.45 -13.98 1.30
N ALA A 93 -9.39 -14.40 0.63
CA ALA A 93 -9.52 -15.30 -0.50
C ALA A 93 -10.42 -16.48 -0.10
N SER A 94 -9.84 -17.36 0.72
CA SER A 94 -10.57 -18.52 1.19
C SER A 94 -9.67 -19.38 2.08
N GLY A 95 -8.41 -19.47 1.68
CA GLY A 95 -7.44 -20.24 2.43
C GLY A 95 -6.20 -20.55 1.58
N PRO A 96 -5.05 -20.75 2.28
CA PRO A 96 -3.80 -21.04 1.60
C PRO A 96 -3.79 -22.49 1.09
N SER A 97 -4.01 -23.41 2.03
CA SER A 97 -4.02 -24.82 1.69
C SER A 97 -2.63 -25.27 1.24
N SER A 98 -1.92 -25.90 2.17
CA SER A 98 -0.58 -26.37 1.89
C SER A 98 -0.59 -27.90 1.75
N GLY A 99 -0.08 -28.36 0.61
CA GLY A 99 -0.03 -29.79 0.34
C GLY A 99 1.30 -30.39 0.82
N GLY A 1 -20.91 3.98 6.64
CA GLY A 1 -19.86 4.57 7.46
C GLY A 1 -18.66 4.96 6.60
N SER A 2 -17.87 5.88 7.12
CA SER A 2 -16.68 6.35 6.41
C SER A 2 -15.98 7.43 7.23
N SER A 3 -14.73 7.68 6.87
CA SER A 3 -13.93 8.68 7.56
C SER A 3 -12.58 8.83 6.87
N GLY A 4 -11.89 9.91 7.23
CA GLY A 4 -10.58 10.19 6.66
C GLY A 4 -10.00 11.49 7.22
N SER A 5 -8.78 11.78 6.80
CA SER A 5 -8.10 12.98 7.24
C SER A 5 -7.32 13.61 6.08
N SER A 6 -6.39 12.84 5.56
CA SER A 6 -5.57 13.30 4.45
C SER A 6 -4.81 14.56 4.86
N GLY A 7 -3.48 14.44 4.84
CA GLY A 7 -2.62 15.55 5.21
C GLY A 7 -1.61 15.14 6.27
N MET A 8 -0.36 15.50 6.03
CA MET A 8 0.71 15.18 6.96
C MET A 8 1.40 16.44 7.47
N ASP A 9 1.94 17.20 6.53
CA ASP A 9 2.63 18.43 6.87
C ASP A 9 2.56 19.39 5.69
N MET A 10 2.90 20.65 5.95
CA MET A 10 2.88 21.67 4.92
C MET A 10 4.25 22.33 4.77
N GLY A 11 4.56 22.72 3.55
CA GLY A 11 5.83 23.36 3.26
C GLY A 11 6.78 22.41 2.54
N ASN A 12 7.10 22.74 1.31
CA ASN A 12 7.99 21.92 0.50
C ASN A 12 7.45 20.49 0.45
N GLN A 13 6.76 20.20 -0.66
CA GLN A 13 6.18 18.87 -0.84
C GLN A 13 7.16 17.98 -1.61
N HIS A 14 8.03 17.33 -0.87
CA HIS A 14 9.01 16.44 -1.46
C HIS A 14 8.34 15.55 -2.52
N PRO A 15 9.09 15.28 -3.61
CA PRO A 15 8.58 14.45 -4.69
C PRO A 15 8.56 12.98 -4.30
N SER A 16 9.42 12.65 -3.34
CA SER A 16 9.51 11.27 -2.86
C SER A 16 8.42 11.01 -1.82
N ILE A 17 7.72 12.07 -1.46
CA ILE A 17 6.65 11.98 -0.48
C ILE A 17 5.30 12.09 -1.20
N SER A 18 5.28 12.93 -2.22
CA SER A 18 4.07 13.14 -3.00
C SER A 18 3.73 11.89 -3.81
N ARG A 19 4.78 11.18 -4.19
CA ARG A 19 4.62 9.97 -4.97
C ARG A 19 3.81 8.94 -4.19
N LEU A 20 4.29 8.62 -3.00
CA LEU A 20 3.61 7.66 -2.15
C LEU A 20 2.14 8.07 -1.99
N GLN A 21 1.95 9.35 -1.77
CA GLN A 21 0.62 9.89 -1.60
C GLN A 21 -0.29 9.41 -2.73
N GLU A 22 0.32 9.11 -3.86
CA GLU A 22 -0.42 8.64 -5.01
C GLU A 22 -0.51 7.11 -5.01
N ILE A 23 0.46 6.50 -4.35
CA ILE A 23 0.51 5.05 -4.25
C ILE A 23 -0.39 4.58 -3.11
N GLN A 24 -0.51 5.44 -2.10
CA GLN A 24 -1.34 5.12 -0.95
C GLN A 24 -2.81 5.10 -1.35
N ARG A 25 -3.23 6.16 -2.02
CA ARG A 25 -4.61 6.27 -2.47
C ARG A 25 -4.99 5.06 -3.32
N GLU A 26 -3.96 4.46 -3.92
CA GLU A 26 -4.18 3.29 -4.76
C GLU A 26 -4.50 2.07 -3.91
N VAL A 27 -3.55 1.71 -3.07
CA VAL A 27 -3.73 0.56 -2.19
C VAL A 27 -4.98 0.77 -1.33
N LYS A 28 -5.31 2.02 -1.12
CA LYS A 28 -6.47 2.38 -0.31
C LYS A 28 -7.74 2.21 -1.16
N ALA A 29 -7.63 2.65 -2.41
CA ALA A 29 -8.76 2.55 -3.32
C ALA A 29 -9.03 1.09 -3.65
N ILE A 30 -8.12 0.24 -3.21
CA ILE A 30 -8.24 -1.19 -3.44
C ILE A 30 -8.30 -1.92 -2.09
N GLU A 31 -8.37 -1.14 -1.04
CA GLU A 31 -8.44 -1.68 0.31
C GLU A 31 -9.77 -2.39 0.53
N PRO A 32 -10.86 -1.74 0.02
CA PRO A 32 -12.20 -2.30 0.15
C PRO A 32 -12.41 -3.46 -0.81
N GLN A 33 -11.37 -3.72 -1.60
CA GLN A 33 -11.42 -4.81 -2.57
C GLN A 33 -10.95 -6.11 -1.94
N VAL A 34 -9.71 -6.09 -1.47
CA VAL A 34 -9.13 -7.26 -0.83
C VAL A 34 -9.93 -7.62 0.41
N VAL A 35 -10.36 -6.58 1.12
CA VAL A 35 -11.14 -6.78 2.33
C VAL A 35 -12.45 -7.49 1.98
N GLY A 36 -13.11 -6.97 0.96
CA GLY A 36 -14.37 -7.54 0.52
C GLY A 36 -14.17 -8.42 -0.73
N PHE A 37 -13.02 -9.05 -0.79
CA PHE A 37 -12.69 -9.91 -1.92
C PHE A 37 -13.27 -11.31 -1.72
N SER A 38 -13.53 -11.97 -2.84
CA SER A 38 -14.08 -13.31 -2.81
C SER A 38 -13.58 -14.11 -4.00
N GLY A 39 -12.59 -14.97 -3.73
CA GLY A 39 -12.01 -15.80 -4.77
C GLY A 39 -11.07 -16.84 -4.16
N LEU A 40 -9.95 -17.05 -4.85
CA LEU A 40 -8.96 -18.01 -4.40
C LEU A 40 -7.60 -17.32 -4.29
N SER A 41 -6.61 -18.10 -3.90
CA SER A 41 -5.25 -17.58 -3.74
C SER A 41 -4.50 -17.70 -5.07
N ASP A 42 -4.16 -16.54 -5.62
CA ASP A 42 -3.44 -16.50 -6.88
C ASP A 42 -4.26 -17.19 -7.97
N ASP A 43 -5.19 -16.42 -8.53
CA ASP A 43 -6.05 -16.94 -9.58
C ASP A 43 -7.34 -16.11 -9.62
N LYS A 44 -8.13 -16.36 -10.66
CA LYS A 44 -9.39 -15.65 -10.83
C LYS A 44 -9.11 -14.15 -11.02
N ASN A 45 -9.34 -13.40 -9.96
CA ASN A 45 -9.12 -11.96 -10.00
C ASN A 45 -7.98 -11.61 -9.05
N TYR A 46 -7.85 -12.39 -7.99
CA TYR A 46 -6.80 -12.17 -7.01
C TYR A 46 -5.52 -11.69 -7.69
N LYS A 47 -5.16 -12.37 -8.77
CA LYS A 47 -3.96 -12.02 -9.50
C LYS A 47 -3.86 -10.49 -9.62
N ARG A 48 -4.96 -9.89 -10.06
CA ARG A 48 -5.03 -8.45 -10.23
C ARG A 48 -4.81 -7.76 -8.87
N LEU A 49 -5.68 -8.09 -7.93
CA LEU A 49 -5.60 -7.51 -6.60
C LEU A 49 -4.13 -7.47 -6.15
N GLU A 50 -3.52 -8.65 -6.16
CA GLU A 50 -2.14 -8.77 -5.75
C GLU A 50 -1.25 -7.87 -6.62
N ARG A 51 -1.39 -8.03 -7.93
CA ARG A 51 -0.62 -7.24 -8.88
C ARG A 51 -0.61 -5.77 -8.45
N ILE A 52 -1.79 -5.29 -8.12
CA ILE A 52 -1.93 -3.89 -7.70
C ILE A 52 -1.01 -3.63 -6.51
N LEU A 53 -1.30 -4.31 -5.42
CA LEU A 53 -0.51 -4.16 -4.21
C LEU A 53 0.97 -4.35 -4.54
N THR A 54 1.27 -5.51 -5.11
CA THR A 54 2.63 -5.83 -5.49
C THR A 54 3.26 -4.68 -6.28
N LYS A 55 2.47 -4.13 -7.19
CA LYS A 55 2.93 -3.02 -8.01
C LYS A 55 3.16 -1.80 -7.13
N GLN A 56 2.16 -1.49 -6.32
CA GLN A 56 2.24 -0.35 -5.42
C GLN A 56 3.43 -0.52 -4.47
N LEU A 57 3.55 -1.72 -3.91
CA LEU A 57 4.63 -2.01 -2.99
C LEU A 57 5.97 -1.76 -3.68
N PHE A 58 6.17 -2.46 -4.78
CA PHE A 58 7.40 -2.32 -5.55
C PHE A 58 7.75 -0.85 -5.76
N GLU A 59 6.71 -0.02 -5.79
CA GLU A 59 6.89 1.41 -5.98
C GLU A 59 7.39 2.06 -4.69
N ILE A 60 6.95 1.50 -3.58
CA ILE A 60 7.34 2.02 -2.28
C ILE A 60 8.85 1.94 -2.13
N ASP A 61 9.39 0.79 -2.52
CA ASP A 61 10.82 0.57 -2.44
C ASP A 61 11.53 1.44 -3.48
N SER A 62 10.85 1.61 -4.62
CA SER A 62 11.40 2.42 -5.70
C SER A 62 11.67 3.84 -5.21
N VAL A 63 10.61 4.49 -4.78
CA VAL A 63 10.72 5.86 -4.29
C VAL A 63 11.94 5.96 -3.37
N ASP A 64 12.96 6.64 -3.88
CA ASP A 64 14.18 6.82 -3.12
C ASP A 64 13.87 7.56 -1.81
N THR A 65 14.78 7.44 -0.86
CA THR A 65 14.60 8.08 0.43
C THR A 65 15.70 9.13 0.65
N GLU A 66 16.88 8.81 0.13
CA GLU A 66 18.02 9.71 0.27
C GLU A 66 18.47 9.76 1.73
N GLY A 67 18.10 8.74 2.47
CA GLY A 67 18.47 8.66 3.87
C GLY A 67 17.82 9.79 4.68
N LYS A 68 16.50 9.85 4.59
CA LYS A 68 15.76 10.87 5.30
C LYS A 68 14.57 10.23 6.04
N GLY A 69 14.75 10.05 7.33
CA GLY A 69 13.71 9.45 8.16
C GLY A 69 12.33 9.93 7.72
N ASP A 70 12.12 11.24 7.84
CA ASP A 70 10.85 11.82 7.46
C ASP A 70 10.31 11.11 6.22
N ILE A 71 11.23 10.73 5.35
CA ILE A 71 10.86 10.05 4.12
C ILE A 71 10.89 8.53 4.36
N GLN A 72 12.07 8.05 4.73
CA GLN A 72 12.26 6.64 4.98
C GLN A 72 11.06 6.07 5.76
N GLN A 73 10.64 6.84 6.77
CA GLN A 73 9.51 6.42 7.58
C GLN A 73 8.30 6.10 6.71
N ALA A 74 7.90 7.09 5.91
CA ALA A 74 6.77 6.92 5.02
C ALA A 74 6.82 5.52 4.40
N ARG A 75 7.84 5.31 3.60
CA ARG A 75 8.01 4.02 2.94
C ARG A 75 7.59 2.88 3.87
N LYS A 76 8.41 2.68 4.90
CA LYS A 76 8.12 1.63 5.87
C LYS A 76 6.62 1.58 6.15
N ARG A 77 6.10 2.70 6.62
CA ARG A 77 4.69 2.81 6.93
C ARG A 77 3.84 2.38 5.73
N ALA A 78 4.25 2.86 4.56
CA ALA A 78 3.55 2.54 3.32
C ALA A 78 3.60 1.03 3.10
N ALA A 79 4.81 0.50 3.20
CA ALA A 79 5.02 -0.93 3.01
C ALA A 79 4.14 -1.71 4.01
N GLN A 80 4.35 -1.40 5.27
CA GLN A 80 3.60 -2.06 6.33
C GLN A 80 2.09 -1.98 6.05
N GLU A 81 1.73 -0.96 5.29
CA GLU A 81 0.34 -0.76 4.93
C GLU A 81 -0.05 -1.66 3.76
N THR A 82 0.74 -1.57 2.71
CA THR A 82 0.49 -2.37 1.51
C THR A 82 0.67 -3.85 1.82
N GLU A 83 1.73 -4.14 2.57
CA GLU A 83 2.03 -5.51 2.95
C GLU A 83 0.98 -6.04 3.92
N ARG A 84 0.24 -5.11 4.51
CA ARG A 84 -0.80 -5.47 5.46
C ARG A 84 -2.02 -6.05 4.72
N LEU A 85 -2.44 -5.34 3.68
CA LEU A 85 -3.57 -5.78 2.89
C LEU A 85 -3.21 -7.06 2.14
N LEU A 86 -2.08 -7.01 1.45
CA LEU A 86 -1.61 -8.15 0.70
C LEU A 86 -1.86 -9.43 1.50
N LYS A 87 -1.65 -9.31 2.81
CA LYS A 87 -1.85 -10.45 3.70
C LYS A 87 -3.33 -10.85 3.68
N GLU A 88 -4.19 -9.87 3.94
CA GLU A 88 -5.61 -10.12 3.96
C GLU A 88 -6.07 -10.69 2.61
N LEU A 89 -5.32 -10.34 1.57
CA LEU A 89 -5.64 -10.80 0.24
C LEU A 89 -5.69 -12.33 0.22
N GLU A 90 -4.64 -12.93 0.75
CA GLU A 90 -4.55 -14.38 0.81
C GLU A 90 -5.73 -14.95 1.60
N GLN A 91 -5.87 -14.46 2.83
CA GLN A 91 -6.94 -14.91 3.69
C GLN A 91 -8.29 -14.71 3.01
N ASN A 92 -8.64 -13.45 2.80
CA ASN A 92 -9.90 -13.10 2.16
C ASN A 92 -10.16 -14.08 1.01
N ALA A 93 -9.10 -14.34 0.24
CA ALA A 93 -9.20 -15.25 -0.89
C ALA A 93 -10.06 -16.45 -0.49
N SER A 94 -9.44 -17.34 0.27
CA SER A 94 -10.14 -18.54 0.72
C SER A 94 -9.25 -19.34 1.67
N GLY A 95 -8.03 -19.59 1.22
CA GLY A 95 -7.08 -20.34 2.02
C GLY A 95 -6.86 -19.67 3.38
N PRO A 96 -6.26 -20.45 4.31
CA PRO A 96 -5.99 -19.95 5.65
C PRO A 96 -4.80 -18.98 5.65
N SER A 97 -4.47 -18.48 6.83
CA SER A 97 -3.36 -17.56 6.97
C SER A 97 -2.05 -18.33 7.12
N SER A 98 -1.99 -19.16 8.15
CA SER A 98 -0.81 -19.96 8.41
C SER A 98 -1.22 -21.36 8.83
N GLY A 99 -1.98 -21.43 9.91
CA GLY A 99 -2.44 -22.71 10.43
C GLY A 99 -3.55 -22.51 11.46
N GLY A 1 -6.83 -1.23 10.52
CA GLY A 1 -7.95 -1.14 11.43
C GLY A 1 -8.48 0.30 11.51
N SER A 2 -9.39 0.60 10.60
CA SER A 2 -9.98 1.93 10.55
C SER A 2 -8.93 2.95 10.14
N SER A 3 -8.09 3.33 11.10
CA SER A 3 -7.04 4.29 10.86
C SER A 3 -7.61 5.71 10.90
N GLY A 4 -6.71 6.67 10.96
CA GLY A 4 -7.11 8.07 11.02
C GLY A 4 -6.14 8.95 10.21
N SER A 5 -6.22 8.82 8.90
CA SER A 5 -5.36 9.60 8.02
C SER A 5 -5.87 11.04 7.93
N SER A 6 -4.93 11.97 8.07
CA SER A 6 -5.27 13.38 8.01
C SER A 6 -4.00 14.23 8.18
N GLY A 7 -3.74 15.05 7.18
CA GLY A 7 -2.57 15.91 7.20
C GLY A 7 -2.21 16.40 5.80
N MET A 8 -1.42 17.45 5.76
CA MET A 8 -1.00 18.04 4.49
C MET A 8 0.47 18.45 4.53
N ASP A 9 1.09 18.45 3.36
CA ASP A 9 2.49 18.82 3.25
C ASP A 9 2.59 20.31 2.87
N MET A 10 3.27 21.05 3.72
CA MET A 10 3.45 22.48 3.48
C MET A 10 4.81 22.76 2.84
N GLY A 11 4.94 23.97 2.33
CA GLY A 11 6.18 24.38 1.68
C GLY A 11 6.36 23.67 0.34
N ASN A 12 7.54 23.09 0.17
CA ASN A 12 7.86 22.36 -1.04
C ASN A 12 7.28 20.96 -0.97
N GLN A 13 6.65 20.56 -2.06
CA GLN A 13 6.04 19.23 -2.13
C GLN A 13 7.06 18.21 -2.62
N HIS A 14 7.74 17.59 -1.67
CA HIS A 14 8.74 16.59 -2.00
C HIS A 14 8.24 15.73 -3.17
N PRO A 15 9.21 15.33 -4.05
CA PRO A 15 8.89 14.51 -5.20
C PRO A 15 8.63 13.07 -4.79
N SER A 16 9.14 12.72 -3.61
CA SER A 16 8.97 11.37 -3.09
C SER A 16 7.62 11.26 -2.38
N ILE A 17 7.30 12.28 -1.62
CA ILE A 17 6.05 12.31 -0.87
C ILE A 17 4.88 12.35 -1.85
N SER A 18 5.04 13.17 -2.89
CA SER A 18 4.01 13.30 -3.90
C SER A 18 3.79 11.97 -4.61
N ARG A 19 4.79 11.11 -4.50
CA ARG A 19 4.73 9.79 -5.14
C ARG A 19 3.97 8.82 -4.23
N LEU A 20 4.30 8.88 -2.95
CA LEU A 20 3.65 8.01 -1.98
C LEU A 20 2.15 8.29 -1.95
N GLN A 21 1.82 9.57 -1.98
CA GLN A 21 0.43 9.99 -1.96
C GLN A 21 -0.34 9.33 -3.10
N GLU A 22 0.40 8.98 -4.15
CA GLU A 22 -0.20 8.34 -5.31
C GLU A 22 -0.12 6.82 -5.18
N ILE A 23 0.74 6.38 -4.27
CA ILE A 23 0.92 4.96 -4.04
C ILE A 23 -0.01 4.50 -2.92
N GLN A 24 -0.07 5.32 -1.87
CA GLN A 24 -0.92 5.01 -0.73
C GLN A 24 -2.40 4.98 -1.16
N ARG A 25 -2.89 6.15 -1.53
CA ARG A 25 -4.28 6.27 -1.97
C ARG A 25 -4.67 5.07 -2.82
N GLU A 26 -3.69 4.57 -3.58
CA GLU A 26 -3.93 3.42 -4.43
C GLU A 26 -4.19 2.16 -3.59
N VAL A 27 -3.11 1.65 -3.02
CA VAL A 27 -3.20 0.46 -2.18
C VAL A 27 -4.37 0.62 -1.21
N LYS A 28 -4.59 1.86 -0.80
CA LYS A 28 -5.67 2.14 0.13
C LYS A 28 -7.01 2.12 -0.60
N ALA A 29 -6.98 2.62 -1.83
CA ALA A 29 -8.18 2.64 -2.65
C ALA A 29 -8.54 1.22 -3.07
N ILE A 30 -7.66 0.29 -2.74
CA ILE A 30 -7.87 -1.11 -3.06
C ILE A 30 -7.88 -1.93 -1.77
N GLU A 31 -7.63 -1.24 -0.66
CA GLU A 31 -7.60 -1.89 0.63
C GLU A 31 -8.91 -2.66 0.88
N PRO A 32 -10.04 -1.94 0.64
CA PRO A 32 -11.36 -2.53 0.83
C PRO A 32 -11.69 -3.50 -0.30
N GLN A 33 -10.84 -3.48 -1.32
CA GLN A 33 -11.03 -4.36 -2.47
C GLN A 33 -10.53 -5.77 -2.15
N VAL A 34 -9.65 -5.84 -1.17
CA VAL A 34 -9.08 -7.11 -0.76
C VAL A 34 -9.81 -7.61 0.49
N VAL A 35 -10.03 -6.69 1.41
CA VAL A 35 -10.71 -7.01 2.66
C VAL A 35 -12.14 -7.45 2.35
N GLY A 36 -12.72 -6.82 1.34
CA GLY A 36 -14.07 -7.14 0.94
C GLY A 36 -14.09 -8.15 -0.22
N PHE A 37 -12.92 -8.72 -0.47
CA PHE A 37 -12.78 -9.70 -1.53
C PHE A 37 -13.57 -10.98 -1.21
N SER A 38 -13.77 -11.79 -2.24
CA SER A 38 -14.50 -13.03 -2.08
C SER A 38 -14.21 -13.96 -3.27
N GLY A 39 -13.15 -14.74 -3.11
CA GLY A 39 -12.75 -15.68 -4.15
C GLY A 39 -11.77 -16.72 -3.60
N LEU A 40 -10.72 -16.97 -4.37
CA LEU A 40 -9.73 -17.95 -3.97
C LEU A 40 -8.33 -17.37 -4.23
N SER A 41 -7.33 -18.20 -3.98
CA SER A 41 -5.95 -17.79 -4.18
C SER A 41 -5.47 -18.21 -5.57
N ASP A 42 -4.88 -17.26 -6.27
CA ASP A 42 -4.38 -17.51 -7.62
C ASP A 42 -5.56 -17.84 -8.54
N ASP A 43 -6.39 -16.83 -8.76
CA ASP A 43 -7.55 -17.00 -9.61
C ASP A 43 -7.67 -15.79 -10.54
N LYS A 44 -8.79 -15.74 -11.26
CA LYS A 44 -9.03 -14.65 -12.19
C LYS A 44 -9.65 -13.47 -11.42
N ASN A 45 -8.88 -12.93 -10.50
CA ASN A 45 -9.34 -11.81 -9.70
C ASN A 45 -8.30 -11.50 -8.62
N TYR A 46 -7.93 -12.55 -7.89
CA TYR A 46 -6.94 -12.41 -6.82
C TYR A 46 -5.63 -11.85 -7.36
N LYS A 47 -5.33 -12.19 -8.60
CA LYS A 47 -4.11 -11.74 -9.23
C LYS A 47 -4.09 -10.20 -9.26
N ARG A 48 -5.09 -9.65 -9.92
CA ARG A 48 -5.21 -8.20 -10.02
C ARG A 48 -4.88 -7.55 -8.68
N LEU A 49 -5.76 -7.75 -7.73
CA LEU A 49 -5.58 -7.20 -6.40
C LEU A 49 -4.12 -7.33 -5.99
N GLU A 50 -3.66 -8.57 -5.93
CA GLU A 50 -2.29 -8.84 -5.56
C GLU A 50 -1.32 -7.98 -6.39
N ARG A 51 -1.56 -7.99 -7.70
CA ARG A 51 -0.73 -7.21 -8.61
C ARG A 51 -0.57 -5.78 -8.08
N ILE A 52 -1.70 -5.14 -7.82
CA ILE A 52 -1.70 -3.78 -7.33
C ILE A 52 -0.61 -3.64 -6.26
N LEU A 53 -0.84 -4.31 -5.14
CA LEU A 53 0.11 -4.27 -4.03
C LEU A 53 1.52 -4.52 -4.57
N THR A 54 1.72 -5.70 -5.13
CA THR A 54 3.01 -6.06 -5.68
C THR A 54 3.59 -4.90 -6.50
N LYS A 55 2.80 -4.44 -7.45
CA LYS A 55 3.21 -3.33 -8.30
C LYS A 55 3.62 -2.14 -7.43
N GLN A 56 2.61 -1.60 -6.75
CA GLN A 56 2.84 -0.45 -5.88
C GLN A 56 4.07 -0.69 -5.00
N LEU A 57 4.10 -1.87 -4.39
CA LEU A 57 5.21 -2.23 -3.53
C LEU A 57 6.53 -1.92 -4.24
N PHE A 58 6.63 -2.41 -5.47
CA PHE A 58 7.82 -2.20 -6.27
C PHE A 58 8.16 -0.71 -6.37
N GLU A 59 7.13 0.11 -6.23
CA GLU A 59 7.29 1.54 -6.30
C GLU A 59 7.76 2.10 -4.96
N ILE A 60 7.32 1.43 -3.90
CA ILE A 60 7.68 1.85 -2.55
C ILE A 60 9.20 1.72 -2.38
N ASP A 61 9.73 0.61 -2.85
CA ASP A 61 11.15 0.35 -2.76
C ASP A 61 11.90 1.34 -3.65
N SER A 62 11.21 1.79 -4.68
CA SER A 62 11.79 2.74 -5.62
C SER A 62 11.95 4.11 -4.95
N VAL A 63 10.97 4.45 -4.13
CA VAL A 63 10.99 5.73 -3.42
C VAL A 63 12.34 5.90 -2.74
N ASP A 64 12.99 7.02 -3.04
CA ASP A 64 14.28 7.32 -2.46
C ASP A 64 14.09 8.08 -1.15
N THR A 65 14.42 7.40 -0.05
CA THR A 65 14.29 8.01 1.26
C THR A 65 15.48 8.92 1.56
N GLU A 66 16.67 8.39 1.32
CA GLU A 66 17.89 9.14 1.56
C GLU A 66 18.03 9.47 3.05
N GLY A 67 17.53 8.56 3.87
CA GLY A 67 17.59 8.74 5.31
C GLY A 67 17.12 10.14 5.70
N LYS A 68 15.85 10.40 5.42
CA LYS A 68 15.26 11.70 5.74
C LYS A 68 14.21 11.51 6.83
N GLY A 69 13.87 10.26 7.08
CA GLY A 69 12.88 9.93 8.10
C GLY A 69 11.47 10.28 7.61
N ASP A 70 11.26 11.56 7.37
CA ASP A 70 9.97 12.04 6.90
C ASP A 70 9.41 11.04 5.89
N ILE A 71 10.22 10.74 4.88
CA ILE A 71 9.81 9.81 3.85
C ILE A 71 9.91 8.38 4.38
N GLN A 72 11.10 8.06 4.87
CA GLN A 72 11.33 6.73 5.42
C GLN A 72 10.13 6.26 6.25
N GLN A 73 9.75 7.10 7.19
CA GLN A 73 8.62 6.79 8.06
C GLN A 73 7.40 6.42 7.22
N ALA A 74 7.20 7.18 6.16
CA ALA A 74 6.08 6.94 5.26
C ALA A 74 6.34 5.68 4.45
N ARG A 75 7.41 5.73 3.68
CA ARG A 75 7.79 4.59 2.84
C ARG A 75 7.75 3.30 3.66
N LYS A 76 8.46 3.31 4.78
CA LYS A 76 8.50 2.16 5.64
C LYS A 76 7.10 1.83 6.14
N ARG A 77 6.27 2.86 6.20
CA ARG A 77 4.90 2.71 6.65
C ARG A 77 4.03 2.12 5.53
N ALA A 78 4.35 2.52 4.30
CA ALA A 78 3.62 2.04 3.15
C ALA A 78 4.09 0.62 2.80
N ALA A 79 5.38 0.41 2.99
CA ALA A 79 5.98 -0.89 2.70
C ALA A 79 5.30 -1.96 3.57
N GLN A 80 4.61 -1.48 4.59
CA GLN A 80 3.92 -2.39 5.50
C GLN A 80 2.46 -2.57 5.06
N GLU A 81 1.80 -1.43 4.87
CA GLU A 81 0.41 -1.45 4.45
C GLU A 81 0.21 -2.42 3.28
N THR A 82 0.90 -2.13 2.20
CA THR A 82 0.81 -2.97 1.01
C THR A 82 0.88 -4.45 1.39
N GLU A 83 2.01 -4.82 1.99
CA GLU A 83 2.22 -6.20 2.41
C GLU A 83 1.11 -6.62 3.39
N ARG A 84 0.61 -5.65 4.13
CA ARG A 84 -0.44 -5.91 5.10
C ARG A 84 -1.69 -6.44 4.40
N LEU A 85 -2.02 -5.80 3.28
CA LEU A 85 -3.19 -6.20 2.51
C LEU A 85 -2.87 -7.49 1.75
N LEU A 86 -1.74 -7.47 1.05
CA LEU A 86 -1.32 -8.63 0.29
C LEU A 86 -1.62 -9.90 1.08
N LYS A 87 -1.57 -9.77 2.39
CA LYS A 87 -1.84 -10.89 3.28
C LYS A 87 -3.35 -11.08 3.41
N GLU A 88 -4.01 -10.00 3.76
CA GLU A 88 -5.46 -10.02 3.93
C GLU A 88 -6.13 -10.61 2.69
N LEU A 89 -5.62 -10.19 1.53
CA LEU A 89 -6.16 -10.67 0.27
C LEU A 89 -6.27 -12.20 0.31
N GLU A 90 -5.34 -12.81 1.01
CA GLU A 90 -5.32 -14.26 1.13
C GLU A 90 -6.35 -14.70 2.18
N GLN A 91 -6.10 -14.30 3.42
CA GLN A 91 -6.99 -14.65 4.51
C GLN A 91 -8.44 -14.40 4.12
N ASN A 92 -8.62 -13.39 3.29
CA ASN A 92 -9.96 -13.03 2.82
C ASN A 92 -10.36 -13.95 1.67
N ALA A 93 -9.40 -14.21 0.80
CA ALA A 93 -9.63 -15.07 -0.35
C ALA A 93 -10.49 -16.26 0.08
N SER A 94 -9.83 -17.23 0.70
CA SER A 94 -10.52 -18.42 1.17
C SER A 94 -9.55 -19.31 1.96
N GLY A 95 -8.33 -19.37 1.47
CA GLY A 95 -7.31 -20.18 2.13
C GLY A 95 -6.80 -19.48 3.40
N PRO A 96 -6.22 -20.32 4.31
CA PRO A 96 -5.69 -19.80 5.56
C PRO A 96 -4.36 -19.07 5.33
N SER A 97 -4.20 -17.96 6.05
CA SER A 97 -2.99 -17.17 5.94
C SER A 97 -1.83 -17.87 6.64
N SER A 98 -1.93 -17.93 7.97
CA SER A 98 -0.89 -18.58 8.76
C SER A 98 -0.92 -20.08 8.53
N GLY A 99 0.20 -20.72 8.85
CA GLY A 99 0.32 -22.16 8.69
C GLY A 99 0.78 -22.83 9.99
N GLY A 1 -16.89 16.66 25.48
CA GLY A 1 -15.58 16.41 24.92
C GLY A 1 -14.87 17.72 24.54
N SER A 2 -13.58 17.61 24.29
CA SER A 2 -12.79 18.76 23.91
C SER A 2 -12.29 18.62 22.47
N SER A 3 -11.87 19.75 21.91
CA SER A 3 -11.38 19.76 20.55
C SER A 3 -9.84 19.82 20.55
N GLY A 4 -9.27 19.64 19.38
CA GLY A 4 -7.82 19.66 19.23
C GLY A 4 -7.39 20.82 18.33
N SER A 5 -6.31 20.59 17.60
CA SER A 5 -5.77 21.59 16.70
C SER A 5 -4.81 20.95 15.70
N SER A 6 -4.59 21.66 14.61
CA SER A 6 -3.70 21.17 13.56
C SER A 6 -2.93 22.33 12.94
N GLY A 7 -1.80 22.01 12.35
CA GLY A 7 -0.97 23.01 11.72
C GLY A 7 -1.50 23.38 10.33
N MET A 8 -0.68 24.08 9.57
CA MET A 8 -1.06 24.49 8.23
C MET A 8 0.09 25.21 7.52
N ASP A 9 0.80 24.46 6.71
CA ASP A 9 1.92 25.01 5.97
C ASP A 9 2.41 23.98 4.95
N MET A 10 2.97 24.50 3.85
CA MET A 10 3.48 23.64 2.80
C MET A 10 4.36 24.43 1.83
N GLY A 11 5.09 23.69 1.01
CA GLY A 11 5.98 24.30 0.02
C GLY A 11 6.43 23.28 -1.01
N ASN A 12 7.74 23.14 -1.14
CA ASN A 12 8.32 22.22 -2.09
C ASN A 12 7.82 20.80 -1.79
N GLN A 13 6.92 20.33 -2.64
CA GLN A 13 6.35 19.01 -2.48
C GLN A 13 7.35 17.94 -2.96
N HIS A 14 8.06 17.36 -1.99
CA HIS A 14 9.03 16.34 -2.30
C HIS A 14 8.45 15.35 -3.31
N PRO A 15 9.33 14.88 -4.23
CA PRO A 15 8.91 13.93 -5.26
C PRO A 15 8.72 12.54 -4.67
N SER A 16 9.25 12.36 -3.46
CA SER A 16 9.14 11.08 -2.78
C SER A 16 7.85 11.03 -1.95
N ILE A 17 7.47 12.20 -1.46
CA ILE A 17 6.27 12.30 -0.65
C ILE A 17 5.03 12.14 -1.55
N SER A 18 5.00 12.95 -2.60
CA SER A 18 3.90 12.91 -3.53
C SER A 18 3.66 11.47 -4.00
N ARG A 19 4.75 10.77 -4.25
CA ARG A 19 4.68 9.39 -4.69
C ARG A 19 3.97 8.53 -3.65
N LEU A 20 4.59 8.44 -2.48
CA LEU A 20 4.03 7.66 -1.39
C LEU A 20 2.58 8.08 -1.15
N GLN A 21 2.33 9.36 -1.40
CA GLN A 21 0.99 9.90 -1.22
C GLN A 21 0.07 9.43 -2.34
N GLU A 22 0.69 9.09 -3.47
CA GLU A 22 -0.06 8.63 -4.62
C GLU A 22 -0.23 7.11 -4.57
N ILE A 23 0.63 6.48 -3.79
CA ILE A 23 0.59 5.03 -3.64
C ILE A 23 -0.33 4.67 -2.48
N GLN A 24 -0.32 5.51 -1.46
CA GLN A 24 -1.14 5.29 -0.29
C GLN A 24 -2.62 5.37 -0.66
N ARG A 25 -2.94 6.38 -1.45
CA ARG A 25 -4.32 6.58 -1.89
C ARG A 25 -4.79 5.38 -2.71
N GLU A 26 -3.82 4.71 -3.33
CA GLU A 26 -4.12 3.55 -4.15
C GLU A 26 -4.42 2.34 -3.28
N VAL A 27 -3.39 1.87 -2.59
CA VAL A 27 -3.52 0.72 -1.72
C VAL A 27 -4.76 0.91 -0.83
N LYS A 28 -4.98 2.15 -0.43
CA LYS A 28 -6.11 2.47 0.41
C LYS A 28 -7.40 2.37 -0.41
N ALA A 29 -7.32 2.83 -1.64
CA ALA A 29 -8.47 2.79 -2.53
C ALA A 29 -8.71 1.35 -2.99
N ILE A 30 -7.69 0.53 -2.80
CA ILE A 30 -7.77 -0.87 -3.18
C ILE A 30 -7.76 -1.73 -1.93
N GLU A 31 -7.73 -1.07 -0.78
CA GLU A 31 -7.70 -1.78 0.49
C GLU A 31 -8.98 -2.59 0.67
N PRO A 32 -10.14 -1.92 0.38
CA PRO A 32 -11.43 -2.56 0.50
C PRO A 32 -11.67 -3.55 -0.64
N GLN A 33 -10.76 -3.51 -1.60
CA GLN A 33 -10.86 -4.39 -2.76
C GLN A 33 -10.43 -5.80 -2.38
N VAL A 34 -9.48 -5.88 -1.46
CA VAL A 34 -8.97 -7.16 -1.01
C VAL A 34 -9.73 -7.59 0.24
N VAL A 35 -10.11 -6.60 1.04
CA VAL A 35 -10.84 -6.86 2.26
C VAL A 35 -12.22 -7.44 1.92
N GLY A 36 -12.77 -6.95 0.82
CA GLY A 36 -14.07 -7.41 0.36
C GLY A 36 -13.93 -8.35 -0.84
N PHE A 37 -12.78 -8.99 -0.92
CA PHE A 37 -12.51 -9.91 -2.00
C PHE A 37 -13.05 -11.30 -1.68
N SER A 38 -13.79 -11.86 -2.64
CA SER A 38 -14.36 -13.18 -2.46
C SER A 38 -13.96 -14.08 -3.63
N GLY A 39 -12.87 -14.82 -3.42
CA GLY A 39 -12.36 -15.71 -4.44
C GLY A 39 -11.48 -16.80 -3.82
N LEU A 40 -10.50 -17.23 -4.60
CA LEU A 40 -9.58 -18.27 -4.15
C LEU A 40 -8.14 -17.76 -4.30
N SER A 41 -7.36 -17.96 -3.26
CA SER A 41 -5.97 -17.54 -3.27
C SER A 41 -5.32 -17.92 -4.61
N ASP A 42 -5.02 -16.89 -5.38
CA ASP A 42 -4.39 -17.10 -6.69
C ASP A 42 -5.42 -17.72 -7.64
N ASP A 43 -6.06 -16.84 -8.41
CA ASP A 43 -7.07 -17.29 -9.36
C ASP A 43 -7.31 -16.18 -10.38
N LYS A 44 -8.44 -16.29 -11.07
CA LYS A 44 -8.81 -15.30 -12.07
C LYS A 44 -9.53 -14.14 -11.40
N ASN A 45 -8.77 -13.37 -10.63
CA ASN A 45 -9.32 -12.22 -9.93
C ASN A 45 -8.32 -11.75 -8.86
N TYR A 46 -7.83 -12.72 -8.10
CA TYR A 46 -6.87 -12.42 -7.04
C TYR A 46 -5.62 -11.74 -7.61
N LYS A 47 -5.07 -12.38 -8.63
CA LYS A 47 -3.88 -11.84 -9.27
C LYS A 47 -4.01 -10.32 -9.42
N ARG A 48 -5.04 -9.92 -10.13
CA ARG A 48 -5.31 -8.51 -10.35
C ARG A 48 -4.98 -7.71 -9.08
N LEU A 49 -5.58 -8.14 -7.98
CA LEU A 49 -5.35 -7.48 -6.70
C LEU A 49 -3.87 -7.52 -6.35
N GLU A 50 -3.37 -8.74 -6.16
CA GLU A 50 -1.97 -8.92 -5.82
C GLU A 50 -1.09 -8.02 -6.68
N ARG A 51 -1.39 -8.01 -7.97
CA ARG A 51 -0.64 -7.20 -8.91
C ARG A 51 -0.72 -5.72 -8.52
N ILE A 52 -1.94 -5.26 -8.34
CA ILE A 52 -2.17 -3.87 -7.96
C ILE A 52 -1.31 -3.53 -6.73
N LEU A 53 -1.18 -4.51 -5.86
CA LEU A 53 -0.40 -4.34 -4.65
C LEU A 53 1.09 -4.43 -4.99
N THR A 54 1.43 -5.48 -5.71
CA THR A 54 2.81 -5.71 -6.11
C THR A 54 3.33 -4.51 -6.90
N LYS A 55 2.45 -3.94 -7.72
CA LYS A 55 2.81 -2.80 -8.54
C LYS A 55 3.06 -1.59 -7.63
N GLN A 56 2.06 -1.29 -6.81
CA GLN A 56 2.17 -0.17 -5.90
C GLN A 56 3.25 -0.44 -4.85
N LEU A 57 3.54 -1.72 -4.65
CA LEU A 57 4.55 -2.11 -3.69
C LEU A 57 5.94 -1.84 -4.27
N PHE A 58 6.24 -2.53 -5.36
CA PHE A 58 7.53 -2.37 -6.01
C PHE A 58 7.89 -0.89 -6.16
N GLU A 59 6.86 -0.05 -6.12
CA GLU A 59 7.05 1.38 -6.25
C GLU A 59 7.55 1.97 -4.93
N ILE A 60 7.13 1.35 -3.84
CA ILE A 60 7.53 1.79 -2.51
C ILE A 60 9.05 1.69 -2.38
N ASP A 61 9.55 0.50 -2.72
CA ASP A 61 10.98 0.26 -2.64
C ASP A 61 11.71 1.23 -3.58
N SER A 62 11.00 1.66 -4.61
CA SER A 62 11.56 2.58 -5.58
C SER A 62 11.74 3.96 -4.94
N VAL A 63 10.73 4.37 -4.19
CA VAL A 63 10.76 5.66 -3.53
C VAL A 63 12.03 5.76 -2.68
N ASP A 64 12.90 6.68 -3.09
CA ASP A 64 14.16 6.89 -2.38
C ASP A 64 13.89 7.66 -1.09
N THR A 65 14.74 7.42 -0.11
CA THR A 65 14.61 8.08 1.18
C THR A 65 15.78 9.04 1.42
N GLU A 66 16.90 8.74 0.76
CA GLU A 66 18.08 9.56 0.89
C GLU A 66 18.31 9.95 2.36
N GLY A 67 17.92 9.03 3.23
CA GLY A 67 18.07 9.26 4.66
C GLY A 67 17.18 10.40 5.14
N LYS A 68 15.89 10.23 4.89
CA LYS A 68 14.91 11.24 5.29
C LYS A 68 13.79 10.57 6.07
N GLY A 69 13.96 10.51 7.38
CA GLY A 69 12.98 9.90 8.26
C GLY A 69 11.56 10.19 7.76
N ASP A 70 11.27 11.47 7.62
CA ASP A 70 9.96 11.90 7.16
C ASP A 70 9.49 10.95 6.04
N ILE A 71 10.37 10.75 5.08
CA ILE A 71 10.07 9.88 3.95
C ILE A 71 10.22 8.42 4.39
N GLN A 72 11.42 8.10 4.85
CA GLN A 72 11.71 6.75 5.30
C GLN A 72 10.51 6.17 6.06
N GLN A 73 10.09 6.92 7.08
CA GLN A 73 8.97 6.49 7.90
C GLN A 73 7.76 6.16 7.01
N ALA A 74 7.29 7.18 6.30
CA ALA A 74 6.15 7.01 5.42
C ALA A 74 6.37 5.78 4.54
N ARG A 75 7.51 5.77 3.87
CA ARG A 75 7.85 4.67 2.99
C ARG A 75 7.69 3.33 3.73
N LYS A 76 8.57 3.11 4.69
CA LYS A 76 8.54 1.89 5.48
C LYS A 76 7.13 1.69 6.04
N ARG A 77 6.44 2.81 6.23
CA ARG A 77 5.09 2.78 6.76
C ARG A 77 4.11 2.30 5.70
N ALA A 78 4.44 2.59 4.45
CA ALA A 78 3.60 2.20 3.33
C ALA A 78 3.89 0.74 2.97
N ALA A 79 5.16 0.38 3.10
CA ALA A 79 5.59 -0.98 2.78
C ALA A 79 4.88 -1.96 3.71
N GLN A 80 4.53 -1.47 4.90
CA GLN A 80 3.84 -2.29 5.87
C GLN A 80 2.35 -2.39 5.53
N GLU A 81 1.77 -1.25 5.17
CA GLU A 81 0.37 -1.19 4.82
C GLU A 81 0.13 -1.94 3.50
N THR A 82 0.97 -1.63 2.53
CA THR A 82 0.87 -2.26 1.22
C THR A 82 0.99 -3.78 1.35
N GLU A 83 1.85 -4.20 2.26
CA GLU A 83 2.08 -5.62 2.49
C GLU A 83 0.88 -6.23 3.22
N ARG A 84 0.42 -5.52 4.23
CA ARG A 84 -0.71 -5.99 5.02
C ARG A 84 -1.84 -6.45 4.10
N LEU A 85 -2.32 -5.52 3.28
CA LEU A 85 -3.38 -5.82 2.34
C LEU A 85 -3.04 -7.09 1.56
N LEU A 86 -1.80 -7.14 1.09
CA LEU A 86 -1.33 -8.28 0.34
C LEU A 86 -1.62 -9.56 1.12
N LYS A 87 -1.57 -9.43 2.44
CA LYS A 87 -1.82 -10.57 3.32
C LYS A 87 -3.33 -10.76 3.47
N GLU A 88 -3.99 -9.67 3.84
CA GLU A 88 -5.44 -9.71 4.03
C GLU A 88 -6.10 -10.47 2.88
N LEU A 89 -5.58 -10.24 1.69
CA LEU A 89 -6.11 -10.88 0.50
C LEU A 89 -5.98 -12.40 0.65
N GLU A 90 -4.73 -12.85 0.73
CA GLU A 90 -4.46 -14.27 0.87
C GLU A 90 -5.47 -14.91 1.82
N GLN A 91 -5.96 -14.10 2.75
CA GLN A 91 -6.91 -14.57 3.74
C GLN A 91 -8.34 -14.37 3.21
N ASN A 92 -8.65 -13.12 2.90
CA ASN A 92 -9.97 -12.78 2.40
C ASN A 92 -10.33 -13.72 1.24
N ALA A 93 -9.29 -14.22 0.59
CA ALA A 93 -9.48 -15.13 -0.53
C ALA A 93 -10.39 -16.28 -0.10
N SER A 94 -9.80 -17.23 0.62
CA SER A 94 -10.54 -18.38 1.09
C SER A 94 -9.69 -19.19 2.07
N GLY A 95 -8.41 -19.34 1.71
CA GLY A 95 -7.49 -20.09 2.53
C GLY A 95 -8.17 -21.30 3.18
N PRO A 96 -7.72 -21.62 4.42
CA PRO A 96 -8.29 -22.74 5.16
C PRO A 96 -9.68 -22.40 5.70
N SER A 97 -10.32 -23.41 6.27
CA SER A 97 -11.64 -23.23 6.83
C SER A 97 -11.92 -24.33 7.86
N SER A 98 -12.46 -23.90 9.00
CA SER A 98 -12.78 -24.83 10.07
C SER A 98 -14.25 -24.66 10.48
N GLY A 99 -15.03 -25.69 10.18
CA GLY A 99 -16.45 -25.68 10.52
C GLY A 99 -16.83 -26.90 11.34
#